data_7M3E
#
_entry.id   7M3E
#
_cell.length_a   1.00
_cell.length_b   1.00
_cell.length_c   1.00
_cell.angle_alpha   90.00
_cell.angle_beta   90.00
_cell.angle_gamma   90.00
#
_symmetry.space_group_name_H-M   'P 1'
#
loop_
_entity.id
_entity.type
_entity.pdbx_description
1 polymer 'Extracellular calcium-sensing receptor'
2 branched 2-acetamido-2-deoxy-beta-D-glucopyranose-(1-4)-2-acetamido-2-deoxy-beta-D-glucopyranose
3 non-polymer 2-chloro-6-[(2R)-2-hydroxy-3-{[2-methyl-1-(naphthalen-2-yl)propan-2-yl]amino}propoxy]benzonitrile
4 non-polymer 2-acetamido-2-deoxy-beta-D-glucopyranose
5 non-polymer TRYPTOPHAN
6 non-polymer 'CALCIUM ION'
7 non-polymer 'PHOSPHATE ION'
#
_entity_poly.entity_id   1
_entity_poly.type   'polypeptide(L)'
_entity_poly.pdbx_seq_one_letter_code
;MKTIIALSYIFCLVFADYKDDDDKAAAYGPDQRAQKKGDIILGGLFPIHFGVAAKDQDLKSRPESVECIRYNFRGFRWLQ
AMIFAIEEINSSPALLPNLTLGYRIFDTCNTVSKALEATLSFVAQNKIDSLNLDEFCNCSEHIPSTIAVVGATGSGVSTA
VANLLGLFYIPQVSYASSSRLLSNKNQFKSFLRTIPNDEHQATAMADIIEYFRWNWVGTIAADDDYGRPGIEKFREEAEE
RDICIDFSELISQYSDEEEIQHVVEVIQNSTAKVIVVFSSGPDLEPLIKEIVRRNITGKIWLASEAWASSSLIAMPQYFH
VVGGTIGFALKAGQIPGFREFLKKVHPRKSVHNGFAKEFWEETFNCHLQEGAKGPLPVDTFLRGHEESGDRFSNSSTAFR
PLCTGDENISSVETPYIDYTHLRISYNVYLAVYSIAHALQDIYTCLPGRGLFTNGSCADIKKVEAWQVLKHLRHLNFTNN
MGEQVTFDECGDLVGNYSIINWHLSPEDGSIVFKEVGYYNVYAKKGERLFINEEKILWSGFSREVPFSNCSRDCLAGTRK
GIIEGEPTCCFECVECPDGEYSDETDASACNKCPDDFWSNENHTSCIAKEIEFLSWTEPFGIALTLFAVLGIFLTAFVLG
VFIKFRNTPIVKATNRELSYLLLFSLLCCFSSSLFFIGEPQDWTCRLRQPAFGISFVLCISCILVKTNRVLLVFEAKIPT
SFHRKWWGLNLQFLLVFLCTFMQIVICVIWLYTAPPSSYRNQELEDEIIFITCHEGSLMALGFLIGYTCLLAAICFFFAF
KSRKLPENFNEAKFITFSMLIFFIVWISFIPAYASTYGKFVSAVEVIAILAASFGLLACIFFNKIYIILFKPSRNTIEEV
RCSTAAHAFKVAARATLRRSNV
;
_entity_poly.pdbx_strand_id   A,B
#
# COMPACT_ATOMS: atom_id res chain seq x y z
N TYR A 28 35.56 55.12 0.96
CA TYR A 28 34.12 54.88 1.09
C TYR A 28 33.78 53.40 0.90
N GLY A 29 33.47 52.73 1.99
CA GLY A 29 33.13 51.32 1.94
C GLY A 29 33.91 50.48 2.92
N PRO A 30 34.02 49.18 2.64
CA PRO A 30 34.82 48.29 3.50
C PRO A 30 36.30 48.61 3.46
N ASP A 31 37.02 48.09 4.46
CA ASP A 31 38.41 48.49 4.71
C ASP A 31 39.35 47.86 3.69
N GLN A 32 39.41 46.52 3.67
CA GLN A 32 40.31 45.82 2.75
C GLN A 32 39.57 45.47 1.47
N ARG A 33 40.25 45.68 0.34
CA ARG A 33 39.64 45.58 -0.97
C ARG A 33 40.75 45.40 -1.99
N ALA A 34 40.37 45.04 -3.21
CA ALA A 34 41.29 44.97 -4.34
C ALA A 34 40.80 45.95 -5.41
N GLN A 35 41.52 47.05 -5.58
CA GLN A 35 41.02 48.19 -6.34
C GLN A 35 42.07 48.70 -7.31
N LYS A 36 41.64 48.96 -8.55
CA LYS A 36 42.52 49.56 -9.55
C LYS A 36 41.71 50.49 -10.41
N LYS A 37 42.29 51.67 -10.69
CA LYS A 37 41.63 52.73 -11.43
C LYS A 37 41.66 52.46 -12.93
N GLY A 38 40.59 52.88 -13.61
CA GLY A 38 40.52 52.76 -15.05
C GLY A 38 39.40 53.62 -15.59
N ASP A 39 39.18 53.53 -16.91
CA ASP A 39 38.12 54.32 -17.53
C ASP A 39 36.74 53.73 -17.28
N ILE A 40 36.63 52.41 -17.12
CA ILE A 40 35.36 51.75 -16.84
C ILE A 40 35.58 50.81 -15.66
N ILE A 41 34.71 50.91 -14.66
CA ILE A 41 34.87 50.22 -13.37
C ILE A 41 33.87 49.08 -13.30
N LEU A 42 34.34 47.90 -12.94
CA LEU A 42 33.52 46.73 -12.68
C LEU A 42 33.56 46.39 -11.20
N GLY A 43 32.48 45.79 -10.70
CA GLY A 43 32.41 45.35 -9.33
C GLY A 43 32.79 43.88 -9.18
N GLY A 44 32.94 43.46 -7.94
CA GLY A 44 33.31 42.09 -7.66
C GLY A 44 33.00 41.63 -6.25
N LEU A 45 32.36 40.48 -6.12
CA LEU A 45 31.94 39.95 -4.83
C LEU A 45 32.33 38.49 -4.77
N PHE A 46 33.31 38.16 -3.92
CA PHE A 46 33.87 36.83 -3.81
C PHE A 46 33.95 36.41 -2.35
N PRO A 47 33.78 35.10 -2.07
CA PRO A 47 33.90 34.58 -0.68
C PRO A 47 35.32 34.26 -0.25
N ILE A 48 36.04 35.30 0.20
CA ILE A 48 37.40 35.13 0.68
C ILE A 48 37.41 34.41 2.03
N HIS A 49 36.30 34.43 2.76
CA HIS A 49 36.16 33.71 4.02
C HIS A 49 34.92 32.82 3.97
N PHE A 50 34.86 31.86 4.89
CA PHE A 50 33.75 30.91 4.94
C PHE A 50 32.55 31.41 5.73
N GLY A 51 32.77 32.16 6.80
CA GLY A 51 31.65 32.63 7.58
C GLY A 51 32.11 33.64 8.60
N VAL A 52 31.20 33.95 9.53
CA VAL A 52 31.44 34.96 10.56
C VAL A 52 31.22 34.33 11.93
N ALA A 53 31.63 35.06 12.97
CA ALA A 53 31.49 34.63 14.35
C ALA A 53 30.07 34.87 14.86
N ALA A 54 29.81 34.47 16.11
CA ALA A 54 28.49 34.58 16.72
C ALA A 54 28.58 35.47 17.97
N LYS A 55 27.94 36.64 17.91
CA LYS A 55 27.88 37.57 19.03
C LYS A 55 26.50 38.21 19.02
N ASP A 56 25.73 38.02 20.10
CA ASP A 56 24.34 38.48 20.16
C ASP A 56 24.04 39.05 21.55
N GLN A 57 24.18 40.37 21.70
CA GLN A 57 23.86 41.07 22.94
C GLN A 57 23.75 42.57 22.63
N ASP A 58 22.94 43.27 23.42
CA ASP A 58 22.71 44.69 23.24
C ASP A 58 22.83 45.44 24.56
N LEU A 59 23.83 45.11 25.37
CA LEU A 59 24.06 45.79 26.65
C LEU A 59 25.06 46.91 26.41
N LYS A 60 24.56 48.13 26.14
CA LYS A 60 25.35 49.31 25.73
C LYS A 60 26.34 48.99 24.62
N SER A 61 25.90 48.22 23.63
CA SER A 61 26.80 47.79 22.58
C SER A 61 27.22 48.96 21.70
N ARG A 62 26.24 49.72 21.19
CA ARG A 62 26.34 50.49 19.96
C ARG A 62 27.03 49.55 18.98
N PRO A 63 26.33 48.48 18.58
CA PRO A 63 26.99 47.24 18.15
C PRO A 63 27.87 47.38 16.91
N GLU A 64 28.99 46.67 16.93
CA GLU A 64 30.12 46.89 16.05
C GLU A 64 30.18 45.84 14.96
N SER A 65 31.26 45.89 14.17
CA SER A 65 31.38 45.05 12.99
C SER A 65 31.70 43.61 13.37
N VAL A 66 31.18 42.68 12.58
CA VAL A 66 31.38 41.26 12.83
C VAL A 66 32.63 40.78 12.11
N GLU A 67 33.32 39.80 12.69
CA GLU A 67 34.60 39.31 12.19
C GLU A 67 34.41 38.00 11.44
N CYS A 68 35.13 37.86 10.32
CA CYS A 68 35.14 36.62 9.56
C CYS A 68 36.27 35.71 10.03
N ILE A 69 36.06 34.40 9.89
CA ILE A 69 36.89 33.44 10.63
C ILE A 69 37.89 32.69 9.75
N ARG A 70 37.39 31.85 8.83
CA ARG A 70 38.23 30.86 8.18
C ARG A 70 38.61 31.30 6.78
N TYR A 71 39.88 31.14 6.42
CA TYR A 71 40.35 31.60 5.12
C TYR A 71 40.00 30.60 4.03
N ASN A 72 39.69 31.11 2.84
CA ASN A 72 39.23 30.32 1.71
C ASN A 72 40.16 30.61 0.54
N PHE A 73 40.91 29.60 0.11
CA PHE A 73 41.91 29.75 -0.96
C PHE A 73 41.29 29.60 -2.34
N ARG A 74 40.23 28.81 -2.46
CA ARG A 74 39.52 28.65 -3.72
C ARG A 74 38.85 29.95 -4.16
N GLY A 75 38.26 30.68 -3.22
CA GLY A 75 37.71 31.99 -3.52
C GLY A 75 38.78 33.00 -3.92
N PHE A 76 39.96 32.89 -3.32
CA PHE A 76 41.09 33.72 -3.72
C PHE A 76 41.52 33.40 -5.15
N ARG A 77 41.50 32.12 -5.53
CA ARG A 77 41.79 31.75 -6.92
C ARG A 77 40.75 32.31 -7.89
N TRP A 78 39.49 32.36 -7.48
CA TRP A 78 38.44 32.94 -8.32
C TRP A 78 38.62 34.45 -8.50
N LEU A 79 38.97 35.15 -7.42
CA LEU A 79 39.28 36.58 -7.50
C LEU A 79 40.48 36.84 -8.41
N GLN A 80 41.52 36.00 -8.31
CA GLN A 80 42.68 36.13 -9.19
C GLN A 80 42.33 35.81 -10.64
N ALA A 81 41.34 34.95 -10.88
CA ALA A 81 40.85 34.72 -12.25
C ALA A 81 40.24 35.97 -12.84
N MET A 82 39.43 36.68 -12.04
CA MET A 82 38.86 37.95 -12.53
C MET A 82 39.94 38.99 -12.81
N ILE A 83 40.93 39.11 -11.92
CA ILE A 83 42.01 40.08 -12.12
C ILE A 83 42.87 39.73 -13.33
N PHE A 84 43.16 38.44 -13.53
CA PHE A 84 43.95 37.99 -14.68
C PHE A 84 43.21 38.23 -15.99
N ALA A 85 41.89 38.00 -16.00
CA ALA A 85 41.11 38.27 -17.20
C ALA A 85 41.10 39.75 -17.55
N ILE A 86 40.97 40.62 -16.54
CA ILE A 86 40.97 42.07 -16.81
C ILE A 86 42.33 42.54 -17.33
N GLU A 87 43.43 42.03 -16.74
CA GLU A 87 44.76 42.40 -17.21
C GLU A 87 45.04 41.88 -18.62
N GLU A 88 44.56 40.67 -18.93
CA GLU A 88 44.72 40.12 -20.28
C GLU A 88 43.90 40.89 -21.31
N ILE A 89 42.72 41.37 -20.91
CA ILE A 89 41.91 42.20 -21.81
C ILE A 89 42.61 43.52 -22.08
N ASN A 90 43.17 44.14 -21.03
CA ASN A 90 43.87 45.41 -21.20
C ASN A 90 45.18 45.28 -21.98
N SER A 91 45.80 44.10 -21.98
CA SER A 91 47.04 43.94 -22.73
C SER A 91 46.82 43.79 -24.22
N SER A 92 45.62 43.41 -24.67
CA SER A 92 45.34 43.08 -26.06
C SER A 92 44.76 44.28 -26.80
N PRO A 93 45.33 44.68 -27.94
CA PRO A 93 44.76 45.79 -28.71
C PRO A 93 43.56 45.42 -29.56
N ALA A 94 43.23 44.14 -29.68
CA ALA A 94 42.13 43.71 -30.53
C ALA A 94 40.78 43.67 -29.83
N LEU A 95 40.75 43.87 -28.51
CA LEU A 95 39.50 43.92 -27.75
C LEU A 95 39.52 45.20 -26.94
N LEU A 96 38.60 46.11 -27.26
CA LEU A 96 38.47 47.46 -26.70
C LEU A 96 39.79 48.22 -26.80
N PRO A 97 40.16 48.73 -27.97
CA PRO A 97 41.35 49.57 -28.06
C PRO A 97 41.13 50.93 -27.41
N ASN A 98 42.25 51.65 -27.22
CA ASN A 98 42.42 52.98 -26.59
C ASN A 98 41.48 53.23 -25.39
N LEU A 99 41.35 52.21 -24.55
CA LEU A 99 40.49 52.25 -23.37
C LEU A 99 41.04 51.28 -22.34
N THR A 100 40.77 51.55 -21.07
CA THR A 100 41.24 50.72 -19.97
C THR A 100 40.06 50.31 -19.10
N LEU A 101 40.22 49.19 -18.41
CA LEU A 101 39.23 48.67 -17.49
C LEU A 101 39.81 48.64 -16.09
N GLY A 102 39.05 49.14 -15.12
CA GLY A 102 39.40 49.05 -13.73
C GLY A 102 38.50 48.12 -12.96
N TYR A 103 38.71 48.07 -11.65
CA TYR A 103 37.89 47.20 -10.81
C TYR A 103 37.90 47.67 -9.37
N ARG A 104 36.86 47.26 -8.64
CA ARG A 104 36.80 47.34 -7.19
C ARG A 104 36.18 46.05 -6.69
N ILE A 105 36.92 45.29 -5.88
CA ILE A 105 36.51 43.97 -5.44
C ILE A 105 36.50 43.92 -3.92
N PHE A 106 35.38 43.45 -3.36
CA PHE A 106 35.14 43.34 -1.93
C PHE A 106 35.02 41.87 -1.52
N ASP A 107 34.66 41.64 -0.25
CA ASP A 107 34.50 40.31 0.32
C ASP A 107 33.14 40.23 0.98
N THR A 108 32.50 39.06 0.88
CA THR A 108 31.15 38.87 1.39
C THR A 108 31.05 37.94 2.58
N CYS A 109 32.03 37.05 2.80
CA CYS A 109 32.08 36.09 3.91
C CYS A 109 30.85 35.19 3.99
N ASN A 110 30.25 34.89 2.83
CA ASN A 110 29.01 34.12 2.69
C ASN A 110 27.86 34.70 3.51
N THR A 111 27.80 36.02 3.63
CA THR A 111 26.81 36.70 4.46
C THR A 111 26.10 37.74 3.62
N VAL A 112 24.79 37.89 3.87
CA VAL A 112 23.99 38.87 3.14
C VAL A 112 24.35 40.29 3.55
N SER A 113 24.55 40.52 4.85
CA SER A 113 24.82 41.87 5.37
C SER A 113 26.14 42.42 4.86
N LYS A 114 27.20 41.59 4.87
CA LYS A 114 28.51 42.00 4.39
C LYS A 114 28.50 42.29 2.89
N ALA A 115 27.63 41.62 2.14
CA ALA A 115 27.47 41.92 0.72
C ALA A 115 26.66 43.18 0.49
N LEU A 116 25.67 43.45 1.34
CA LEU A 116 24.86 44.65 1.20
C LEU A 116 25.66 45.91 1.52
N GLU A 117 26.60 45.81 2.46
CA GLU A 117 27.49 46.94 2.75
C GLU A 117 28.31 47.35 1.52
N ALA A 118 28.79 46.38 0.75
CA ALA A 118 29.54 46.66 -0.47
C ALA A 118 28.62 47.11 -1.61
N THR A 119 27.44 46.51 -1.71
CA THR A 119 26.50 46.86 -2.78
C THR A 119 25.97 48.28 -2.60
N LEU A 120 25.86 48.75 -1.36
CA LEU A 120 25.56 50.16 -1.11
C LEU A 120 26.67 51.08 -1.61
N SER A 121 27.92 50.64 -1.51
CA SER A 121 29.02 51.41 -2.08
C SER A 121 29.00 51.38 -3.60
N PHE A 122 28.50 50.29 -4.18
CA PHE A 122 28.41 50.20 -5.64
C PHE A 122 27.40 51.20 -6.21
N VAL A 123 26.27 51.39 -5.55
CA VAL A 123 25.17 52.19 -6.12
C VAL A 123 25.13 53.59 -5.51
N ALA A 124 26.24 54.08 -4.95
CA ALA A 124 26.22 55.30 -4.16
C ALA A 124 26.00 56.55 -5.01
N GLN A 125 26.52 56.57 -6.24
CA GLN A 125 26.35 57.75 -7.09
C GLN A 125 24.92 57.86 -7.62
N ASN A 126 24.34 56.73 -8.05
CA ASN A 126 22.99 56.74 -8.59
C ASN A 126 21.95 57.04 -7.51
N LYS A 127 22.23 56.61 -6.28
CA LYS A 127 21.33 56.79 -5.15
C LYS A 127 21.14 58.25 -4.79
N ILE A 128 22.15 59.10 -5.02
CA ILE A 128 22.05 60.52 -4.69
C ILE A 128 21.06 61.20 -5.64
N ASP A 129 21.05 60.80 -6.91
CA ASP A 129 20.15 61.41 -7.89
C ASP A 129 18.69 61.08 -7.61
N SER A 130 18.41 59.85 -7.17
CA SER A 130 17.02 59.45 -6.92
C SER A 130 16.45 60.13 -5.69
N LEU A 131 17.23 60.24 -4.61
CA LEU A 131 16.75 60.86 -3.38
C LEU A 131 16.87 62.37 -3.40
N ASN A 132 17.52 62.95 -4.42
CA ASN A 132 17.85 64.38 -4.51
C ASN A 132 18.65 64.86 -3.30
N LEU A 133 19.51 63.98 -2.79
CA LEU A 133 20.30 64.27 -1.58
C LEU A 133 21.42 65.25 -1.86
N ASP A 134 21.85 65.36 -3.12
CA ASP A 134 22.93 66.25 -3.60
C ASP A 134 24.24 66.04 -2.84
N CYS A 139 28.39 66.10 -0.24
CA CYS A 139 28.62 66.00 -1.67
C CYS A 139 30.12 66.04 -1.97
N SER A 140 30.55 65.16 -2.88
CA SER A 140 31.96 65.06 -3.24
C SER A 140 32.20 65.20 -4.74
N GLU A 141 31.29 64.68 -5.57
CA GLU A 141 31.25 64.72 -7.04
C GLU A 141 32.36 63.88 -7.68
N HIS A 142 33.24 63.25 -6.89
CA HIS A 142 34.32 62.42 -7.41
C HIS A 142 33.99 60.93 -7.33
N ILE A 143 32.72 60.58 -7.12
CA ILE A 143 32.32 59.19 -6.95
C ILE A 143 32.36 58.49 -8.30
N PRO A 144 33.10 57.39 -8.44
CA PRO A 144 33.11 56.65 -9.71
C PRO A 144 31.81 55.90 -9.92
N SER A 145 31.58 55.51 -11.17
CA SER A 145 30.37 54.81 -11.56
C SER A 145 30.71 53.38 -11.97
N THR A 146 30.00 52.42 -11.39
CA THR A 146 30.18 51.01 -11.67
C THR A 146 29.26 50.59 -12.81
N ILE A 147 29.81 49.93 -13.83
CA ILE A 147 29.01 49.52 -14.96
C ILE A 147 28.41 48.12 -14.76
N ALA A 148 29.18 47.17 -14.22
CA ALA A 148 28.67 45.83 -14.07
C ALA A 148 29.30 45.17 -12.86
N VAL A 149 28.60 44.18 -12.33
CA VAL A 149 29.00 43.48 -11.11
C VAL A 149 29.14 42.00 -11.45
N VAL A 150 30.26 41.40 -11.08
CA VAL A 150 30.43 39.96 -11.11
C VAL A 150 29.89 39.41 -9.80
N GLY A 151 28.81 38.64 -9.87
CA GLY A 151 27.90 38.45 -8.77
C GLY A 151 28.44 37.52 -7.68
N ALA A 152 27.53 37.12 -6.82
CA ALA A 152 27.92 36.35 -5.64
C ALA A 152 27.90 34.85 -5.94
N THR A 153 28.32 34.07 -4.94
CA THR A 153 28.32 32.61 -5.03
C THR A 153 26.98 32.02 -4.58
N GLY A 154 26.52 32.41 -3.41
CA GLY A 154 25.29 31.84 -2.88
C GLY A 154 24.05 32.38 -3.57
N SER A 155 22.96 31.65 -3.40
CA SER A 155 21.68 32.00 -4.01
C SER A 155 20.77 32.79 -3.08
N GLY A 156 21.24 33.18 -1.91
CA GLY A 156 20.50 34.11 -1.08
C GLY A 156 21.15 35.48 -1.14
N VAL A 157 22.49 35.43 -1.16
CA VAL A 157 23.31 36.63 -1.32
C VAL A 157 23.06 37.28 -2.67
N SER A 158 22.94 36.47 -3.72
CA SER A 158 22.66 36.98 -5.06
C SER A 158 21.27 37.60 -5.16
N THR A 159 20.28 37.00 -4.49
CA THR A 159 18.92 37.58 -4.49
C THR A 159 18.91 38.93 -3.79
N ALA A 160 19.59 39.03 -2.64
CA ALA A 160 19.62 40.29 -1.90
C ALA A 160 20.39 41.37 -2.66
N VAL A 161 21.46 40.99 -3.37
CA VAL A 161 22.18 41.96 -4.19
C VAL A 161 21.35 42.37 -5.41
N ALA A 162 20.65 41.41 -6.03
CA ALA A 162 19.88 41.67 -7.25
C ALA A 162 18.68 42.55 -6.98
N ASN A 163 18.08 42.43 -5.79
CA ASN A 163 17.00 43.34 -5.39
C ASN A 163 17.45 44.79 -5.39
N LEU A 164 18.62 45.07 -4.81
CA LEU A 164 19.12 46.44 -4.75
C LEU A 164 19.70 46.90 -6.08
N LEU A 165 20.22 45.97 -6.88
CA LEU A 165 20.83 46.35 -8.16
C LEU A 165 19.82 46.54 -9.28
N GLY A 166 18.64 45.93 -9.18
CA GLY A 166 17.64 46.11 -10.22
C GLY A 166 16.93 47.45 -10.21
N LEU A 167 17.09 48.24 -9.14
CA LEU A 167 16.54 49.59 -9.10
C LEU A 167 17.21 50.48 -10.12
N PHE A 168 18.54 50.43 -10.20
CA PHE A 168 19.32 51.34 -11.01
C PHE A 168 19.74 50.73 -12.35
N TYR A 169 19.24 49.52 -12.66
CA TYR A 169 19.45 48.81 -13.92
C TYR A 169 20.93 48.56 -14.18
N ILE A 170 21.66 48.24 -13.12
CA ILE A 170 23.05 47.83 -13.21
C ILE A 170 23.07 46.30 -13.38
N PRO A 171 23.66 45.79 -14.46
CA PRO A 171 23.68 44.34 -14.66
C PRO A 171 24.54 43.60 -13.64
N GLN A 172 24.17 42.35 -13.39
CA GLN A 172 24.86 41.50 -12.42
C GLN A 172 25.00 40.11 -13.01
N VAL A 173 26.24 39.69 -13.29
CA VAL A 173 26.53 38.40 -13.89
C VAL A 173 27.11 37.49 -12.81
N SER A 174 26.45 36.38 -12.55
CA SER A 174 26.84 35.46 -11.50
C SER A 174 27.54 34.24 -12.08
N TYR A 175 28.54 33.73 -11.36
CA TYR A 175 29.34 32.61 -11.82
C TYR A 175 28.99 31.29 -11.14
N ALA A 176 28.28 31.31 -10.01
CA ALA A 176 28.01 30.08 -9.29
C ALA A 176 26.60 29.95 -8.73
N SER A 177 25.74 30.96 -8.85
CA SER A 177 24.38 30.85 -8.34
C SER A 177 23.52 30.08 -9.32
N SER A 178 22.80 29.07 -8.83
CA SER A 178 22.09 28.16 -9.71
C SER A 178 20.66 27.88 -9.26
N SER A 179 20.08 28.74 -8.42
CA SER A 179 18.69 28.59 -8.04
C SER A 179 17.76 28.94 -9.20
N ARG A 180 16.58 28.33 -9.20
CA ARG A 180 15.59 28.65 -10.22
C ARG A 180 14.84 29.94 -9.93
N LEU A 181 14.87 30.41 -8.68
CA LEU A 181 14.16 31.61 -8.28
C LEU A 181 14.70 32.86 -8.93
N LEU A 182 15.94 32.81 -9.42
CA LEU A 182 16.60 33.89 -10.13
C LEU A 182 16.20 33.94 -11.60
N SER A 183 15.41 32.99 -12.09
CA SER A 183 14.96 32.99 -13.48
C SER A 183 13.67 33.77 -13.68
N ASN A 184 13.17 34.43 -12.64
CA ASN A 184 11.98 35.29 -12.75
C ASN A 184 12.46 36.68 -13.16
N LYS A 185 12.05 37.12 -14.35
CA LYS A 185 12.47 38.42 -14.86
C LYS A 185 11.47 39.53 -14.55
N ASN A 186 10.38 39.22 -13.87
CA ASN A 186 9.52 40.27 -13.33
C ASN A 186 10.10 40.89 -12.07
N GLN A 187 10.93 40.14 -11.35
CA GLN A 187 11.50 40.59 -10.09
C GLN A 187 12.97 40.96 -10.21
N PHE A 188 13.75 40.16 -10.92
CA PHE A 188 15.19 40.40 -11.10
C PHE A 188 15.41 40.86 -12.54
N LYS A 189 15.30 42.17 -12.74
CA LYS A 189 15.29 42.72 -14.09
C LYS A 189 16.66 42.73 -14.75
N SER A 190 17.73 42.71 -13.96
CA SER A 190 19.09 42.87 -14.48
C SER A 190 20.01 41.80 -13.91
N PHE A 191 19.65 40.53 -14.09
CA PHE A 191 20.45 39.44 -13.56
C PHE A 191 20.74 38.44 -14.67
N LEU A 192 22.02 38.02 -14.78
CA LEU A 192 22.49 37.08 -15.77
C LEU A 192 23.37 36.03 -15.11
N ARG A 193 23.44 34.84 -15.71
CA ARG A 193 24.26 33.75 -15.17
C ARG A 193 25.09 33.11 -16.26
N THR A 194 26.20 32.50 -15.83
CA THR A 194 27.03 31.66 -16.67
C THR A 194 27.13 30.24 -16.10
N ILE A 195 26.16 29.85 -15.28
CA ILE A 195 26.05 28.49 -14.75
C ILE A 195 24.59 28.06 -14.87
N PRO A 196 24.32 26.83 -15.31
CA PRO A 196 22.92 26.38 -15.43
C PRO A 196 22.24 26.17 -14.08
N ASN A 197 20.91 26.27 -14.11
CA ASN A 197 20.08 26.09 -12.93
C ASN A 197 19.90 24.61 -12.59
N ASP A 198 19.07 24.32 -11.59
CA ASP A 198 19.06 23.02 -10.95
C ASP A 198 17.84 22.18 -11.30
N GLU A 199 17.17 22.45 -12.42
CA GLU A 199 16.15 21.53 -12.90
C GLU A 199 16.78 20.26 -13.44
N HIS A 200 17.80 20.41 -14.28
CA HIS A 200 18.46 19.28 -14.92
C HIS A 200 19.23 18.43 -13.92
N GLN A 201 19.76 19.04 -12.85
CA GLN A 201 20.48 18.27 -11.84
C GLN A 201 19.55 17.36 -11.06
N ALA A 202 18.36 17.86 -10.69
CA ALA A 202 17.39 17.03 -9.98
C ALA A 202 16.81 15.93 -10.87
N THR A 203 16.56 16.25 -12.15
CA THR A 203 16.14 15.23 -13.10
C THR A 203 17.23 14.17 -13.30
N ALA A 204 18.50 14.59 -13.28
CA ALA A 204 19.61 13.65 -13.41
C ALA A 204 19.74 12.74 -12.19
N MET A 205 19.48 13.28 -10.98
CA MET A 205 19.46 12.42 -9.80
C MET A 205 18.34 11.39 -9.86
N ALA A 206 17.16 11.79 -10.35
CA ALA A 206 16.06 10.84 -10.50
C ALA A 206 16.40 9.76 -11.52
N ASP A 207 17.11 10.12 -12.59
CA ASP A 207 17.54 9.14 -13.58
C ASP A 207 18.60 8.19 -13.02
N ILE A 208 19.51 8.71 -12.20
CA ILE A 208 20.53 7.86 -11.54
C ILE A 208 19.87 6.85 -10.62
N ILE A 209 18.87 7.29 -9.84
CA ILE A 209 18.17 6.37 -8.94
C ILE A 209 17.37 5.32 -9.72
N GLU A 210 16.69 5.73 -10.80
CA GLU A 210 15.93 4.79 -11.61
C GLU A 210 16.83 3.81 -12.36
N TYR A 211 18.07 4.22 -12.66
CA TYR A 211 18.99 3.38 -13.42
C TYR A 211 19.44 2.16 -12.62
N PHE A 212 19.69 2.33 -11.32
CA PHE A 212 20.17 1.25 -10.47
C PHE A 212 19.07 0.53 -9.71
N ARG A 213 17.80 0.85 -9.98
CA ARG A 213 16.61 0.12 -9.54
C ARG A 213 16.49 0.08 -8.01
N TRP A 214 16.26 1.28 -7.46
CA TRP A 214 15.96 1.47 -6.05
C TRP A 214 14.59 2.12 -5.92
N ASN A 215 13.93 1.91 -4.77
CA ASN A 215 12.66 2.61 -4.54
C ASN A 215 12.46 3.05 -3.09
N TRP A 216 13.53 3.13 -2.30
CA TRP A 216 13.43 3.52 -0.89
C TRP A 216 14.65 4.39 -0.57
N VAL A 217 14.45 5.71 -0.52
CA VAL A 217 15.52 6.69 -0.39
C VAL A 217 15.20 7.66 0.74
N GLY A 218 16.10 8.60 0.98
CA GLY A 218 15.84 9.71 1.87
C GLY A 218 16.49 10.97 1.35
N THR A 219 16.06 12.11 1.87
CA THR A 219 16.50 13.41 1.36
C THR A 219 16.95 14.33 2.48
N ILE A 220 17.98 15.12 2.21
CA ILE A 220 18.48 16.18 3.09
C ILE A 220 18.76 17.40 2.23
N ALA A 221 18.26 18.56 2.66
CA ALA A 221 18.45 19.80 1.90
C ALA A 221 18.90 20.92 2.82
N ALA A 222 19.68 21.84 2.27
CA ALA A 222 20.03 23.05 2.99
C ALA A 222 18.83 23.98 3.11
N ASP A 223 18.76 24.70 4.22
CA ASP A 223 17.61 25.56 4.52
C ASP A 223 17.87 26.97 3.99
N ASP A 224 17.94 27.07 2.67
CA ASP A 224 18.13 28.36 2.00
C ASP A 224 17.50 28.28 0.62
N ASP A 225 17.78 29.29 -0.21
CA ASP A 225 17.22 29.39 -1.56
C ASP A 225 17.89 28.45 -2.55
N TYR A 226 18.94 27.74 -2.14
CA TYR A 226 19.58 26.73 -2.98
C TYR A 226 18.96 25.36 -2.77
N GLY A 227 18.95 24.88 -1.52
CA GLY A 227 18.53 23.51 -1.25
C GLY A 227 17.05 23.26 -1.46
N ARG A 228 16.20 24.22 -1.05
CA ARG A 228 14.76 23.96 -0.97
C ARG A 228 14.07 23.77 -2.33
N PRO A 229 14.23 24.67 -3.34
CA PRO A 229 13.59 24.36 -4.64
C PRO A 229 14.18 23.15 -5.35
N GLY A 230 15.47 22.88 -5.16
CA GLY A 230 16.05 21.68 -5.75
C GLY A 230 15.49 20.41 -5.15
N ILE A 231 15.26 20.39 -3.85
CA ILE A 231 14.72 19.18 -3.24
C ILE A 231 13.23 19.05 -3.54
N GLU A 232 12.52 20.17 -3.77
CA GLU A 232 11.13 20.07 -4.18
C GLU A 232 11.01 19.59 -5.63
N LYS A 233 11.92 20.03 -6.50
CA LYS A 233 11.95 19.53 -7.87
C LYS A 233 12.29 18.04 -7.92
N PHE A 234 13.22 17.59 -7.07
CA PHE A 234 13.53 16.16 -7.01
C PHE A 234 12.35 15.36 -6.52
N ARG A 235 11.61 15.87 -5.52
CA ARG A 235 10.41 15.17 -5.05
C ARG A 235 9.36 15.07 -6.15
N GLU A 236 9.16 16.16 -6.90
CA GLU A 236 8.21 16.17 -8.00
C GLU A 236 8.60 15.17 -9.10
N GLU A 237 9.89 15.08 -9.40
CA GLU A 237 10.34 14.11 -10.40
C GLU A 237 10.29 12.68 -9.90
N ALA A 238 10.53 12.47 -8.60
CA ALA A 238 10.56 11.11 -8.04
C ALA A 238 9.18 10.52 -7.81
N GLU A 239 8.15 11.35 -7.66
CA GLU A 239 6.80 10.78 -7.59
C GLU A 239 6.35 10.21 -8.93
N GLU A 240 6.84 10.74 -10.05
CA GLU A 240 6.47 10.20 -11.36
C GLU A 240 7.08 8.83 -11.61
N ARG A 241 8.29 8.58 -11.12
CA ARG A 241 9.03 7.37 -11.41
C ARG A 241 8.81 6.28 -10.38
N ASP A 242 7.82 6.44 -9.50
CA ASP A 242 7.45 5.49 -8.44
C ASP A 242 8.62 5.22 -7.50
N ILE A 243 9.11 6.28 -6.89
CA ILE A 243 10.17 6.22 -5.89
C ILE A 243 9.61 6.74 -4.58
N CYS A 244 9.71 5.94 -3.53
CA CYS A 244 9.19 6.29 -2.21
C CYS A 244 10.30 6.91 -1.38
N ILE A 245 9.99 8.02 -0.71
CA ILE A 245 10.94 8.73 0.14
C ILE A 245 10.62 8.41 1.60
N ASP A 246 11.63 8.00 2.36
CA ASP A 246 11.41 7.62 3.75
C ASP A 246 11.42 8.83 4.67
N PHE A 247 12.38 9.74 4.53
CA PHE A 247 12.48 10.89 5.41
C PHE A 247 12.95 12.10 4.61
N SER A 248 12.67 13.28 5.16
CA SER A 248 13.09 14.55 4.57
C SER A 248 13.41 15.52 5.70
N GLU A 249 14.64 16.02 5.73
CA GLU A 249 15.11 16.84 6.83
C GLU A 249 15.87 18.04 6.28
N LEU A 250 15.98 19.10 7.10
CA LEU A 250 16.59 20.35 6.70
C LEU A 250 17.69 20.71 7.68
N ILE A 251 18.88 21.03 7.15
CA ILE A 251 20.03 21.38 7.97
C ILE A 251 20.42 22.82 7.71
N SER A 252 21.41 23.31 8.45
CA SER A 252 21.89 24.69 8.34
C SER A 252 23.28 24.77 8.94
N GLN A 253 23.99 25.85 8.62
CA GLN A 253 25.32 26.03 9.17
C GLN A 253 25.28 26.38 10.64
N TYR A 254 24.30 27.16 11.07
CA TYR A 254 24.19 27.62 12.44
C TYR A 254 23.15 26.84 13.23
N SER A 255 22.97 25.56 12.89
CA SER A 255 22.13 24.68 13.69
C SER A 255 22.80 24.40 15.03
N ASP A 256 21.99 24.30 16.07
CA ASP A 256 22.51 23.98 17.40
C ASP A 256 22.69 22.47 17.53
N GLU A 257 22.91 21.99 18.75
CA GLU A 257 23.22 20.59 18.96
C GLU A 257 21.99 19.70 18.77
N GLU A 258 20.85 20.13 19.33
CA GLU A 258 19.67 19.27 19.43
C GLU A 258 19.08 18.92 18.06
N GLU A 259 19.12 19.88 17.12
CA GLU A 259 18.67 19.60 15.76
C GLU A 259 19.55 18.58 15.08
N ILE A 260 20.87 18.64 15.31
CA ILE A 260 21.79 17.67 14.73
C ILE A 260 21.55 16.28 15.30
N GLN A 261 21.32 16.17 16.62
CA GLN A 261 20.99 14.87 17.20
C GLN A 261 19.67 14.34 16.67
N HIS A 262 18.68 15.23 16.46
CA HIS A 262 17.41 14.78 15.91
C HIS A 262 17.54 14.27 14.48
N VAL A 263 18.35 14.95 13.66
CA VAL A 263 18.54 14.51 12.27
C VAL A 263 19.30 13.19 12.21
N VAL A 264 20.31 13.01 13.07
CA VAL A 264 21.04 11.74 13.12
C VAL A 264 20.12 10.60 13.59
N GLU A 265 19.25 10.87 14.57
CA GLU A 265 18.30 9.86 15.03
C GLU A 265 17.26 9.51 13.97
N VAL A 266 16.87 10.49 13.14
CA VAL A 266 16.02 10.21 11.99
C VAL A 266 16.74 9.31 11.00
N ILE A 267 18.03 9.56 10.78
CA ILE A 267 18.82 8.80 9.81
C ILE A 267 18.99 7.35 10.25
N GLN A 268 19.38 7.12 11.52
CA GLN A 268 19.56 5.74 11.98
C GLN A 268 18.32 5.18 12.68
N ASN A 269 17.16 5.35 12.04
CA ASN A 269 16.02 4.45 12.21
C ASN A 269 15.48 3.97 10.88
N SER A 270 16.18 4.27 9.79
CA SER A 270 15.68 4.02 8.45
C SER A 270 16.43 2.85 7.83
N THR A 271 15.73 2.13 6.95
CA THR A 271 16.33 1.04 6.20
C THR A 271 16.78 1.48 4.81
N ALA A 272 16.67 2.76 4.49
CA ALA A 272 17.12 3.27 3.21
C ALA A 272 18.59 3.60 3.28
N LYS A 273 19.39 2.95 2.44
CA LYS A 273 20.82 3.24 2.40
C LYS A 273 21.15 4.44 1.54
N VAL A 274 20.22 4.87 0.68
CA VAL A 274 20.49 5.94 -0.27
C VAL A 274 19.96 7.25 0.30
N ILE A 275 20.87 8.20 0.51
CA ILE A 275 20.56 9.52 1.03
C ILE A 275 21.00 10.53 -0.02
N VAL A 276 20.08 11.42 -0.38
CA VAL A 276 20.31 12.44 -1.41
C VAL A 276 20.45 13.77 -0.71
N VAL A 277 21.64 14.38 -0.81
CA VAL A 277 21.92 15.64 -0.13
C VAL A 277 22.00 16.75 -1.15
N PHE A 278 21.34 17.87 -0.87
CA PHE A 278 21.26 19.00 -1.79
C PHE A 278 21.62 20.21 -0.92
N SER A 279 22.91 20.49 -0.81
CA SER A 279 23.44 21.46 0.14
C SER A 279 24.88 21.79 -0.27
N SER A 280 25.52 22.62 0.54
CA SER A 280 26.91 23.02 0.34
C SER A 280 27.78 22.49 1.48
N GLY A 281 29.06 22.83 1.43
CA GLY A 281 30.03 22.33 2.38
C GLY A 281 29.90 22.81 3.81
N PRO A 282 29.96 24.13 4.03
CA PRO A 282 29.76 24.66 5.39
C PRO A 282 28.41 24.35 6.02
N ASP A 283 27.35 24.15 5.24
CA ASP A 283 26.07 23.78 5.83
C ASP A 283 25.97 22.30 6.15
N LEU A 284 26.84 21.47 5.58
CA LEU A 284 26.78 20.03 5.80
C LEU A 284 27.84 19.54 6.79
N GLU A 285 28.88 20.34 7.04
CA GLU A 285 29.98 19.92 7.90
C GLU A 285 29.62 19.53 9.35
N PRO A 286 28.76 20.24 10.12
CA PRO A 286 28.44 19.75 11.48
C PRO A 286 27.75 18.39 11.53
N LEU A 287 26.81 18.15 10.62
CA LEU A 287 26.14 16.86 10.53
C LEU A 287 27.12 15.75 10.17
N ILE A 288 28.07 16.04 9.27
CA ILE A 288 29.06 15.06 8.87
C ILE A 288 29.99 14.72 10.03
N LYS A 289 30.39 15.73 10.81
CA LYS A 289 31.22 15.47 11.99
C LYS A 289 30.49 14.63 13.03
N GLU A 290 29.18 14.88 13.21
CA GLU A 290 28.41 14.10 14.18
C GLU A 290 28.20 12.67 13.71
N ILE A 291 28.03 12.46 12.40
CA ILE A 291 27.90 11.09 11.88
C ILE A 291 29.23 10.35 11.97
N VAL A 292 30.36 11.07 11.82
CA VAL A 292 31.67 10.44 11.96
C VAL A 292 31.92 10.04 13.42
N ARG A 293 31.52 10.87 14.39
CA ARG A 293 31.81 10.52 15.78
C ARG A 293 30.94 9.36 16.28
N ARG A 294 29.80 9.08 15.66
CA ARG A 294 29.01 7.91 16.02
C ARG A 294 29.29 6.70 15.14
N ASN A 295 30.15 6.86 14.12
CA ASN A 295 30.65 5.79 13.24
C ASN A 295 29.49 5.08 12.54
N ILE A 296 28.71 5.85 11.80
CA ILE A 296 27.59 5.32 11.03
C ILE A 296 28.09 5.02 9.62
N THR A 297 28.08 3.74 9.25
CA THR A 297 28.60 3.27 7.98
C THR A 297 27.50 2.57 7.18
N GLY A 298 27.77 2.41 5.89
CA GLY A 298 26.92 1.63 5.01
C GLY A 298 25.98 2.41 4.13
N LYS A 299 25.99 3.74 4.22
CA LYS A 299 25.07 4.57 3.46
C LYS A 299 25.64 4.93 2.09
N ILE A 300 24.75 5.28 1.17
CA ILE A 300 25.10 5.67 -0.18
C ILE A 300 24.70 7.12 -0.35
N TRP A 301 25.68 8.00 -0.54
CA TRP A 301 25.45 9.43 -0.62
C TRP A 301 25.35 9.88 -2.08
N LEU A 302 24.35 10.70 -2.38
CA LEU A 302 24.22 11.33 -3.69
C LEU A 302 24.37 12.84 -3.53
N ALA A 303 25.43 13.37 -4.15
CA ALA A 303 25.89 14.73 -3.93
C ALA A 303 25.51 15.62 -5.10
N SER A 304 25.16 16.87 -4.79
CA SER A 304 24.95 17.88 -5.83
C SER A 304 26.29 18.48 -6.22
N GLU A 305 26.26 19.54 -7.04
CA GLU A 305 27.49 20.14 -7.52
C GLU A 305 28.26 20.87 -6.43
N ALA A 306 27.58 21.31 -5.37
CA ALA A 306 28.20 22.21 -4.41
C ALA A 306 29.20 21.49 -3.49
N TRP A 307 28.90 20.30 -3.02
CA TRP A 307 29.80 19.62 -2.09
C TRP A 307 30.44 18.35 -2.67
N ALA A 308 30.25 18.07 -3.96
CA ALA A 308 30.90 16.91 -4.54
C ALA A 308 32.39 17.09 -4.77
N SER A 309 32.89 18.33 -4.74
CA SER A 309 34.32 18.57 -4.81
C SER A 309 34.81 19.42 -3.64
N SER A 310 34.00 19.52 -2.59
CA SER A 310 34.35 20.35 -1.45
C SER A 310 35.42 19.66 -0.62
N SER A 311 36.45 20.42 -0.23
CA SER A 311 37.52 19.89 0.59
C SER A 311 37.17 19.87 2.07
N LEU A 312 36.10 20.56 2.48
CA LEU A 312 35.66 20.50 3.87
C LEU A 312 35.07 19.14 4.21
N ILE A 313 34.32 18.56 3.29
CA ILE A 313 33.74 17.24 3.51
C ILE A 313 34.68 16.12 3.10
N ALA A 314 35.47 16.32 2.04
CA ALA A 314 36.36 15.28 1.53
C ALA A 314 37.66 15.17 2.31
N MET A 315 37.58 15.05 3.63
CA MET A 315 38.80 14.75 4.38
C MET A 315 38.93 13.23 4.53
N PRO A 316 40.16 12.71 4.50
CA PRO A 316 40.35 11.25 4.60
C PRO A 316 39.89 10.64 5.91
N GLN A 317 39.90 11.43 7.01
CA GLN A 317 39.42 10.95 8.31
C GLN A 317 37.94 10.58 8.29
N TYR A 318 37.19 11.12 7.33
CA TYR A 318 35.78 10.85 7.19
C TYR A 318 35.51 9.74 6.18
N PHE A 319 36.55 9.08 5.66
CA PHE A 319 36.39 8.19 4.51
C PHE A 319 35.59 6.94 4.83
N HIS A 320 35.59 6.49 6.10
CA HIS A 320 34.76 5.35 6.45
C HIS A 320 33.28 5.70 6.52
N VAL A 321 32.93 6.99 6.40
CA VAL A 321 31.54 7.45 6.40
C VAL A 321 31.11 7.92 5.02
N VAL A 322 31.91 8.76 4.37
CA VAL A 322 31.52 9.41 3.12
C VAL A 322 32.34 8.91 1.93
N GLY A 323 33.10 7.83 2.09
CA GLY A 323 33.84 7.28 0.96
C GLY A 323 32.93 6.52 0.01
N GLY A 324 33.16 6.71 -1.29
CA GLY A 324 32.33 6.09 -2.30
C GLY A 324 31.19 6.94 -2.80
N THR A 325 31.19 8.24 -2.54
CA THR A 325 30.10 9.13 -2.92
C THR A 325 30.05 9.30 -4.45
N ILE A 326 28.83 9.39 -4.97
CA ILE A 326 28.58 9.68 -6.39
C ILE A 326 28.08 11.11 -6.50
N GLY A 327 28.73 11.92 -7.33
CA GLY A 327 28.39 13.32 -7.39
C GLY A 327 28.49 13.89 -8.79
N PHE A 328 27.99 15.11 -8.94
CA PHE A 328 28.03 15.86 -10.19
C PHE A 328 29.18 16.86 -10.19
N ALA A 329 29.57 17.25 -11.40
CA ALA A 329 30.62 18.23 -11.59
C ALA A 329 30.35 18.96 -12.91
N LEU A 330 30.86 20.17 -13.02
CA LEU A 330 30.63 20.96 -14.21
C LEU A 330 31.65 20.58 -15.29
N LYS A 331 31.72 21.36 -16.36
CA LYS A 331 32.63 21.08 -17.46
C LYS A 331 33.88 21.95 -17.30
N ALA A 332 35.02 21.37 -17.62
CA ALA A 332 36.30 22.01 -17.40
C ALA A 332 36.55 23.11 -18.42
N GLY A 333 37.61 23.89 -18.18
CA GLY A 333 38.02 24.92 -19.10
C GLY A 333 39.52 25.04 -19.13
N GLN A 334 40.02 25.82 -20.09
CA GLN A 334 41.44 26.04 -20.27
C GLN A 334 41.73 27.52 -20.22
N ILE A 335 42.60 27.93 -19.31
CA ILE A 335 43.15 29.28 -19.26
C ILE A 335 44.66 29.12 -19.32
N PRO A 336 45.32 29.55 -20.42
CA PRO A 336 46.73 29.17 -20.65
C PRO A 336 47.76 29.69 -19.65
N GLY A 337 47.84 31.00 -19.46
CA GLY A 337 48.89 31.54 -18.62
C GLY A 337 48.46 31.81 -17.19
N PHE A 338 47.61 30.94 -16.64
CA PHE A 338 46.93 31.22 -15.39
C PHE A 338 47.71 30.73 -14.18
N ARG A 339 48.34 29.56 -14.27
CA ARG A 339 49.15 29.06 -13.17
C ARG A 339 50.38 29.91 -12.93
N GLU A 340 50.99 30.40 -14.01
CA GLU A 340 52.12 31.32 -13.90
C GLU A 340 51.70 32.64 -13.26
N PHE A 341 50.47 33.09 -13.52
CA PHE A 341 49.96 34.28 -12.84
C PHE A 341 49.70 34.01 -11.37
N LEU A 342 49.21 32.81 -11.03
CA LEU A 342 48.96 32.46 -9.64
C LEU A 342 50.26 32.38 -8.83
N LYS A 343 51.34 31.91 -9.45
CA LYS A 343 52.61 31.74 -8.75
C LYS A 343 53.37 33.04 -8.51
N LYS A 344 52.81 34.21 -8.82
CA LYS A 344 53.52 35.48 -8.68
C LYS A 344 52.98 36.37 -7.59
N VAL A 345 52.14 35.84 -6.69
CA VAL A 345 51.59 36.66 -5.62
C VAL A 345 52.68 36.93 -4.58
N HIS A 346 52.69 38.15 -4.05
CA HIS A 346 53.67 38.58 -3.08
C HIS A 346 53.05 39.73 -2.30
N PRO A 347 53.24 39.78 -0.97
CA PRO A 347 52.60 40.84 -0.18
C PRO A 347 53.15 42.24 -0.44
N ARG A 348 54.31 42.38 -1.06
CA ARG A 348 54.89 43.69 -1.32
C ARG A 348 54.92 44.07 -2.79
N LYS A 349 54.74 43.12 -3.71
CA LYS A 349 54.66 43.44 -5.13
C LYS A 349 53.22 43.49 -5.64
N SER A 350 52.24 43.11 -4.82
CA SER A 350 50.82 43.28 -5.16
C SER A 350 50.34 44.52 -4.42
N VAL A 351 50.37 45.65 -5.12
CA VAL A 351 49.95 46.91 -4.52
C VAL A 351 48.45 47.15 -4.66
N HIS A 352 47.82 46.59 -5.69
CA HIS A 352 46.40 46.77 -5.94
C HIS A 352 45.54 45.65 -5.35
N ASN A 353 46.16 44.64 -4.74
CA ASN A 353 45.43 43.51 -4.16
C ASN A 353 45.78 43.51 -2.68
N GLY A 354 44.86 44.01 -1.86
CA GLY A 354 45.04 44.07 -0.43
C GLY A 354 44.70 42.80 0.31
N PHE A 355 44.31 41.75 -0.40
CA PHE A 355 44.06 40.45 0.19
C PHE A 355 45.29 39.57 0.26
N ALA A 356 46.42 40.01 -0.28
CA ALA A 356 47.60 39.17 -0.38
C ALA A 356 48.34 39.03 0.93
N LYS A 357 48.23 40.01 1.83
CA LYS A 357 48.91 39.95 3.12
C LYS A 357 48.35 38.85 4.01
N GLU A 358 47.02 38.75 4.10
CA GLU A 358 46.42 37.68 4.87
C GLU A 358 46.63 36.33 4.21
N PHE A 359 46.70 36.28 2.88
CA PHE A 359 47.03 35.03 2.18
C PHE A 359 48.44 34.56 2.52
N TRP A 360 49.40 35.48 2.53
CA TRP A 360 50.77 35.12 2.88
C TRP A 360 50.91 34.74 4.34
N GLU A 361 50.10 35.34 5.23
CA GLU A 361 50.13 34.93 6.63
C GLU A 361 49.52 33.55 6.83
N GLU A 362 48.34 33.29 6.24
CA GLU A 362 47.67 32.01 6.47
C GLU A 362 48.36 30.86 5.78
N THR A 363 49.05 31.11 4.66
CA THR A 363 49.73 30.03 3.95
C THR A 363 50.94 29.52 4.72
N PHE A 364 51.70 30.42 5.34
CA PHE A 364 52.97 30.07 5.97
C PHE A 364 52.94 30.11 7.49
N ASN A 365 51.80 30.51 8.08
CA ASN A 365 51.62 30.61 9.54
C ASN A 365 52.68 31.48 10.20
N CYS A 366 52.87 32.67 9.63
CA CYS A 366 53.84 33.63 10.14
C CYS A 366 53.18 35.00 10.23
N HIS A 367 53.94 35.98 10.69
CA HIS A 367 53.43 37.33 10.97
C HIS A 367 54.21 38.35 10.16
N LEU A 368 53.49 39.28 9.54
CA LEU A 368 54.10 40.31 8.70
C LEU A 368 54.23 41.61 9.49
N GLN A 369 55.40 42.23 9.41
CA GLN A 369 55.66 43.48 10.12
C GLN A 369 55.03 44.66 9.38
N PHE A 399 52.40 30.69 18.68
CA PHE A 399 53.35 31.77 18.46
C PHE A 399 53.79 31.82 17.01
N ARG A 400 53.41 32.89 16.31
CA ARG A 400 53.71 33.02 14.89
C ARG A 400 55.03 33.76 14.70
N PRO A 401 56.01 33.18 14.02
CA PRO A 401 57.27 33.89 13.76
C PRO A 401 57.08 35.00 12.75
N LEU A 402 58.13 35.81 12.60
CA LEU A 402 58.10 36.95 11.70
C LEU A 402 58.48 36.50 10.30
N CYS A 403 57.66 36.86 9.31
CA CYS A 403 57.90 36.43 7.94
C CYS A 403 59.07 37.18 7.33
N THR A 404 59.82 36.49 6.48
CA THR A 404 60.63 37.15 5.47
C THR A 404 59.84 37.16 4.17
N GLY A 405 60.39 37.78 3.14
CA GLY A 405 59.66 37.82 1.90
C GLY A 405 59.98 36.72 0.91
N ASP A 406 60.86 35.78 1.26
CA ASP A 406 61.45 34.86 0.29
C ASP A 406 60.91 33.45 0.38
N GLU A 407 59.73 33.25 0.96
CA GLU A 407 59.15 31.92 1.03
C GLU A 407 58.68 31.47 -0.35
N ASN A 408 58.53 30.15 -0.49
CA ASN A 408 58.22 29.53 -1.76
C ASN A 408 56.75 29.11 -1.77
N ILE A 409 56.06 29.42 -2.85
CA ILE A 409 54.62 29.17 -2.91
C ILE A 409 54.31 27.68 -3.13
N SER A 410 55.25 26.92 -3.67
CA SER A 410 55.03 25.52 -4.00
C SER A 410 55.34 24.59 -2.84
N SER A 411 55.70 25.11 -1.67
CA SER A 411 56.11 24.29 -0.54
C SER A 411 54.94 23.91 0.38
N VAL A 412 53.75 24.47 0.16
CA VAL A 412 52.60 24.23 1.02
C VAL A 412 51.46 23.68 0.16
N GLU A 413 50.80 22.64 0.65
CA GLU A 413 49.66 22.05 -0.04
C GLU A 413 48.40 22.77 0.42
N THR A 414 47.82 23.57 -0.47
CA THR A 414 46.59 24.31 -0.27
C THR A 414 45.75 24.14 -1.52
N PRO A 415 44.43 24.40 -1.46
CA PRO A 415 43.64 24.40 -2.69
C PRO A 415 43.89 25.58 -3.63
N TYR A 416 44.83 26.48 -3.32
CA TYR A 416 45.11 27.60 -4.20
C TYR A 416 45.85 27.16 -5.45
N ILE A 417 46.69 26.13 -5.35
CA ILE A 417 47.65 25.86 -6.42
C ILE A 417 47.52 24.39 -6.83
N ASP A 418 46.77 23.60 -6.05
CA ASP A 418 46.55 22.18 -6.33
C ASP A 418 45.08 21.98 -6.70
N TYR A 419 44.78 22.02 -8.00
CA TYR A 419 43.36 21.94 -8.37
C TYR A 419 43.01 20.91 -9.43
N THR A 420 43.89 20.71 -10.44
CA THR A 420 43.90 19.80 -11.60
C THR A 420 42.76 20.00 -12.60
N HIS A 421 41.78 20.86 -12.29
CA HIS A 421 40.70 21.26 -13.20
C HIS A 421 40.18 22.64 -12.84
N LEU A 422 39.72 23.37 -13.85
CA LEU A 422 39.12 24.69 -13.69
C LEU A 422 37.65 24.60 -14.08
N ARG A 423 36.76 24.82 -13.12
CA ARG A 423 35.32 24.80 -13.38
C ARG A 423 34.64 26.13 -13.10
N ILE A 424 34.83 26.72 -11.93
CA ILE A 424 34.20 27.99 -11.60
C ILE A 424 35.11 29.17 -12.00
N SER A 425 36.42 28.97 -12.01
CA SER A 425 37.33 30.00 -12.50
C SER A 425 37.12 30.29 -13.99
N TYR A 426 36.76 29.26 -14.75
CA TYR A 426 36.37 29.47 -16.14
C TYR A 426 35.07 30.26 -16.23
N ASN A 427 34.17 30.10 -15.26
CA ASN A 427 32.94 30.89 -15.24
C ASN A 427 33.22 32.37 -14.96
N VAL A 428 34.18 32.66 -14.07
CA VAL A 428 34.56 34.06 -13.83
C VAL A 428 35.24 34.66 -15.06
N TYR A 429 36.09 33.88 -15.73
CA TYR A 429 36.73 34.29 -16.98
C TYR A 429 35.69 34.64 -18.06
N LEU A 430 34.68 33.77 -18.22
CA LEU A 430 33.63 34.01 -19.20
C LEU A 430 32.75 35.19 -18.81
N ALA A 431 32.56 35.45 -17.51
CA ALA A 431 31.79 36.62 -17.09
C ALA A 431 32.47 37.92 -17.50
N VAL A 432 33.78 38.03 -17.23
CA VAL A 432 34.52 39.24 -17.59
C VAL A 432 34.58 39.41 -19.11
N TYR A 433 34.80 38.32 -19.85
CA TYR A 433 34.83 38.43 -21.31
C TYR A 433 33.46 38.72 -21.91
N SER A 434 32.37 38.28 -21.26
CA SER A 434 31.03 38.64 -21.72
C SER A 434 30.78 40.14 -21.61
N ILE A 435 31.18 40.73 -20.48
CA ILE A 435 31.02 42.18 -20.31
C ILE A 435 31.89 42.94 -21.32
N ALA A 436 33.11 42.43 -21.58
CA ALA A 436 34.00 43.09 -22.55
C ALA A 436 33.48 43.01 -23.97
N HIS A 437 32.90 41.88 -24.38
CA HIS A 437 32.31 41.84 -25.73
C HIS A 437 31.05 42.67 -25.84
N ALA A 438 30.29 42.84 -24.76
CA ALA A 438 29.17 43.80 -24.80
C ALA A 438 29.67 45.23 -25.01
N LEU A 439 30.76 45.60 -24.33
CA LEU A 439 31.33 46.93 -24.52
C LEU A 439 31.94 47.09 -25.91
N GLN A 440 32.50 46.01 -26.47
CA GLN A 440 33.05 46.08 -27.83
C GLN A 440 31.95 46.20 -28.87
N ASP A 441 30.80 45.55 -28.64
CA ASP A 441 29.64 45.73 -29.51
C ASP A 441 29.09 47.15 -29.42
N ILE A 442 29.16 47.76 -28.23
CA ILE A 442 28.86 49.19 -28.12
C ILE A 442 29.83 50.01 -28.96
N TYR A 443 31.13 49.66 -28.90
CA TYR A 443 32.19 50.48 -29.46
C TYR A 443 32.17 50.49 -30.99
N THR A 444 31.88 49.35 -31.63
CA THR A 444 31.92 49.25 -33.08
C THR A 444 30.54 49.40 -33.74
N CYS A 445 29.62 50.12 -33.09
CA CYS A 445 28.30 50.32 -33.66
C CYS A 445 28.36 51.28 -34.84
N LEU A 446 27.64 50.93 -35.92
CA LEU A 446 27.49 51.76 -37.11
C LEU A 446 26.23 52.58 -37.00
N PRO A 447 26.27 53.89 -37.25
CA PRO A 447 25.07 54.73 -37.08
C PRO A 447 24.02 54.40 -38.12
N GLY A 448 22.79 54.19 -37.66
CA GLY A 448 21.73 53.66 -38.48
C GLY A 448 21.44 52.19 -38.28
N ARG A 449 22.23 51.49 -37.46
CA ARG A 449 22.05 50.07 -37.20
C ARG A 449 22.08 49.77 -35.71
N GLY A 450 21.70 50.74 -34.88
CA GLY A 450 21.75 50.57 -33.45
C GLY A 450 20.62 49.74 -32.89
N LEU A 451 20.65 49.56 -31.58
CA LEU A 451 19.61 48.82 -30.86
C LEU A 451 18.67 49.75 -30.10
N PHE A 452 18.66 51.04 -30.44
CA PHE A 452 17.89 52.03 -29.71
C PHE A 452 16.83 52.63 -30.64
N THR A 453 16.21 53.73 -30.18
CA THR A 453 14.89 54.19 -30.65
C THR A 453 14.79 54.37 -32.15
N ASN A 454 15.58 55.28 -32.72
CA ASN A 454 15.58 55.53 -34.15
C ASN A 454 16.71 54.79 -34.85
N GLY A 455 17.12 53.64 -34.33
CA GLY A 455 18.28 52.93 -34.83
C GLY A 455 19.57 53.65 -34.58
N SER A 456 19.72 54.29 -33.41
CA SER A 456 20.88 55.11 -33.09
C SER A 456 21.80 54.39 -32.12
N CYS A 457 23.09 54.67 -32.24
CA CYS A 457 24.10 54.02 -31.41
C CYS A 457 24.21 54.71 -30.05
N ALA A 458 24.90 54.05 -29.14
CA ALA A 458 25.23 54.63 -27.84
C ALA A 458 26.49 55.47 -27.97
N ASP A 459 27.05 55.89 -26.84
CA ASP A 459 28.33 56.59 -26.83
C ASP A 459 29.26 55.84 -25.89
N ILE A 460 30.47 55.54 -26.36
CA ILE A 460 31.40 54.75 -25.57
C ILE A 460 32.04 55.59 -24.46
N LYS A 461 32.16 56.91 -24.66
CA LYS A 461 32.74 57.77 -23.65
C LYS A 461 31.73 58.30 -22.65
N LYS A 462 30.43 58.06 -22.88
CA LYS A 462 29.37 58.46 -21.96
C LYS A 462 28.39 57.31 -21.80
N VAL A 463 28.90 56.12 -21.56
CA VAL A 463 28.09 54.92 -21.49
C VAL A 463 27.37 54.86 -20.15
N GLU A 464 26.20 54.22 -20.14
CA GLU A 464 25.41 54.01 -18.93
C GLU A 464 25.12 52.53 -18.78
N ALA A 465 24.60 52.17 -17.60
CA ALA A 465 24.46 50.75 -17.24
C ALA A 465 23.35 50.07 -18.02
N TRP A 466 22.24 50.76 -18.26
CA TRP A 466 21.11 50.14 -18.96
C TRP A 466 21.43 49.89 -20.43
N GLN A 467 22.36 50.67 -21.00
CA GLN A 467 22.82 50.41 -22.36
C GLN A 467 23.62 49.11 -22.44
N VAL A 468 24.49 48.88 -21.46
CA VAL A 468 25.24 47.63 -21.37
C VAL A 468 24.32 46.45 -21.07
N LEU A 469 23.26 46.68 -20.29
CA LEU A 469 22.26 45.64 -20.06
C LEU A 469 21.52 45.27 -21.34
N LYS A 470 21.12 46.28 -22.13
CA LYS A 470 20.46 46.07 -23.42
C LYS A 470 21.37 45.31 -24.38
N HIS A 471 22.67 45.60 -24.36
CA HIS A 471 23.58 44.88 -25.23
C HIS A 471 23.88 43.47 -24.73
N LEU A 472 23.89 43.24 -23.42
CA LEU A 472 24.07 41.89 -22.90
C LEU A 472 22.82 41.04 -23.13
N ARG A 473 21.65 41.65 -23.30
CA ARG A 473 20.48 40.89 -23.67
C ARG A 473 20.53 40.39 -25.10
N HIS A 474 21.38 40.97 -25.94
CA HIS A 474 21.51 40.60 -27.35
C HIS A 474 22.94 40.20 -27.68
N LEU A 475 23.57 39.43 -26.80
CA LEU A 475 24.98 39.08 -26.93
C LEU A 475 25.12 37.68 -27.52
N ASN A 476 26.10 37.52 -28.42
CA ASN A 476 26.40 36.22 -29.03
C ASN A 476 27.86 36.29 -29.47
N PHE A 477 28.76 35.67 -28.69
CA PHE A 477 30.19 35.75 -29.01
C PHE A 477 30.80 34.35 -28.96
N THR A 478 32.07 34.27 -29.32
CA THR A 478 32.81 33.01 -29.30
C THR A 478 34.04 33.13 -28.40
N ASN A 479 34.31 32.08 -27.63
CA ASN A 479 35.34 32.10 -26.62
C ASN A 479 36.64 31.50 -27.13
N ASN A 480 37.60 31.29 -26.22
CA ASN A 480 38.92 30.79 -26.59
C ASN A 480 38.92 29.31 -26.92
N MET A 481 37.92 28.56 -26.48
CA MET A 481 37.83 27.14 -26.78
C MET A 481 37.01 26.85 -28.03
N GLY A 482 36.55 27.89 -28.73
CA GLY A 482 35.88 27.72 -29.99
C GLY A 482 34.39 27.49 -29.94
N GLU A 483 33.76 27.62 -28.78
CA GLU A 483 32.32 27.41 -28.66
C GLU A 483 31.60 28.75 -28.81
N GLN A 484 30.29 28.76 -28.59
CA GLN A 484 29.47 29.96 -28.71
C GLN A 484 28.78 30.22 -27.37
N VAL A 485 28.85 31.47 -26.92
CA VAL A 485 28.25 31.88 -25.65
C VAL A 485 27.20 32.94 -25.94
N THR A 486 25.98 32.68 -25.46
CA THR A 486 24.84 33.58 -25.54
C THR A 486 23.87 33.23 -24.42
N PHE A 487 23.06 34.20 -24.03
CA PHE A 487 22.08 34.03 -22.96
C PHE A 487 20.67 34.06 -23.55
N ASP A 488 19.80 33.20 -23.04
CA ASP A 488 18.42 33.16 -23.50
C ASP A 488 17.57 34.23 -22.81
N GLU A 489 16.24 34.11 -22.92
CA GLU A 489 15.34 35.15 -22.46
C GLU A 489 15.33 35.31 -20.94
N CYS A 490 15.85 34.33 -20.19
CA CYS A 490 16.02 34.44 -18.75
C CYS A 490 17.47 34.64 -18.35
N GLY A 491 18.35 34.91 -19.31
CA GLY A 491 19.77 35.07 -19.03
C GLY A 491 20.44 33.82 -18.51
N ASP A 492 20.08 32.66 -19.05
CA ASP A 492 20.55 31.37 -18.58
C ASP A 492 21.49 30.74 -19.59
N LEU A 493 22.47 30.00 -19.08
CA LEU A 493 23.42 29.27 -19.89
C LEU A 493 23.20 27.78 -19.70
N VAL A 494 23.41 27.02 -20.76
CA VAL A 494 23.11 25.59 -20.76
C VAL A 494 24.44 24.82 -20.83
N GLY A 495 24.54 23.75 -20.06
CA GLY A 495 25.77 22.98 -20.06
C GLY A 495 25.56 21.55 -19.61
N ASN A 496 26.51 20.70 -19.99
CA ASN A 496 26.56 19.30 -19.60
C ASN A 496 26.98 19.14 -18.15
N TYR A 497 26.95 17.88 -17.68
CA TYR A 497 27.51 17.52 -16.37
C TYR A 497 28.38 16.29 -16.50
N SER A 498 29.33 16.17 -15.58
CA SER A 498 30.14 14.98 -15.41
C SER A 498 29.76 14.30 -14.10
N ILE A 499 29.90 12.98 -14.05
CA ILE A 499 29.53 12.18 -12.89
C ILE A 499 30.78 11.51 -12.36
N ILE A 500 31.14 11.85 -11.12
CA ILE A 500 32.39 11.44 -10.48
C ILE A 500 32.08 10.60 -9.25
N ASN A 501 33.10 9.85 -8.82
CA ASN A 501 32.98 8.89 -7.73
C ASN A 501 34.27 8.92 -6.90
N TRP A 502 34.13 8.92 -5.58
CA TRP A 502 35.24 9.18 -4.66
C TRP A 502 36.01 7.89 -4.38
N HIS A 503 37.30 7.89 -4.68
CA HIS A 503 38.19 6.79 -4.38
C HIS A 503 39.25 7.24 -3.39
N LEU A 504 40.07 6.29 -2.93
CA LEU A 504 41.14 6.54 -1.99
C LEU A 504 42.48 6.30 -2.68
N SER A 505 43.38 7.26 -2.57
CA SER A 505 44.66 7.17 -3.26
C SER A 505 45.56 6.14 -2.59
N PRO A 506 46.20 5.25 -3.35
CA PRO A 506 47.11 4.27 -2.75
C PRO A 506 48.50 4.81 -2.44
N GLU A 507 48.79 6.05 -2.78
CA GLU A 507 50.09 6.67 -2.52
C GLU A 507 50.05 7.64 -1.36
N ASP A 508 49.12 8.60 -1.37
CA ASP A 508 49.04 9.63 -0.35
C ASP A 508 48.00 9.34 0.72
N GLY A 509 47.04 8.46 0.46
CA GLY A 509 45.94 8.26 1.37
C GLY A 509 44.85 9.30 1.27
N SER A 510 44.87 10.14 0.24
CA SER A 510 43.90 11.20 0.07
C SER A 510 42.72 10.70 -0.77
N ILE A 511 41.86 11.61 -1.20
CA ILE A 511 40.61 11.28 -1.88
C ILE A 511 40.72 11.74 -3.33
N VAL A 512 40.45 10.83 -4.26
CA VAL A 512 40.58 11.07 -5.70
C VAL A 512 39.20 10.97 -6.33
N PHE A 513 38.87 11.94 -7.19
CA PHE A 513 37.58 12.00 -7.87
C PHE A 513 37.75 11.45 -9.28
N LYS A 514 37.07 10.35 -9.58
CA LYS A 514 37.22 9.65 -10.86
C LYS A 514 35.93 9.71 -11.66
N GLU A 515 36.04 10.07 -12.93
CA GLU A 515 34.88 10.24 -13.80
C GLU A 515 34.31 8.88 -14.17
N VAL A 516 33.06 8.64 -13.77
CA VAL A 516 32.37 7.40 -14.13
C VAL A 516 31.24 7.64 -15.13
N GLY A 517 30.88 8.87 -15.43
CA GLY A 517 29.86 9.04 -16.45
C GLY A 517 29.65 10.49 -16.84
N TYR A 518 28.63 10.70 -17.67
CA TYR A 518 28.25 12.05 -18.10
C TYR A 518 26.74 12.17 -18.20
N TYR A 519 26.24 13.37 -17.94
CA TYR A 519 24.85 13.73 -18.16
C TYR A 519 24.79 14.77 -19.28
N ASN A 520 24.03 14.46 -20.32
CA ASN A 520 24.02 15.19 -21.59
C ASN A 520 22.65 15.86 -21.72
N VAL A 521 22.61 17.19 -21.61
CA VAL A 521 21.34 17.92 -21.61
C VAL A 521 20.83 18.26 -22.99
N TYR A 522 21.50 17.81 -24.06
CA TYR A 522 21.08 18.10 -25.42
C TYR A 522 20.39 16.92 -26.10
N ALA A 523 20.16 15.82 -25.38
CA ALA A 523 19.52 14.65 -25.97
C ALA A 523 18.07 14.56 -25.49
N LYS A 524 17.34 13.61 -26.10
CA LYS A 524 15.94 13.39 -25.78
C LYS A 524 15.84 12.67 -24.43
N LYS A 525 14.73 12.90 -23.73
CA LYS A 525 14.48 12.32 -22.41
C LYS A 525 14.56 10.81 -22.42
N GLY A 526 15.29 10.25 -21.46
CA GLY A 526 15.57 8.84 -21.41
C GLY A 526 16.82 8.41 -22.13
N GLU A 527 17.48 9.32 -22.86
CA GLU A 527 18.70 9.03 -23.60
C GLU A 527 19.78 10.04 -23.25
N ARG A 528 19.80 10.49 -22.00
CA ARG A 528 20.73 11.52 -21.56
C ARG A 528 21.86 11.03 -20.67
N LEU A 529 21.60 10.04 -19.82
CA LEU A 529 22.56 9.63 -18.82
C LEU A 529 23.47 8.53 -19.35
N PHE A 530 24.76 8.60 -18.99
CA PHE A 530 25.70 7.54 -19.31
C PHE A 530 26.51 7.26 -18.05
N ILE A 531 26.54 6.00 -17.64
CA ILE A 531 27.20 5.54 -16.41
C ILE A 531 28.00 4.29 -16.74
N ASN A 532 29.26 4.26 -16.32
CA ASN A 532 30.14 3.11 -16.50
C ASN A 532 30.21 2.39 -15.17
N GLU A 533 29.55 1.23 -15.08
CA GLU A 533 29.44 0.49 -13.83
C GLU A 533 30.77 -0.19 -13.48
N GLU A 534 31.63 -0.44 -14.47
CA GLU A 534 32.91 -1.11 -14.25
C GLU A 534 33.93 -0.26 -13.50
N LYS A 535 33.63 1.01 -13.21
CA LYS A 535 34.59 1.90 -12.56
C LYS A 535 34.12 2.38 -11.19
N ILE A 536 33.07 1.81 -10.63
CA ILE A 536 32.50 2.27 -9.37
C ILE A 536 32.95 1.34 -8.25
N LEU A 537 33.54 1.92 -7.21
CA LEU A 537 33.75 1.24 -5.94
C LEU A 537 32.73 1.77 -4.96
N TRP A 538 31.82 0.90 -4.50
CA TRP A 538 30.58 1.37 -3.90
C TRP A 538 30.74 1.88 -2.48
N SER A 539 31.80 1.50 -1.77
CA SER A 539 32.14 2.16 -0.52
C SER A 539 33.65 2.27 -0.35
N GLY A 540 34.38 2.42 -1.45
CA GLY A 540 35.81 2.18 -1.47
C GLY A 540 36.17 0.73 -1.70
N PHE A 541 35.18 -0.14 -1.78
CA PHE A 541 35.30 -1.57 -2.03
C PHE A 541 33.93 -2.01 -2.53
N SER A 542 33.68 -3.32 -2.50
CA SER A 542 32.34 -3.93 -2.70
C SER A 542 31.77 -3.59 -4.08
N ARG A 543 32.35 -4.22 -5.10
CA ARG A 543 31.86 -4.14 -6.47
C ARG A 543 30.41 -4.58 -6.66
N GLU A 544 29.81 -5.30 -5.70
CA GLU A 544 28.39 -5.58 -5.76
C GLU A 544 27.57 -4.31 -5.58
N VAL A 545 26.52 -4.18 -6.36
CA VAL A 545 25.60 -3.05 -6.22
C VAL A 545 24.77 -3.24 -4.96
N PRO A 546 24.65 -2.24 -4.07
CA PRO A 546 23.87 -2.42 -2.84
C PRO A 546 22.37 -2.54 -3.05
N PHE A 547 21.63 -2.74 -1.97
CA PHE A 547 20.20 -3.00 -2.04
C PHE A 547 19.47 -1.95 -1.22
N SER A 548 18.59 -1.18 -1.87
CA SER A 548 17.73 -0.24 -1.15
C SER A 548 16.31 -0.34 -1.71
N ASN A 549 15.55 -1.31 -1.19
CA ASN A 549 14.12 -1.43 -1.40
C ASN A 549 13.48 -1.62 -0.04
N CYS A 550 12.20 -1.30 0.08
CA CYS A 550 11.52 -1.47 1.36
C CYS A 550 11.26 -2.94 1.65
N SER A 551 10.81 -3.69 0.65
CA SER A 551 10.53 -5.11 0.80
C SER A 551 11.15 -5.87 -0.36
N ARG A 552 11.63 -7.08 -0.08
CA ARG A 552 12.16 -7.93 -1.13
C ARG A 552 11.04 -8.45 -2.01
N ASP A 553 11.36 -8.68 -3.29
CA ASP A 553 10.37 -9.07 -4.28
C ASP A 553 9.84 -10.48 -4.01
N CYS A 554 8.57 -10.68 -4.33
CA CYS A 554 7.90 -11.95 -4.12
C CYS A 554 8.33 -12.98 -5.17
N LEU A 555 7.91 -14.21 -4.95
CA LEU A 555 8.19 -15.32 -5.84
C LEU A 555 6.91 -15.72 -6.57
N ALA A 556 7.02 -16.74 -7.41
CA ALA A 556 5.89 -17.16 -8.23
C ALA A 556 4.82 -17.90 -7.44
N GLY A 557 5.14 -18.41 -6.25
CA GLY A 557 4.10 -19.05 -5.47
C GLY A 557 3.25 -18.12 -4.64
N THR A 558 3.64 -16.86 -4.52
CA THR A 558 3.02 -15.90 -3.61
C THR A 558 2.51 -14.69 -4.38
N ARG A 559 1.80 -13.81 -3.67
CA ARG A 559 1.31 -12.57 -4.24
C ARG A 559 1.63 -11.39 -3.33
N LYS A 560 1.87 -10.24 -3.97
CA LYS A 560 2.19 -9.00 -3.29
C LYS A 560 0.93 -8.43 -2.65
N GLY A 561 0.68 -8.72 -1.37
CA GLY A 561 -0.70 -8.57 -0.96
C GLY A 561 -1.12 -7.96 0.36
N ILE A 562 -0.34 -7.07 0.98
CA ILE A 562 -0.80 -6.48 2.24
C ILE A 562 -0.74 -4.97 2.17
N ILE A 563 -1.49 -4.36 3.10
CA ILE A 563 -1.57 -2.92 3.28
C ILE A 563 -1.54 -2.67 4.78
N GLU A 564 -0.65 -1.77 5.24
CA GLU A 564 -0.35 -1.66 6.65
C GLU A 564 -0.46 -0.24 7.21
N GLY A 565 -1.05 0.69 6.46
CA GLY A 565 -0.84 2.10 6.79
C GLY A 565 0.59 2.51 6.52
N GLU A 566 1.19 1.98 5.46
CA GLU A 566 2.55 2.18 5.02
C GLU A 566 2.52 2.49 3.53
N PRO A 567 3.57 3.11 2.98
CA PRO A 567 3.59 3.41 1.55
C PRO A 567 3.53 2.18 0.65
N THR A 568 3.21 2.43 -0.63
CA THR A 568 2.99 1.37 -1.60
C THR A 568 4.24 0.53 -1.84
N CYS A 569 5.42 1.10 -1.61
CA CYS A 569 6.67 0.39 -1.77
C CYS A 569 6.88 -0.71 -0.74
N CYS A 570 6.13 -0.69 0.36
CA CYS A 570 6.29 -1.66 1.45
C CYS A 570 5.09 -2.59 1.46
N PHE A 571 5.36 -3.89 1.39
CA PHE A 571 4.32 -4.91 1.30
C PHE A 571 4.81 -6.18 2.00
N GLU A 572 4.04 -7.25 1.88
CA GLU A 572 4.56 -8.58 2.15
C GLU A 572 3.89 -9.57 1.21
N CYS A 573 4.55 -10.72 1.06
CA CYS A 573 4.10 -11.77 0.15
C CYS A 573 3.20 -12.72 0.90
N VAL A 574 1.95 -12.85 0.45
CA VAL A 574 1.00 -13.80 0.99
C VAL A 574 0.96 -14.99 0.07
N GLU A 575 1.18 -16.18 0.62
CA GLU A 575 1.18 -17.40 -0.18
C GLU A 575 -0.22 -17.70 -0.68
N CYS A 576 -0.30 -18.17 -1.91
CA CYS A 576 -1.60 -18.50 -2.48
C CYS A 576 -2.15 -19.76 -1.81
N PRO A 577 -3.46 -19.81 -1.55
CA PRO A 577 -4.05 -21.02 -0.98
C PRO A 577 -4.07 -22.15 -2.00
N ASP A 578 -4.37 -23.35 -1.49
CA ASP A 578 -4.36 -24.59 -2.27
C ASP A 578 -5.40 -24.50 -3.38
N GLY A 579 -4.93 -24.41 -4.62
CA GLY A 579 -5.79 -24.21 -5.77
C GLY A 579 -5.48 -22.98 -6.60
N GLU A 580 -4.49 -22.17 -6.23
CA GLU A 580 -4.15 -20.94 -6.95
C GLU A 580 -2.65 -20.89 -7.25
N TYR A 581 -2.26 -19.91 -8.05
CA TYR A 581 -0.86 -19.82 -8.50
C TYR A 581 -0.58 -18.38 -8.90
N SER A 582 0.71 -18.07 -9.05
CA SER A 582 1.14 -16.92 -9.82
C SER A 582 2.29 -17.35 -10.73
N ASP A 583 2.65 -16.48 -11.68
CA ASP A 583 3.75 -16.82 -12.57
C ASP A 583 4.66 -15.62 -12.87
N GLU A 584 4.65 -14.60 -12.04
CA GLU A 584 5.52 -13.44 -12.21
C GLU A 584 6.27 -13.18 -10.91
N THR A 585 7.35 -12.41 -11.03
CA THR A 585 8.22 -12.13 -9.89
C THR A 585 7.74 -10.96 -9.06
N ASP A 586 6.69 -10.26 -9.47
CA ASP A 586 6.02 -9.27 -8.63
C ASP A 586 4.56 -9.22 -9.08
N ALA A 587 3.72 -9.97 -8.39
CA ALA A 587 2.33 -10.16 -8.80
C ALA A 587 1.42 -9.57 -7.73
N SER A 588 0.55 -8.66 -8.14
CA SER A 588 -0.34 -7.97 -7.22
C SER A 588 -1.66 -8.70 -7.01
N ALA A 589 -1.90 -9.79 -7.74
CA ALA A 589 -3.13 -10.56 -7.60
C ALA A 589 -2.83 -11.99 -7.96
N CYS A 590 -3.01 -12.89 -7.00
CA CYS A 590 -2.83 -14.31 -7.26
C CYS A 590 -3.97 -14.84 -8.12
N ASN A 591 -3.64 -15.70 -9.07
CA ASN A 591 -4.60 -16.18 -10.06
C ASN A 591 -5.13 -17.54 -9.65
N LYS A 592 -6.44 -17.72 -9.79
CA LYS A 592 -7.03 -19.05 -9.72
C LYS A 592 -6.52 -19.88 -10.90
N CYS A 593 -6.08 -21.09 -10.59
CA CYS A 593 -5.62 -22.01 -11.63
C CYS A 593 -6.80 -22.40 -12.53
N PRO A 594 -6.59 -22.51 -13.83
CA PRO A 594 -7.71 -22.75 -14.77
C PRO A 594 -8.40 -24.08 -14.56
N ASP A 595 -9.53 -24.22 -15.26
CA ASP A 595 -10.48 -25.31 -15.02
C ASP A 595 -9.85 -26.64 -15.42
N ASP A 596 -10.17 -27.66 -14.62
CA ASP A 596 -9.66 -29.04 -14.75
C ASP A 596 -8.14 -29.10 -14.58
N PHE A 597 -7.58 -28.14 -13.86
CA PHE A 597 -6.17 -28.07 -13.51
C PHE A 597 -6.06 -27.77 -12.01
N TRP A 598 -4.92 -28.10 -11.41
CA TRP A 598 -4.76 -27.92 -9.97
C TRP A 598 -3.30 -27.63 -9.62
N SER A 599 -3.10 -26.96 -8.47
CA SER A 599 -1.79 -26.50 -8.05
C SER A 599 -0.85 -27.65 -7.72
N ASN A 600 0.46 -27.44 -7.98
CA ASN A 600 1.36 -28.59 -7.97
C ASN A 600 1.87 -28.95 -6.56
N GLU A 601 2.72 -28.14 -5.92
CA GLU A 601 2.90 -28.23 -4.48
C GLU A 601 3.27 -26.87 -3.88
N ASN A 602 3.93 -26.03 -4.68
CA ASN A 602 4.47 -24.77 -4.23
C ASN A 602 3.73 -23.58 -4.81
N HIS A 603 2.68 -23.84 -5.59
CA HIS A 603 1.81 -22.83 -6.21
C HIS A 603 2.58 -21.90 -7.16
N THR A 604 3.70 -22.38 -7.70
CA THR A 604 4.50 -21.59 -8.62
C THR A 604 4.11 -21.79 -10.07
N SER A 605 3.52 -22.95 -10.39
CA SER A 605 2.87 -23.24 -11.66
C SER A 605 2.01 -24.46 -11.42
N CYS A 606 0.85 -24.52 -12.07
CA CYS A 606 -0.06 -25.61 -11.80
C CYS A 606 -0.14 -26.57 -12.99
N ILE A 607 -0.54 -27.80 -12.68
CA ILE A 607 -0.53 -28.90 -13.63
C ILE A 607 -1.96 -29.40 -13.84
N ALA A 608 -2.14 -30.17 -14.91
CA ALA A 608 -3.45 -30.70 -15.27
C ALA A 608 -3.87 -31.82 -14.32
N LYS A 609 -5.12 -32.24 -14.47
CA LYS A 609 -5.71 -33.29 -13.63
C LYS A 609 -5.65 -34.63 -14.34
N GLU A 610 -5.89 -35.69 -13.56
CA GLU A 610 -5.87 -37.06 -14.04
C GLU A 610 -7.30 -37.58 -14.12
N ILE A 611 -7.66 -38.15 -15.27
CA ILE A 611 -9.00 -38.66 -15.51
C ILE A 611 -8.97 -40.18 -15.29
N GLU A 612 -9.86 -40.68 -14.45
CA GLU A 612 -9.80 -42.06 -13.99
C GLU A 612 -10.97 -42.86 -14.56
N PHE A 613 -10.64 -43.89 -15.34
CA PHE A 613 -11.62 -44.86 -15.85
C PHE A 613 -10.90 -46.15 -16.20
N LEU A 614 -11.67 -47.23 -16.31
CA LEU A 614 -11.13 -48.48 -16.81
C LEU A 614 -10.91 -48.36 -18.32
N SER A 615 -9.72 -48.75 -18.78
CA SER A 615 -9.31 -48.48 -20.15
C SER A 615 -9.10 -49.78 -20.93
N TRP A 616 -9.11 -49.65 -22.26
CA TRP A 616 -8.91 -50.78 -23.15
C TRP A 616 -7.46 -51.21 -23.25
N THR A 617 -6.51 -50.29 -23.05
CA THR A 617 -5.10 -50.58 -23.28
C THR A 617 -4.35 -50.92 -22.01
N GLU A 618 -4.94 -50.71 -20.85
CA GLU A 618 -4.39 -51.21 -19.59
C GLU A 618 -4.46 -52.73 -19.60
N PRO A 619 -3.45 -53.42 -19.02
CA PRO A 619 -3.44 -54.89 -19.08
C PRO A 619 -4.62 -55.58 -18.40
N PHE A 620 -5.24 -54.95 -17.41
CA PHE A 620 -6.40 -55.54 -16.77
C PHE A 620 -7.59 -55.59 -17.73
N GLY A 621 -7.78 -54.51 -18.50
CA GLY A 621 -8.81 -54.52 -19.53
C GLY A 621 -8.53 -55.50 -20.64
N ILE A 622 -7.24 -55.70 -20.97
CA ILE A 622 -6.85 -56.72 -21.95
C ILE A 622 -7.19 -58.12 -21.44
N ALA A 623 -6.94 -58.38 -20.15
CA ALA A 623 -7.30 -59.66 -19.55
C ALA A 623 -8.80 -59.90 -19.56
N LEU A 624 -9.59 -58.88 -19.23
CA LEU A 624 -11.04 -59.01 -19.29
C LEU A 624 -11.55 -59.22 -20.71
N THR A 625 -10.93 -58.54 -21.69
CA THR A 625 -11.31 -58.72 -23.08
C THR A 625 -11.02 -60.14 -23.57
N LEU A 626 -9.85 -60.68 -23.20
CA LEU A 626 -9.54 -62.06 -23.58
C LEU A 626 -10.46 -63.06 -22.91
N PHE A 627 -10.80 -62.84 -21.63
CA PHE A 627 -11.74 -63.73 -20.95
C PHE A 627 -13.16 -63.60 -21.47
N ALA A 628 -13.50 -62.49 -22.13
CA ALA A 628 -14.81 -62.38 -22.77
C ALA A 628 -14.82 -62.92 -24.20
N VAL A 629 -13.67 -62.96 -24.87
CA VAL A 629 -13.60 -63.53 -26.22
C VAL A 629 -13.55 -65.05 -26.15
N LEU A 630 -12.92 -65.60 -25.10
CA LEU A 630 -12.85 -67.05 -24.93
C LEU A 630 -14.23 -67.67 -24.75
N GLY A 631 -15.14 -66.96 -24.06
CA GLY A 631 -16.51 -67.46 -23.91
C GLY A 631 -17.27 -67.54 -25.22
N ILE A 632 -17.10 -66.53 -26.07
CA ILE A 632 -17.72 -66.54 -27.40
C ILE A 632 -17.15 -67.67 -28.25
N PHE A 633 -15.83 -67.85 -28.21
CA PHE A 633 -15.21 -68.90 -29.02
C PHE A 633 -15.42 -70.29 -28.45
N LEU A 634 -15.88 -70.41 -27.20
CA LEU A 634 -16.34 -71.71 -26.71
C LEU A 634 -17.82 -71.94 -26.95
N THR A 635 -18.63 -70.88 -27.02
CA THR A 635 -20.04 -71.05 -27.36
C THR A 635 -20.21 -71.41 -28.83
N ALA A 636 -19.36 -70.86 -29.69
CA ALA A 636 -19.39 -71.16 -31.12
C ALA A 636 -18.79 -72.52 -31.46
N PHE A 637 -18.23 -73.23 -30.48
CA PHE A 637 -17.85 -74.62 -30.65
C PHE A 637 -18.99 -75.57 -30.29
N VAL A 638 -19.71 -75.28 -29.20
CA VAL A 638 -20.88 -76.06 -28.84
C VAL A 638 -21.96 -75.93 -29.90
N LEU A 639 -22.12 -74.73 -30.46
CA LEU A 639 -23.04 -74.55 -31.58
C LEU A 639 -22.58 -75.28 -32.85
N GLY A 640 -21.28 -75.44 -33.05
CA GLY A 640 -20.78 -76.14 -34.23
C GLY A 640 -20.98 -77.64 -34.12
N VAL A 641 -20.77 -78.19 -32.92
CA VAL A 641 -21.06 -79.61 -32.70
C VAL A 641 -22.57 -79.87 -32.77
N PHE A 642 -23.38 -78.94 -32.26
CA PHE A 642 -24.84 -79.14 -32.34
C PHE A 642 -25.36 -79.05 -33.77
N ILE A 643 -24.80 -78.17 -34.61
CA ILE A 643 -25.23 -78.12 -36.00
C ILE A 643 -24.68 -79.30 -36.82
N LYS A 644 -23.44 -79.73 -36.56
CA LYS A 644 -22.90 -80.85 -37.34
C LYS A 644 -23.48 -82.19 -36.93
N PHE A 645 -23.67 -82.41 -35.63
CA PHE A 645 -24.16 -83.69 -35.11
C PHE A 645 -25.65 -83.68 -34.84
N ARG A 646 -26.44 -83.00 -35.67
CA ARG A 646 -27.89 -83.08 -35.58
C ARG A 646 -28.37 -84.44 -36.11
N ASN A 647 -29.70 -84.59 -36.12
CA ASN A 647 -30.54 -85.80 -36.29
C ASN A 647 -29.88 -87.05 -35.70
N THR A 648 -29.48 -86.92 -34.43
CA THR A 648 -28.91 -87.89 -33.53
C THR A 648 -29.68 -87.81 -32.22
N PRO A 649 -29.84 -88.92 -31.47
CA PRO A 649 -30.87 -88.96 -30.42
C PRO A 649 -30.67 -88.01 -29.24
N ILE A 650 -29.43 -87.62 -28.91
CA ILE A 650 -29.23 -86.64 -27.85
C ILE A 650 -29.73 -85.26 -28.29
N VAL A 651 -29.33 -84.83 -29.49
CA VAL A 651 -29.72 -83.52 -29.99
C VAL A 651 -31.22 -83.50 -30.32
N LYS A 652 -31.74 -84.60 -30.87
CA LYS A 652 -33.13 -84.69 -31.29
C LYS A 652 -34.07 -85.01 -30.12
N ALA A 653 -33.53 -85.46 -28.98
CA ALA A 653 -34.36 -85.86 -27.85
C ALA A 653 -35.08 -84.67 -27.22
N THR A 654 -34.34 -83.60 -26.94
CA THR A 654 -34.96 -82.36 -26.50
C THR A 654 -35.36 -81.52 -27.70
N ASN A 655 -35.83 -80.32 -27.45
CA ASN A 655 -36.17 -79.40 -28.54
C ASN A 655 -34.88 -78.89 -29.18
N ARG A 656 -34.71 -79.20 -30.47
CA ARG A 656 -33.52 -78.78 -31.18
C ARG A 656 -33.56 -77.29 -31.50
N GLU A 657 -34.74 -76.76 -31.83
CA GLU A 657 -34.87 -75.36 -32.17
C GLU A 657 -34.77 -74.46 -30.94
N LEU A 658 -35.21 -74.94 -29.78
CA LEU A 658 -35.10 -74.16 -28.56
C LEU A 658 -33.69 -74.16 -28.00
N SER A 659 -32.86 -75.13 -28.39
CA SER A 659 -31.45 -75.13 -27.99
C SER A 659 -30.57 -74.34 -28.93
N TYR A 660 -31.11 -73.87 -30.06
CA TYR A 660 -30.41 -72.90 -30.89
C TYR A 660 -30.68 -71.47 -30.45
N LEU A 661 -31.74 -71.25 -29.68
CA LEU A 661 -32.06 -69.93 -29.15
C LEU A 661 -31.39 -69.68 -27.81
N LEU A 662 -30.81 -70.70 -27.19
CA LEU A 662 -30.07 -70.55 -25.94
C LEU A 662 -28.59 -70.29 -26.17
N LEU A 663 -28.02 -70.86 -27.23
CA LEU A 663 -26.64 -70.61 -27.61
C LEU A 663 -26.47 -69.29 -28.36
N PHE A 664 -27.57 -68.62 -28.69
CA PHE A 664 -27.54 -67.23 -29.12
C PHE A 664 -27.63 -66.29 -27.92
N SER A 665 -28.44 -66.64 -26.91
CA SER A 665 -28.54 -65.84 -25.71
C SER A 665 -27.24 -65.86 -24.91
N LEU A 666 -26.51 -66.97 -24.95
CA LEU A 666 -25.19 -66.98 -24.32
C LEU A 666 -24.17 -66.14 -25.08
N LEU A 667 -24.26 -66.11 -26.41
CA LEU A 667 -23.40 -65.21 -27.20
C LEU A 667 -23.73 -63.75 -26.93
N CYS A 668 -24.99 -63.45 -26.59
CA CYS A 668 -25.34 -62.10 -26.17
C CYS A 668 -24.90 -61.82 -24.73
N CYS A 669 -24.91 -62.84 -23.87
CA CYS A 669 -24.54 -62.64 -22.47
C CYS A 669 -23.04 -62.39 -22.32
N PHE A 670 -22.21 -63.08 -23.10
CA PHE A 670 -20.78 -62.80 -23.06
C PHE A 670 -20.45 -61.44 -23.69
N SER A 671 -21.18 -61.04 -24.72
CA SER A 671 -20.91 -59.76 -25.37
C SER A 671 -21.54 -58.58 -24.66
N SER A 672 -22.42 -58.81 -23.68
CA SER A 672 -23.00 -57.71 -22.93
C SER A 672 -22.10 -57.18 -21.84
N SER A 673 -20.93 -57.79 -21.60
CA SER A 673 -20.00 -57.30 -20.59
C SER A 673 -19.01 -56.29 -21.15
N LEU A 674 -18.97 -56.08 -22.46
CA LEU A 674 -18.06 -55.14 -23.08
C LEU A 674 -18.59 -53.71 -23.06
N PHE A 675 -19.79 -53.49 -22.55
CA PHE A 675 -20.29 -52.13 -22.34
C PHE A 675 -19.77 -51.51 -21.05
N PHE A 676 -19.22 -52.33 -20.15
CA PHE A 676 -18.69 -51.84 -18.89
C PHE A 676 -17.19 -51.57 -18.95
N ILE A 677 -16.56 -51.79 -20.10
CA ILE A 677 -15.13 -51.54 -20.29
C ILE A 677 -14.98 -50.33 -21.21
N GLY A 678 -14.11 -49.41 -20.82
CA GLY A 678 -13.83 -48.23 -21.62
C GLY A 678 -14.30 -46.97 -20.92
N GLU A 679 -14.18 -45.86 -21.64
CA GLU A 679 -14.64 -44.59 -21.12
C GLU A 679 -16.17 -44.51 -21.23
N PRO A 680 -16.86 -44.14 -20.17
CA PRO A 680 -18.33 -43.98 -20.27
C PRO A 680 -18.72 -42.84 -21.18
N GLN A 681 -19.72 -43.11 -22.03
CA GLN A 681 -20.33 -42.12 -22.90
C GLN A 681 -21.85 -42.17 -22.69
N ASP A 682 -22.57 -41.38 -23.49
CA ASP A 682 -24.02 -41.33 -23.34
C ASP A 682 -24.69 -42.60 -23.86
N TRP A 683 -24.22 -43.12 -25.00
CA TRP A 683 -24.86 -44.29 -25.58
C TRP A 683 -24.46 -45.59 -24.88
N THR A 684 -23.24 -45.67 -24.33
CA THR A 684 -22.83 -46.87 -23.61
C THR A 684 -23.59 -47.00 -22.30
N CYS A 685 -23.77 -45.90 -21.57
CA CYS A 685 -24.47 -45.95 -20.30
C CYS A 685 -25.99 -45.98 -20.47
N ARG A 686 -26.49 -45.79 -21.68
CA ARG A 686 -27.92 -45.95 -21.95
C ARG A 686 -28.27 -47.35 -22.41
N LEU A 687 -27.29 -48.13 -22.85
CA LEU A 687 -27.48 -49.52 -23.25
C LEU A 687 -26.73 -50.50 -22.35
N ARG A 688 -26.11 -50.01 -21.28
CA ARG A 688 -25.31 -50.86 -20.40
C ARG A 688 -26.16 -51.87 -19.64
N GLN A 689 -27.22 -51.39 -18.99
CA GLN A 689 -28.14 -52.23 -18.20
C GLN A 689 -29.21 -52.98 -19.01
N PRO A 690 -29.90 -52.39 -20.02
CA PRO A 690 -30.88 -53.20 -20.77
C PRO A 690 -30.31 -54.39 -21.52
N ALA A 691 -29.05 -54.33 -21.97
CA ALA A 691 -28.45 -55.46 -22.67
C ALA A 691 -28.32 -56.67 -21.76
N PHE A 692 -27.78 -56.45 -20.56
CA PHE A 692 -27.70 -57.49 -19.53
C PHE A 692 -29.09 -58.00 -19.17
N GLY A 693 -30.06 -57.09 -19.04
CA GLY A 693 -31.41 -57.49 -18.67
C GLY A 693 -32.08 -58.39 -19.70
N ILE A 694 -32.06 -57.98 -20.98
CA ILE A 694 -32.78 -58.75 -22.00
C ILE A 694 -32.04 -60.06 -22.30
N SER A 695 -30.69 -60.04 -22.29
CA SER A 695 -29.95 -61.27 -22.57
C SER A 695 -30.12 -62.30 -21.47
N PHE A 696 -30.13 -61.86 -20.20
CA PHE A 696 -30.30 -62.83 -19.13
C PHE A 696 -31.74 -63.31 -19.01
N VAL A 697 -32.74 -62.46 -19.30
CA VAL A 697 -34.11 -62.98 -19.23
C VAL A 697 -34.38 -63.94 -20.38
N LEU A 698 -33.78 -63.71 -21.55
CA LEU A 698 -33.88 -64.68 -22.65
C LEU A 698 -33.19 -65.99 -22.30
N CYS A 699 -32.00 -65.93 -21.69
CA CYS A 699 -31.27 -67.13 -21.37
C CYS A 699 -31.92 -67.94 -20.25
N ILE A 700 -32.60 -67.29 -19.31
CA ILE A 700 -33.29 -68.01 -18.25
C ILE A 700 -34.65 -68.52 -18.72
N SER A 701 -35.35 -67.77 -19.59
CA SER A 701 -36.61 -68.24 -20.14
C SER A 701 -36.43 -69.40 -21.11
N CYS A 702 -35.27 -69.52 -21.77
CA CYS A 702 -35.05 -70.70 -22.60
C CYS A 702 -34.71 -71.95 -21.79
N ILE A 703 -34.35 -71.81 -20.52
CA ILE A 703 -34.14 -72.96 -19.64
C ILE A 703 -35.44 -73.33 -18.93
N LEU A 704 -36.26 -72.32 -18.62
CA LEU A 704 -37.50 -72.53 -17.87
C LEU A 704 -38.51 -73.40 -18.62
N VAL A 705 -38.60 -73.24 -19.94
CA VAL A 705 -39.57 -73.98 -20.74
C VAL A 705 -38.93 -75.15 -21.47
N LYS A 706 -37.75 -75.60 -21.02
CA LYS A 706 -37.02 -76.66 -21.70
C LYS A 706 -37.08 -77.99 -20.98
N THR A 707 -37.31 -77.99 -19.66
CA THR A 707 -37.30 -79.22 -18.87
C THR A 707 -38.46 -80.15 -19.20
N ASN A 708 -39.57 -79.62 -19.75
CA ASN A 708 -40.71 -80.31 -20.36
C ASN A 708 -41.57 -81.06 -19.34
N ARG A 709 -41.19 -81.09 -18.05
CA ARG A 709 -41.96 -81.83 -17.06
C ARG A 709 -43.26 -81.11 -16.72
N VAL A 710 -43.20 -79.79 -16.53
CA VAL A 710 -44.39 -79.01 -16.17
C VAL A 710 -44.58 -77.86 -17.14
N LEU A 711 -44.12 -78.03 -18.37
CA LEU A 711 -44.20 -77.00 -19.39
C LEU A 711 -45.35 -77.23 -20.38
N LEU A 712 -45.43 -78.42 -20.96
CA LEU A 712 -46.48 -78.75 -21.91
C LEU A 712 -47.56 -79.65 -21.31
N VAL A 713 -47.32 -80.22 -20.12
CA VAL A 713 -48.30 -81.08 -19.47
C VAL A 713 -48.98 -80.37 -18.29
N PHE A 714 -48.83 -79.05 -18.20
CA PHE A 714 -49.47 -78.28 -17.14
C PHE A 714 -50.07 -77.00 -17.68
N LEU A 729 -42.84 -76.26 -31.50
CA LEU A 729 -42.73 -74.80 -31.51
C LEU A 729 -44.08 -74.15 -31.28
N ASN A 730 -44.92 -74.80 -30.48
CA ASN A 730 -46.25 -74.27 -30.20
C ASN A 730 -46.26 -73.36 -28.98
N LEU A 731 -45.88 -73.89 -27.81
CA LEU A 731 -46.01 -73.17 -26.55
C LEU A 731 -44.70 -72.65 -25.98
N GLN A 732 -43.58 -73.31 -26.28
CA GLN A 732 -42.30 -72.91 -25.70
C GLN A 732 -41.86 -71.54 -26.19
N PHE A 733 -41.98 -71.30 -27.50
CA PHE A 733 -41.61 -69.99 -28.04
C PHE A 733 -42.58 -68.91 -27.60
N LEU A 734 -43.86 -69.24 -27.46
CA LEU A 734 -44.83 -68.27 -26.98
C LEU A 734 -44.77 -68.03 -25.48
N LEU A 735 -44.02 -68.85 -24.73
CA LEU A 735 -43.68 -68.52 -23.35
C LEU A 735 -42.32 -67.84 -23.22
N VAL A 736 -41.43 -68.02 -24.18
CA VAL A 736 -40.20 -67.23 -24.21
C VAL A 736 -40.50 -65.78 -24.59
N PHE A 737 -41.38 -65.58 -25.58
CA PHE A 737 -41.64 -64.25 -26.13
C PHE A 737 -42.29 -63.33 -25.11
N LEU A 738 -43.24 -63.84 -24.32
CA LEU A 738 -43.89 -63.01 -23.31
C LEU A 738 -42.92 -62.61 -22.20
N CYS A 739 -42.08 -63.54 -21.77
CA CYS A 739 -41.13 -63.26 -20.69
C CYS A 739 -40.05 -62.29 -21.13
N THR A 740 -39.64 -62.31 -22.41
CA THR A 740 -38.69 -61.28 -22.83
C THR A 740 -39.38 -59.94 -23.14
N PHE A 741 -40.64 -59.97 -23.60
CA PHE A 741 -41.36 -58.74 -23.90
C PHE A 741 -41.71 -57.95 -22.65
N MET A 742 -41.94 -58.64 -21.52
CA MET A 742 -42.25 -57.96 -20.27
C MET A 742 -41.06 -57.17 -19.74
N GLN A 743 -39.83 -57.49 -20.16
CA GLN A 743 -38.67 -56.69 -19.82
C GLN A 743 -38.31 -55.68 -20.90
N ILE A 744 -38.62 -55.99 -22.16
CA ILE A 744 -38.45 -55.00 -23.24
C ILE A 744 -39.32 -53.77 -23.00
N VAL A 745 -40.56 -53.96 -22.54
CA VAL A 745 -41.45 -52.82 -22.29
C VAL A 745 -40.94 -51.96 -21.14
N ILE A 746 -40.33 -52.59 -20.12
CA ILE A 746 -39.71 -51.84 -19.02
C ILE A 746 -38.52 -51.04 -19.53
N CYS A 747 -37.68 -51.65 -20.38
CA CYS A 747 -36.51 -50.96 -20.92
C CYS A 747 -36.88 -49.88 -21.93
N VAL A 748 -38.08 -49.90 -22.50
CA VAL A 748 -38.53 -48.78 -23.34
C VAL A 748 -39.10 -47.64 -22.50
N ILE A 749 -39.90 -47.97 -21.47
CA ILE A 749 -40.47 -46.95 -20.59
C ILE A 749 -39.39 -46.21 -19.82
N TRP A 750 -38.34 -46.95 -19.38
CA TRP A 750 -37.24 -46.32 -18.66
C TRP A 750 -36.47 -45.35 -19.54
N LEU A 751 -36.18 -45.72 -20.79
CA LEU A 751 -35.40 -44.85 -21.65
C LEU A 751 -36.23 -43.74 -22.27
N TYR A 752 -37.55 -43.84 -22.27
CA TYR A 752 -38.40 -42.76 -22.77
C TYR A 752 -39.06 -41.96 -21.65
N THR A 753 -38.72 -42.23 -20.40
CA THR A 753 -39.20 -41.43 -19.29
C THR A 753 -38.07 -40.79 -18.48
N ALA A 754 -37.03 -41.56 -18.14
CA ALA A 754 -35.91 -41.04 -17.34
C ALA A 754 -34.65 -41.74 -17.79
N PRO A 755 -33.96 -41.21 -18.79
CA PRO A 755 -32.79 -41.90 -19.35
C PRO A 755 -31.58 -41.75 -18.44
N PRO A 756 -30.63 -42.68 -18.50
CA PRO A 756 -29.36 -42.49 -17.80
C PRO A 756 -28.44 -41.59 -18.61
N SER A 757 -27.37 -41.13 -17.95
CA SER A 757 -26.48 -40.16 -18.57
C SER A 757 -25.08 -40.31 -18.00
N SER A 758 -24.12 -39.68 -18.66
CA SER A 758 -22.74 -39.65 -18.19
C SER A 758 -22.53 -38.45 -17.28
N TYR A 759 -21.46 -38.52 -16.48
CA TYR A 759 -21.20 -37.47 -15.49
C TYR A 759 -19.73 -37.48 -15.14
N ARG A 760 -19.04 -36.37 -15.36
CA ARG A 760 -17.69 -36.17 -14.85
C ARG A 760 -17.79 -35.41 -13.53
N ASN A 761 -17.18 -35.97 -12.49
CA ASN A 761 -17.27 -35.41 -11.15
C ASN A 761 -15.90 -35.25 -10.54
N GLN A 762 -15.74 -34.15 -9.79
CA GLN A 762 -14.48 -33.76 -9.17
C GLN A 762 -14.60 -33.60 -7.66
N GLU A 763 -15.70 -34.06 -7.06
CA GLU A 763 -15.98 -33.70 -5.67
C GLU A 763 -15.27 -34.59 -4.66
N LEU A 764 -14.90 -35.82 -5.02
CA LEU A 764 -14.18 -36.66 -4.07
C LEU A 764 -12.76 -36.15 -3.82
N GLU A 765 -12.00 -35.92 -4.89
CA GLU A 765 -10.62 -35.49 -4.79
C GLU A 765 -10.37 -34.32 -5.72
N ASP A 766 -9.47 -33.43 -5.31
CA ASP A 766 -9.13 -32.25 -6.09
C ASP A 766 -8.02 -32.50 -7.10
N GLU A 767 -7.50 -33.73 -7.17
CA GLU A 767 -6.46 -34.08 -8.12
C GLU A 767 -6.95 -34.96 -9.26
N ILE A 768 -8.07 -35.66 -9.10
CA ILE A 768 -8.52 -36.70 -10.02
C ILE A 768 -9.98 -36.46 -10.37
N ILE A 769 -10.28 -36.43 -11.67
CA ILE A 769 -11.65 -36.39 -12.18
C ILE A 769 -12.09 -37.82 -12.43
N PHE A 770 -13.32 -38.16 -12.01
CA PHE A 770 -13.89 -39.46 -12.28
C PHE A 770 -14.99 -39.32 -13.32
N ILE A 771 -15.07 -40.28 -14.24
CA ILE A 771 -16.15 -40.33 -15.23
C ILE A 771 -17.03 -41.51 -14.87
N THR A 772 -18.22 -41.22 -14.34
CA THR A 772 -19.20 -42.22 -13.94
C THR A 772 -20.50 -41.95 -14.70
N CYS A 773 -21.56 -42.64 -14.30
CA CYS A 773 -22.84 -42.49 -14.98
C CYS A 773 -23.98 -42.45 -13.97
N HIS A 774 -24.86 -41.48 -14.13
CA HIS A 774 -26.11 -41.44 -13.39
C HIS A 774 -27.14 -42.35 -14.04
N GLU A 775 -27.79 -43.18 -13.24
CA GLU A 775 -28.74 -44.15 -13.74
C GLU A 775 -30.15 -43.62 -13.87
N GLY A 776 -30.37 -42.34 -13.55
CA GLY A 776 -31.71 -41.80 -13.63
C GLY A 776 -32.58 -42.34 -12.50
N SER A 777 -33.72 -42.90 -12.86
CA SER A 777 -34.62 -43.48 -11.86
C SER A 777 -34.05 -44.78 -11.32
N LEU A 778 -34.15 -44.96 -10.01
CA LEU A 778 -33.71 -46.19 -9.37
C LEU A 778 -34.80 -47.26 -9.33
N MET A 779 -36.07 -46.86 -9.48
CA MET A 779 -37.15 -47.84 -9.49
C MET A 779 -37.09 -48.73 -10.73
N ALA A 780 -36.85 -48.14 -11.90
CA ALA A 780 -36.71 -48.91 -13.11
C ALA A 780 -35.41 -49.70 -13.16
N LEU A 781 -34.43 -49.34 -12.34
CA LEU A 781 -33.25 -50.18 -12.17
C LEU A 781 -33.52 -51.34 -11.23
N GLY A 782 -34.35 -51.13 -10.22
CA GLY A 782 -34.70 -52.23 -9.32
C GLY A 782 -35.63 -53.24 -9.96
N PHE A 783 -36.48 -52.79 -10.89
CA PHE A 783 -37.43 -53.69 -11.55
C PHE A 783 -36.72 -54.75 -12.39
N LEU A 784 -35.64 -54.37 -13.09
CA LEU A 784 -34.90 -55.31 -13.94
C LEU A 784 -34.29 -56.44 -13.12
N ILE A 785 -33.59 -56.07 -12.04
CA ILE A 785 -32.92 -57.06 -11.20
C ILE A 785 -33.95 -57.91 -10.46
N GLY A 786 -35.05 -57.30 -10.01
CA GLY A 786 -36.08 -58.07 -9.33
C GLY A 786 -36.77 -59.07 -10.24
N TYR A 787 -37.08 -58.67 -11.47
CA TYR A 787 -37.71 -59.57 -12.42
C TYR A 787 -36.77 -60.70 -12.85
N THR A 788 -35.48 -60.38 -13.04
CA THR A 788 -34.50 -61.39 -13.40
C THR A 788 -34.30 -62.41 -12.28
N CYS A 789 -34.19 -61.95 -11.03
CA CYS A 789 -34.03 -62.87 -9.92
C CYS A 789 -35.31 -63.65 -9.64
N LEU A 790 -36.48 -63.07 -9.91
CA LEU A 790 -37.73 -63.81 -9.79
C LEU A 790 -37.81 -64.95 -10.79
N LEU A 791 -37.44 -64.68 -12.05
CA LEU A 791 -37.46 -65.75 -13.04
C LEU A 791 -36.35 -66.76 -12.83
N ALA A 792 -35.25 -66.37 -12.18
CA ALA A 792 -34.22 -67.33 -11.82
C ALA A 792 -34.57 -68.13 -10.56
N ALA A 793 -35.51 -67.63 -9.74
CA ALA A 793 -35.93 -68.35 -8.55
C ALA A 793 -37.06 -69.34 -8.84
N ILE A 794 -37.97 -68.98 -9.75
CA ILE A 794 -39.04 -69.91 -10.14
C ILE A 794 -38.45 -71.15 -10.82
N CYS A 795 -37.44 -70.96 -11.67
CA CYS A 795 -36.78 -72.09 -12.32
C CYS A 795 -36.03 -72.96 -11.32
N PHE A 796 -35.41 -72.35 -10.31
CA PHE A 796 -34.70 -73.09 -9.27
C PHE A 796 -35.69 -73.94 -8.47
N PHE A 797 -36.83 -73.35 -8.09
CA PHE A 797 -37.85 -74.10 -7.35
C PHE A 797 -38.44 -75.23 -8.18
N PHE A 798 -38.68 -74.98 -9.48
CA PHE A 798 -39.26 -76.02 -10.32
C PHE A 798 -38.25 -77.10 -10.70
N ALA A 799 -36.95 -76.82 -10.64
CA ALA A 799 -35.94 -77.82 -10.98
C ALA A 799 -35.41 -78.56 -9.76
N PHE A 800 -35.60 -78.02 -8.55
CA PHE A 800 -35.17 -78.74 -7.35
C PHE A 800 -36.07 -79.95 -7.09
N LYS A 801 -37.33 -79.89 -7.53
CA LYS A 801 -38.28 -80.98 -7.31
C LYS A 801 -38.12 -82.14 -8.29
N SER A 802 -37.08 -82.13 -9.13
CA SER A 802 -36.90 -83.21 -10.10
C SER A 802 -35.46 -83.68 -10.17
N ARG A 803 -34.69 -83.53 -9.09
CA ARG A 803 -33.28 -83.86 -9.10
C ARG A 803 -33.04 -85.38 -9.19
N LYS A 804 -33.94 -86.18 -8.60
CA LYS A 804 -33.76 -87.62 -8.59
C LYS A 804 -34.22 -88.27 -9.90
N LEU A 805 -35.19 -87.67 -10.58
CA LEU A 805 -35.78 -88.17 -11.82
C LEU A 805 -34.74 -88.22 -12.94
N PRO A 806 -34.35 -89.41 -13.39
CA PRO A 806 -33.37 -89.50 -14.48
C PRO A 806 -34.02 -89.39 -15.85
N GLU A 807 -33.74 -88.32 -16.57
CA GLU A 807 -34.26 -88.15 -17.93
C GLU A 807 -33.35 -87.18 -18.68
N ASN A 808 -32.91 -87.59 -19.87
CA ASN A 808 -31.93 -86.88 -20.69
C ASN A 808 -30.66 -86.59 -19.89
N PHE A 809 -30.15 -87.66 -19.26
CA PHE A 809 -28.89 -87.67 -18.51
C PHE A 809 -28.92 -86.66 -17.35
N ASN A 810 -29.84 -86.94 -16.41
CA ASN A 810 -30.15 -86.23 -15.14
C ASN A 810 -29.97 -84.71 -15.23
N GLU A 811 -30.75 -84.12 -16.14
CA GLU A 811 -30.57 -82.73 -16.53
C GLU A 811 -31.01 -81.75 -15.45
N ALA A 812 -32.02 -82.12 -14.65
CA ALA A 812 -32.55 -81.21 -13.64
C ALA A 812 -31.54 -80.95 -12.52
N LYS A 813 -30.66 -81.91 -12.25
CA LYS A 813 -29.57 -81.69 -11.30
C LYS A 813 -28.61 -80.60 -11.80
N PHE A 814 -28.28 -80.63 -13.09
CA PHE A 814 -27.41 -79.60 -13.65
C PHE A 814 -28.10 -78.25 -13.75
N ILE A 815 -29.42 -78.24 -14.00
CA ILE A 815 -30.17 -76.99 -14.00
C ILE A 815 -30.21 -76.39 -12.60
N THR A 816 -30.38 -77.24 -11.58
CA THR A 816 -30.33 -76.80 -10.18
C THR A 816 -28.96 -76.25 -9.83
N PHE A 817 -27.89 -76.90 -10.29
CA PHE A 817 -26.53 -76.41 -10.04
C PHE A 817 -26.28 -75.06 -10.69
N SER A 818 -26.75 -74.88 -11.94
CA SER A 818 -26.58 -73.61 -12.64
C SER A 818 -27.33 -72.47 -11.94
N MET A 819 -28.57 -72.74 -11.53
CA MET A 819 -29.35 -71.72 -10.83
C MET A 819 -28.83 -71.45 -9.42
N LEU A 820 -28.09 -72.40 -8.84
CA LEU A 820 -27.40 -72.13 -7.58
C LEU A 820 -26.17 -71.24 -7.79
N ILE A 821 -25.40 -71.52 -8.86
CA ILE A 821 -24.19 -70.74 -9.15
C ILE A 821 -24.52 -69.29 -9.46
N PHE A 822 -25.65 -69.06 -10.14
CA PHE A 822 -26.13 -67.69 -10.41
C PHE A 822 -26.33 -66.90 -9.13
N PHE A 823 -27.00 -67.51 -8.14
CA PHE A 823 -27.26 -66.83 -6.88
C PHE A 823 -25.99 -66.66 -6.04
N ILE A 824 -25.07 -67.63 -6.10
CA ILE A 824 -23.77 -67.48 -5.41
C ILE A 824 -22.99 -66.30 -5.98
N VAL A 825 -22.98 -66.14 -7.31
CA VAL A 825 -22.28 -65.01 -7.92
C VAL A 825 -22.93 -63.69 -7.55
N TRP A 826 -24.26 -63.64 -7.48
CA TRP A 826 -24.94 -62.39 -7.09
C TRP A 826 -24.64 -62.00 -5.64
N ILE A 827 -24.74 -62.97 -4.72
CA ILE A 827 -24.50 -62.71 -3.30
C ILE A 827 -23.02 -62.37 -3.05
N SER A 828 -22.10 -63.00 -3.78
CA SER A 828 -20.70 -62.60 -3.68
C SER A 828 -20.45 -61.23 -4.29
N PHE A 829 -21.24 -60.84 -5.29
CA PHE A 829 -21.05 -59.55 -5.96
C PHE A 829 -21.46 -58.39 -5.06
N ILE A 830 -22.54 -58.56 -4.27
CA ILE A 830 -23.15 -57.38 -3.64
C ILE A 830 -22.32 -56.73 -2.52
N PRO A 831 -21.42 -57.41 -1.78
CA PRO A 831 -20.43 -56.62 -1.02
C PRO A 831 -19.43 -55.84 -1.86
N ALA A 832 -18.86 -56.48 -2.89
CA ALA A 832 -17.71 -55.93 -3.60
C ALA A 832 -18.07 -54.71 -4.44
N TYR A 833 -19.33 -54.55 -4.82
CA TYR A 833 -19.74 -53.34 -5.53
C TYR A 833 -19.73 -52.15 -4.58
N ALA A 834 -20.12 -52.34 -3.33
CA ALA A 834 -20.19 -51.27 -2.36
C ALA A 834 -18.92 -51.13 -1.53
N SER A 835 -17.90 -51.95 -1.78
CA SER A 835 -16.64 -51.82 -1.06
C SER A 835 -15.50 -51.21 -1.87
N THR A 836 -15.61 -51.18 -3.20
CA THR A 836 -14.52 -50.71 -4.05
C THR A 836 -14.65 -49.22 -4.37
N TYR A 837 -13.57 -48.66 -4.90
CA TYR A 837 -13.45 -47.26 -5.26
C TYR A 837 -13.76 -47.09 -6.75
N GLY A 838 -13.52 -45.89 -7.27
CA GLY A 838 -13.58 -45.68 -8.71
C GLY A 838 -12.49 -46.44 -9.43
N LYS A 839 -12.79 -46.79 -10.71
CA LYS A 839 -11.98 -47.55 -11.67
C LYS A 839 -11.90 -49.03 -11.33
N PHE A 840 -12.36 -49.41 -10.13
CA PHE A 840 -12.46 -50.80 -9.73
C PHE A 840 -13.89 -51.20 -9.44
N VAL A 841 -14.83 -50.26 -9.54
CA VAL A 841 -16.25 -50.58 -9.40
C VAL A 841 -16.83 -51.08 -10.72
N SER A 842 -16.19 -50.73 -11.84
CA SER A 842 -16.50 -51.34 -13.14
C SER A 842 -15.64 -52.56 -13.41
N ALA A 843 -14.85 -52.99 -12.43
CA ALA A 843 -14.06 -54.20 -12.52
C ALA A 843 -14.76 -55.40 -11.89
N VAL A 844 -15.74 -55.17 -11.04
CA VAL A 844 -16.48 -56.27 -10.43
C VAL A 844 -17.67 -56.66 -11.30
N GLU A 845 -18.25 -55.71 -12.02
CA GLU A 845 -19.41 -55.94 -12.87
C GLU A 845 -19.07 -56.69 -14.14
N VAL A 846 -17.79 -56.85 -14.47
CA VAL A 846 -17.41 -57.69 -15.60
C VAL A 846 -17.21 -59.13 -15.17
N ILE A 847 -16.55 -59.34 -14.02
CA ILE A 847 -16.36 -60.69 -13.50
C ILE A 847 -17.68 -61.29 -13.02
N ALA A 848 -18.61 -60.47 -12.52
CA ALA A 848 -19.90 -60.99 -12.12
C ALA A 848 -20.77 -61.44 -13.30
N ILE A 849 -20.55 -60.87 -14.48
CA ILE A 849 -21.22 -61.34 -15.68
C ILE A 849 -20.50 -62.55 -16.27
N LEU A 850 -19.17 -62.52 -16.30
CA LEU A 850 -18.41 -63.62 -16.86
C LEU A 850 -18.35 -64.86 -15.96
N ALA A 851 -18.81 -64.77 -14.72
CA ALA A 851 -18.95 -65.96 -13.90
C ALA A 851 -20.30 -66.63 -14.07
N ALA A 852 -21.38 -65.84 -14.10
CA ALA A 852 -22.71 -66.38 -14.35
C ALA A 852 -22.83 -66.93 -15.76
N SER A 853 -22.17 -66.28 -16.74
CA SER A 853 -22.25 -66.75 -18.12
C SER A 853 -21.51 -68.07 -18.31
N PHE A 854 -20.41 -68.29 -17.58
CA PHE A 854 -19.75 -69.59 -17.63
C PHE A 854 -20.49 -70.64 -16.81
N GLY A 855 -21.14 -70.24 -15.72
CA GLY A 855 -21.89 -71.21 -14.93
C GLY A 855 -23.21 -71.63 -15.54
N LEU A 856 -23.78 -70.81 -16.41
CA LEU A 856 -24.97 -71.21 -17.17
C LEU A 856 -24.64 -71.92 -18.48
N LEU A 857 -23.36 -72.14 -18.75
CA LEU A 857 -22.93 -72.92 -19.91
C LEU A 857 -22.28 -74.25 -19.51
N ALA A 858 -21.47 -74.25 -18.45
CA ALA A 858 -20.75 -75.46 -18.06
C ALA A 858 -21.68 -76.52 -17.50
N CYS A 859 -22.76 -76.12 -16.82
CA CYS A 859 -23.68 -77.10 -16.27
C CYS A 859 -24.49 -77.78 -17.36
N ILE A 860 -24.90 -77.04 -18.39
CA ILE A 860 -25.84 -77.56 -19.37
C ILE A 860 -25.13 -78.21 -20.56
N PHE A 861 -24.13 -77.54 -21.15
CA PHE A 861 -23.66 -77.95 -22.48
C PHE A 861 -22.27 -78.59 -22.49
N PHE A 862 -21.83 -79.22 -21.39
CA PHE A 862 -20.58 -79.98 -21.43
C PHE A 862 -20.73 -81.48 -21.30
N ASN A 863 -21.66 -81.97 -20.47
CA ASN A 863 -21.82 -83.42 -20.27
C ASN A 863 -22.34 -84.05 -21.55
N LYS A 864 -23.30 -83.38 -22.20
CA LYS A 864 -23.83 -83.86 -23.46
C LYS A 864 -22.77 -83.82 -24.56
N ILE A 865 -21.96 -82.77 -24.59
CA ILE A 865 -20.89 -82.65 -25.58
C ILE A 865 -19.83 -83.74 -25.37
N TYR A 866 -19.55 -84.08 -24.11
CA TYR A 866 -18.62 -85.16 -23.81
C TYR A 866 -19.16 -86.50 -24.31
N ILE A 867 -20.46 -86.76 -24.14
CA ILE A 867 -21.01 -88.03 -24.62
C ILE A 867 -21.07 -88.07 -26.15
N ILE A 868 -21.46 -86.98 -26.80
CA ILE A 868 -21.54 -86.96 -28.27
C ILE A 868 -20.16 -87.09 -28.90
N LEU A 869 -19.18 -86.34 -28.39
CA LEU A 869 -17.92 -86.18 -29.12
C LEU A 869 -16.90 -87.27 -28.79
N PHE A 870 -16.63 -87.50 -27.51
CA PHE A 870 -15.55 -88.37 -27.08
C PHE A 870 -16.00 -89.84 -27.02
N LYS A 871 -15.18 -90.66 -26.37
CA LYS A 871 -15.31 -92.12 -26.40
C LYS A 871 -16.65 -92.72 -25.97
N PRO A 872 -17.49 -92.11 -25.08
CA PRO A 872 -18.85 -92.66 -24.92
C PRO A 872 -19.80 -92.52 -26.11
N SER A 873 -19.34 -92.03 -27.27
CA SER A 873 -20.16 -91.99 -28.46
C SER A 873 -20.44 -93.36 -29.06
N ARG A 874 -19.75 -94.41 -28.61
CA ARG A 874 -19.93 -95.73 -29.22
C ARG A 874 -21.26 -96.35 -28.83
N ASN A 875 -21.67 -96.25 -27.57
CA ASN A 875 -22.83 -96.99 -27.11
C ASN A 875 -23.83 -96.15 -26.32
N THR A 876 -23.37 -95.07 -25.69
CA THR A 876 -24.25 -94.31 -24.79
C THR A 876 -25.25 -93.46 -25.56
N ILE A 877 -24.86 -92.92 -26.72
CA ILE A 877 -25.78 -92.15 -27.56
C ILE A 877 -26.63 -93.11 -28.39
N GLU A 878 -27.84 -93.37 -27.90
CA GLU A 878 -28.83 -94.19 -28.59
C GLU A 878 -30.20 -93.87 -28.02
N GLU A 879 -31.23 -94.23 -28.78
CA GLU A 879 -32.60 -94.02 -28.32
C GLU A 879 -33.02 -94.98 -27.22
N VAL A 880 -32.32 -96.12 -27.09
CA VAL A 880 -32.54 -97.01 -25.95
C VAL A 880 -32.10 -96.33 -24.66
N ARG A 881 -30.96 -95.64 -24.70
CA ARG A 881 -30.52 -94.83 -23.59
C ARG A 881 -31.22 -93.46 -23.67
N CYS A 882 -30.85 -92.55 -22.76
CA CYS A 882 -31.48 -91.23 -22.51
C CYS A 882 -33.00 -91.31 -22.38
N SER A 883 -33.50 -92.43 -21.84
CA SER A 883 -34.90 -92.60 -21.49
C SER A 883 -35.11 -92.87 -20.01
N THR A 884 -34.09 -93.39 -19.32
CA THR A 884 -34.17 -93.62 -17.88
C THR A 884 -33.06 -92.83 -17.18
N TYR B 28 13.05 64.26 -1.52
CA TYR B 28 13.68 63.54 -0.41
C TYR B 28 13.22 62.09 -0.39
N GLY B 29 12.62 61.64 -1.49
CA GLY B 29 12.09 60.30 -1.58
C GLY B 29 10.90 60.24 -2.53
N PRO B 30 9.95 59.33 -2.25
CA PRO B 30 8.71 59.30 -3.02
C PRO B 30 7.89 60.58 -2.81
N ASP B 31 7.16 60.95 -3.87
CA ASP B 31 6.48 62.25 -3.87
C ASP B 31 5.20 62.15 -3.03
N GLN B 32 4.38 61.14 -3.28
CA GLN B 32 3.10 61.00 -2.59
C GLN B 32 3.34 60.31 -1.26
N ARG B 33 3.04 61.01 -0.16
CA ARG B 33 3.40 60.56 1.17
C ARG B 33 2.49 61.22 2.18
N ALA B 34 2.45 60.66 3.39
CA ALA B 34 1.79 61.28 4.53
C ALA B 34 2.84 61.52 5.59
N GLN B 35 3.12 62.79 5.90
CA GLN B 35 4.14 63.09 6.89
C GLN B 35 3.70 64.21 7.81
N LYS B 36 4.21 64.14 9.04
CA LYS B 36 3.98 65.16 10.06
C LYS B 36 5.20 65.19 10.98
N LYS B 37 5.58 66.39 11.40
CA LYS B 37 6.84 66.62 12.11
C LYS B 37 6.64 66.54 13.62
N GLY B 38 7.69 66.11 14.31
CA GLY B 38 7.65 66.00 15.75
C GLY B 38 9.03 65.70 16.29
N ASP B 39 9.08 65.44 17.61
CA ASP B 39 10.35 65.16 18.27
C ASP B 39 10.89 63.79 17.89
N ILE B 40 10.02 62.80 17.73
CA ILE B 40 10.40 61.43 17.41
C ILE B 40 9.64 60.98 16.18
N ILE B 41 10.36 60.48 15.18
CA ILE B 41 9.78 60.11 13.89
C ILE B 41 9.61 58.60 13.84
N LEU B 42 8.43 58.14 13.44
CA LEU B 42 8.19 56.76 13.06
C LEU B 42 7.99 56.67 11.55
N GLY B 43 8.20 55.47 11.01
CA GLY B 43 7.96 55.20 9.61
C GLY B 43 6.92 54.11 9.44
N GLY B 44 6.43 53.98 8.22
CA GLY B 44 5.44 52.96 7.92
C GLY B 44 5.42 52.64 6.44
N LEU B 45 4.81 51.50 6.12
CA LEU B 45 4.72 51.02 4.74
C LEU B 45 3.41 50.28 4.56
N PHE B 46 2.54 50.78 3.68
CA PHE B 46 1.21 50.22 3.48
C PHE B 46 0.92 50.03 2.00
N PRO B 47 0.09 49.03 1.64
CA PRO B 47 -0.41 48.93 0.26
C PRO B 47 -1.62 49.81 0.02
N ILE B 48 -1.41 50.88 -0.74
CA ILE B 48 -2.52 51.72 -1.16
C ILE B 48 -3.00 51.26 -2.53
N HIS B 49 -2.16 50.57 -3.29
CA HIS B 49 -2.54 50.00 -4.58
C HIS B 49 -2.27 48.51 -4.61
N PHE B 50 -2.94 47.82 -5.54
CA PHE B 50 -2.82 46.37 -5.64
C PHE B 50 -1.64 45.91 -6.48
N GLY B 51 -1.04 46.79 -7.28
CA GLY B 51 0.11 46.39 -8.06
C GLY B 51 0.50 47.48 -9.03
N VAL B 52 1.53 47.17 -9.82
CA VAL B 52 2.10 48.12 -10.76
C VAL B 52 1.57 47.84 -12.16
N ALA B 53 1.77 48.78 -13.07
CA ALA B 53 1.29 48.63 -14.44
C ALA B 53 2.11 47.60 -15.19
N ALA B 54 1.42 46.66 -15.84
CA ALA B 54 2.06 45.56 -16.55
C ALA B 54 2.56 46.07 -17.90
N LYS B 55 3.84 46.41 -17.97
CA LYS B 55 4.47 46.87 -19.19
C LYS B 55 5.79 46.15 -19.37
N ASP B 56 6.22 46.05 -20.63
CA ASP B 56 7.48 45.39 -20.97
C ASP B 56 8.52 46.44 -21.34
N GLN B 57 9.67 46.38 -20.67
CA GLN B 57 10.74 47.34 -20.90
C GLN B 57 11.65 46.80 -22.00
N ASP B 58 11.55 47.40 -23.19
CA ASP B 58 12.41 47.03 -24.30
C ASP B 58 13.80 47.63 -24.19
N LEU B 59 13.98 48.64 -23.33
CA LEU B 59 15.24 49.32 -23.07
C LEU B 59 15.84 49.96 -24.33
N LYS B 60 14.97 50.47 -25.20
CA LYS B 60 15.45 51.28 -26.31
C LYS B 60 15.70 52.73 -25.90
N SER B 61 15.18 53.14 -24.76
CA SER B 61 15.37 54.48 -24.23
C SER B 61 15.57 54.38 -22.73
N ARG B 62 15.70 55.54 -22.08
CA ARG B 62 15.94 55.60 -20.65
C ARG B 62 14.72 55.06 -19.89
N PRO B 63 14.92 54.18 -18.90
CA PRO B 63 13.77 53.62 -18.18
C PRO B 63 13.11 54.65 -17.28
N GLU B 64 11.78 54.61 -17.26
CA GLU B 64 10.97 55.56 -16.51
C GLU B 64 10.27 54.84 -15.37
N SER B 65 9.86 55.61 -14.36
CA SER B 65 9.17 55.08 -13.20
C SER B 65 7.79 54.54 -13.58
N VAL B 66 7.37 53.50 -12.87
CA VAL B 66 6.16 52.77 -13.20
C VAL B 66 4.97 53.36 -12.44
N GLU B 67 3.77 53.04 -12.92
CA GLU B 67 2.53 53.50 -12.31
C GLU B 67 1.82 52.34 -11.61
N CYS B 68 1.08 52.68 -10.55
CA CYS B 68 0.29 51.72 -9.80
C CYS B 68 -1.19 51.89 -10.16
N ILE B 69 -1.90 50.76 -10.29
CA ILE B 69 -3.16 50.77 -11.02
C ILE B 69 -4.39 50.89 -10.12
N ARG B 70 -4.65 49.88 -9.30
CA ARG B 70 -5.97 49.69 -8.70
C ARG B 70 -5.97 50.19 -7.27
N TYR B 71 -6.96 51.00 -6.91
CA TYR B 71 -7.00 51.57 -5.57
C TYR B 71 -7.49 50.55 -4.56
N ASN B 72 -6.87 50.59 -3.37
CA ASN B 72 -7.17 49.67 -2.28
C ASN B 72 -7.68 50.49 -1.11
N PHE B 73 -8.92 50.22 -0.69
CA PHE B 73 -9.55 50.98 0.39
C PHE B 73 -9.28 50.39 1.77
N ARG B 74 -9.10 49.07 1.83
CA ARG B 74 -8.67 48.41 3.07
C ARG B 74 -7.29 48.90 3.48
N GLY B 75 -6.39 49.09 2.51
CA GLY B 75 -5.07 49.64 2.81
C GLY B 75 -5.12 51.06 3.33
N PHE B 76 -6.07 51.87 2.82
CA PHE B 76 -6.23 53.24 3.31
C PHE B 76 -6.77 53.25 4.73
N ARG B 77 -7.70 52.34 5.06
CA ARG B 77 -8.16 52.23 6.44
C ARG B 77 -7.04 51.79 7.39
N TRP B 78 -6.20 50.87 6.93
CA TRP B 78 -5.03 50.45 7.71
C TRP B 78 -4.05 51.61 7.91
N LEU B 79 -3.89 52.46 6.89
CA LEU B 79 -3.08 53.67 7.05
C LEU B 79 -3.69 54.62 8.07
N GLN B 80 -5.02 54.75 8.07
CA GLN B 80 -5.68 55.65 9.02
C GLN B 80 -5.54 55.16 10.46
N ALA B 81 -5.38 53.84 10.66
CA ALA B 81 -5.18 53.30 12.01
C ALA B 81 -3.90 53.86 12.66
N MET B 82 -2.82 53.95 11.89
CA MET B 82 -1.56 54.52 12.38
C MET B 82 -1.70 55.98 12.81
N ILE B 83 -2.35 56.80 11.96
CA ILE B 83 -2.50 58.22 12.26
C ILE B 83 -3.39 58.43 13.47
N PHE B 84 -4.47 57.64 13.58
CA PHE B 84 -5.37 57.75 14.72
C PHE B 84 -4.67 57.35 16.02
N ALA B 85 -3.88 56.26 15.98
CA ALA B 85 -3.13 55.83 17.15
C ALA B 85 -2.10 56.87 17.58
N ILE B 86 -1.37 57.44 16.62
CA ILE B 86 -0.33 58.43 16.94
C ILE B 86 -0.93 59.70 17.54
N GLU B 87 -2.05 60.18 16.98
CA GLU B 87 -2.72 61.34 17.56
C GLU B 87 -3.30 61.05 18.93
N GLU B 88 -3.80 59.82 19.14
CA GLU B 88 -4.33 59.42 20.43
C GLU B 88 -3.25 59.41 21.51
N ILE B 89 -2.05 58.92 21.17
CA ILE B 89 -0.92 58.97 22.10
C ILE B 89 -0.48 60.41 22.34
N ASN B 90 -0.49 61.24 21.28
CA ASN B 90 -0.12 62.65 21.42
C ASN B 90 -1.10 63.44 22.28
N SER B 91 -2.33 62.98 22.43
CA SER B 91 -3.32 63.70 23.23
C SER B 91 -3.42 63.23 24.68
N SER B 92 -2.69 62.19 25.07
CA SER B 92 -2.82 61.65 26.42
C SER B 92 -1.58 61.94 27.25
N PRO B 93 -1.73 62.55 28.44
CA PRO B 93 -0.55 62.82 29.28
C PRO B 93 -0.07 61.64 30.08
N ALA B 94 -0.78 60.51 30.07
CA ALA B 94 -0.30 59.31 30.75
C ALA B 94 0.89 58.69 30.03
N LEU B 95 0.86 58.72 28.69
CA LEU B 95 1.88 58.10 27.87
C LEU B 95 2.70 59.19 27.19
N LEU B 96 4.02 59.17 27.42
CA LEU B 96 5.02 60.09 26.89
C LEU B 96 4.67 61.55 27.12
N PRO B 97 4.77 62.07 28.35
CA PRO B 97 4.51 63.51 28.56
C PRO B 97 5.59 64.37 27.93
N ASN B 98 5.19 65.59 27.56
CA ASN B 98 6.05 66.67 27.02
C ASN B 98 6.88 66.24 25.81
N LEU B 99 6.36 65.29 25.03
CA LEU B 99 7.10 64.70 23.92
C LEU B 99 6.09 64.31 22.84
N THR B 100 6.39 64.66 21.59
CA THR B 100 5.47 64.45 20.48
C THR B 100 6.06 63.46 19.48
N LEU B 101 5.19 62.91 18.64
CA LEU B 101 5.55 61.94 17.63
C LEU B 101 5.24 62.48 16.24
N GLY B 102 6.11 62.16 15.29
CA GLY B 102 5.88 62.42 13.88
C GLY B 102 5.80 61.13 13.10
N TYR B 103 5.56 61.27 11.80
CA TYR B 103 5.50 60.10 10.94
C TYR B 103 5.87 60.46 9.50
N ARG B 104 6.45 59.47 8.81
CA ARG B 104 6.68 59.51 7.36
C ARG B 104 6.19 58.20 6.77
N ILE B 105 5.04 58.23 6.10
CA ILE B 105 4.36 57.04 5.62
C ILE B 105 4.33 57.06 4.11
N PHE B 106 4.72 55.95 3.50
CA PHE B 106 4.81 55.76 2.05
C PHE B 106 3.91 54.62 1.60
N ASP B 107 3.94 54.35 0.29
CA ASP B 107 3.10 53.35 -0.38
C ASP B 107 4.03 52.38 -1.09
N THR B 108 3.75 51.08 -0.95
CA THR B 108 4.60 50.05 -1.53
C THR B 108 4.08 49.47 -2.83
N CYS B 109 2.76 49.52 -3.08
CA CYS B 109 2.08 48.94 -4.25
C CYS B 109 2.31 47.43 -4.37
N ASN B 110 2.53 46.75 -3.24
CA ASN B 110 2.84 45.32 -3.14
C ASN B 110 4.05 44.93 -3.99
N THR B 111 5.04 45.81 -4.10
CA THR B 111 6.19 45.61 -4.94
C THR B 111 7.44 45.87 -4.11
N VAL B 112 8.46 45.03 -4.32
CA VAL B 112 9.72 45.14 -3.59
C VAL B 112 10.47 46.42 -3.96
N SER B 113 10.40 46.86 -5.22
CA SER B 113 11.20 47.99 -5.69
C SER B 113 10.78 49.31 -5.05
N LYS B 114 9.47 49.59 -4.97
CA LYS B 114 9.01 50.83 -4.35
C LYS B 114 9.23 50.82 -2.85
N ALA B 115 9.12 49.66 -2.22
CA ALA B 115 9.46 49.51 -0.81
C ALA B 115 10.93 49.77 -0.56
N LEU B 116 11.80 49.31 -1.46
CA LEU B 116 13.23 49.58 -1.33
C LEU B 116 13.54 51.05 -1.56
N GLU B 117 12.81 51.70 -2.45
CA GLU B 117 12.97 53.15 -2.64
C GLU B 117 12.55 53.93 -1.40
N ALA B 118 11.52 53.46 -0.67
CA ALA B 118 11.12 54.13 0.56
C ALA B 118 12.10 53.84 1.71
N THR B 119 12.54 52.58 1.83
CA THR B 119 13.42 52.27 2.95
C THR B 119 14.85 52.73 2.72
N LEU B 120 15.21 53.10 1.49
CA LEU B 120 16.46 53.84 1.28
C LEU B 120 16.35 55.28 1.75
N SER B 121 15.12 55.80 1.88
CA SER B 121 14.91 57.11 2.50
C SER B 121 14.84 57.01 4.01
N PHE B 122 14.43 55.85 4.55
CA PHE B 122 14.44 55.69 6.01
C PHE B 122 15.85 55.68 6.58
N VAL B 123 16.83 55.15 5.85
CA VAL B 123 18.17 54.94 6.38
C VAL B 123 19.17 55.96 5.82
N ALA B 124 18.69 57.12 5.36
CA ALA B 124 19.55 58.07 4.65
C ALA B 124 20.59 58.70 5.57
N GLN B 125 20.21 59.00 6.82
CA GLN B 125 21.17 59.58 7.75
C GLN B 125 22.14 58.52 8.28
N ASN B 126 21.63 57.31 8.57
CA ASN B 126 22.45 56.25 9.15
C ASN B 126 23.51 55.74 8.19
N LYS B 127 23.23 55.82 6.88
CA LYS B 127 24.12 55.29 5.86
C LYS B 127 25.24 56.26 5.50
N ILE B 128 25.01 57.57 5.70
CA ILE B 128 26.06 58.57 5.45
C ILE B 128 27.22 58.39 6.42
N ASP B 129 26.91 58.13 7.70
CA ASP B 129 27.96 57.92 8.70
C ASP B 129 28.73 56.63 8.47
N SER B 130 28.09 55.62 7.87
CA SER B 130 28.77 54.35 7.62
C SER B 130 29.63 54.36 6.36
N LEU B 131 29.28 55.18 5.36
CA LEU B 131 30.03 55.25 4.12
C LEU B 131 31.08 56.33 4.10
N ASN B 132 31.14 57.16 5.15
CA ASN B 132 32.06 58.30 5.29
C ASN B 132 31.94 59.28 4.11
N LEU B 133 30.71 59.55 3.70
CA LEU B 133 30.43 60.44 2.59
C LEU B 133 30.40 61.91 2.98
N ASP B 134 30.52 62.21 4.28
CA ASP B 134 30.54 63.55 4.86
C ASP B 134 29.31 64.39 4.48
N CYS B 139 24.14 66.02 1.96
CA CYS B 139 25.04 67.07 2.44
C CYS B 139 24.21 68.14 3.14
N SER B 140 22.90 67.88 3.24
CA SER B 140 21.99 68.85 3.84
C SER B 140 22.19 68.97 5.34
N GLU B 141 22.57 67.87 6.01
CA GLU B 141 22.80 67.74 7.46
C GLU B 141 21.55 68.05 8.29
N HIS B 142 20.37 68.11 7.68
CA HIS B 142 19.10 68.31 8.37
C HIS B 142 18.18 67.11 8.25
N ILE B 143 18.74 65.93 8.02
CA ILE B 143 17.95 64.73 7.76
C ILE B 143 17.36 64.24 9.08
N PRO B 144 16.04 64.05 9.17
CA PRO B 144 15.46 63.45 10.37
C PRO B 144 15.79 61.97 10.45
N SER B 145 15.74 61.44 11.67
CA SER B 145 16.07 60.05 11.91
C SER B 145 14.82 59.26 12.23
N THR B 146 14.75 58.04 11.71
CA THR B 146 13.68 57.11 11.98
C THR B 146 14.20 56.04 12.94
N ILE B 147 13.51 55.84 14.05
CA ILE B 147 13.93 54.85 15.04
C ILE B 147 13.09 53.59 15.02
N ALA B 148 11.94 53.60 14.34
CA ALA B 148 11.11 52.40 14.25
C ALA B 148 10.25 52.51 13.00
N VAL B 149 9.95 51.35 12.40
CA VAL B 149 9.13 51.25 11.21
C VAL B 149 8.02 50.23 11.47
N VAL B 150 6.78 50.60 11.17
CA VAL B 150 5.69 49.63 11.12
C VAL B 150 5.72 48.97 9.74
N GLY B 151 6.02 47.68 9.71
CA GLY B 151 6.52 47.00 8.53
C GLY B 151 5.46 46.73 7.48
N ALA B 152 5.83 45.87 6.54
CA ALA B 152 5.03 45.67 5.34
C ALA B 152 3.98 44.58 5.53
N THR B 153 3.17 44.37 4.48
CA THR B 153 2.08 43.39 4.49
C THR B 153 2.52 42.03 3.98
N GLY B 154 3.11 41.98 2.79
CA GLY B 154 3.56 40.73 2.23
C GLY B 154 4.83 40.24 2.87
N SER B 155 5.18 38.98 2.59
CA SER B 155 6.31 38.34 3.23
C SER B 155 7.57 38.32 2.35
N GLY B 156 7.51 38.86 1.15
CA GLY B 156 8.71 39.04 0.35
C GLY B 156 9.21 40.46 0.51
N VAL B 157 8.23 41.36 0.56
CA VAL B 157 8.49 42.78 0.79
C VAL B 157 9.11 43.00 2.16
N SER B 158 8.59 42.30 3.17
CA SER B 158 9.12 42.42 4.52
C SER B 158 10.53 41.85 4.64
N THR B 159 10.82 40.74 3.96
CA THR B 159 12.17 40.19 3.96
C THR B 159 13.17 41.16 3.31
N ALA B 160 12.77 41.76 2.18
CA ALA B 160 13.66 42.69 1.49
C ALA B 160 13.88 43.96 2.31
N VAL B 161 12.84 44.43 3.03
CA VAL B 161 13.01 45.60 3.90
C VAL B 161 13.88 45.26 5.10
N ALA B 162 13.68 44.08 5.70
CA ALA B 162 14.41 43.69 6.90
C ALA B 162 15.88 43.42 6.61
N ASN B 163 16.20 42.97 5.39
CA ASN B 163 17.59 42.79 4.97
C ASN B 163 18.39 44.08 5.06
N LEU B 164 17.75 45.21 4.75
CA LEU B 164 18.41 46.51 4.79
C LEU B 164 18.29 47.19 6.14
N LEU B 165 17.18 46.99 6.85
CA LEU B 165 17.04 47.59 8.18
C LEU B 165 17.84 46.86 9.25
N GLY B 166 18.26 45.62 9.00
CA GLY B 166 19.07 44.90 9.96
C GLY B 166 20.51 45.37 10.04
N LEU B 167 20.99 46.09 9.02
CA LEU B 167 22.33 46.64 9.06
C LEU B 167 22.48 47.71 10.13
N PHE B 168 21.41 48.46 10.40
CA PHE B 168 21.43 49.60 11.30
C PHE B 168 20.63 49.36 12.57
N TYR B 169 20.11 48.14 12.77
CA TYR B 169 19.39 47.72 13.98
C TYR B 169 18.14 48.57 14.24
N ILE B 170 17.48 48.98 13.17
CA ILE B 170 16.22 49.71 13.25
C ILE B 170 15.10 48.68 13.41
N PRO B 171 14.31 48.75 14.49
CA PRO B 171 13.20 47.80 14.66
C PRO B 171 12.15 47.93 13.56
N GLN B 172 11.57 46.79 13.21
CA GLN B 172 10.51 46.71 12.21
C GLN B 172 9.39 45.85 12.79
N VAL B 173 8.26 46.47 13.12
CA VAL B 173 7.13 45.76 13.70
C VAL B 173 6.09 45.59 12.60
N SER B 174 6.03 44.41 12.00
CA SER B 174 5.09 44.12 10.94
C SER B 174 3.74 43.74 11.51
N TYR B 175 2.67 44.06 10.77
CA TYR B 175 1.32 43.76 11.22
C TYR B 175 0.68 42.58 10.51
N ALA B 176 1.17 42.19 9.33
CA ALA B 176 0.51 41.13 8.57
C ALA B 176 1.46 40.15 7.87
N SER B 177 2.76 40.21 8.10
CA SER B 177 3.68 39.24 7.52
C SER B 177 3.76 38.03 8.43
N SER B 178 3.47 36.85 7.89
CA SER B 178 3.29 35.67 8.72
C SER B 178 4.06 34.47 8.19
N SER B 179 5.14 34.71 7.46
CA SER B 179 5.99 33.62 6.98
C SER B 179 6.85 33.09 8.11
N ARG B 180 7.19 31.81 8.05
CA ARG B 180 8.05 31.21 9.07
C ARG B 180 9.50 31.61 8.91
N LEU B 181 9.92 31.97 7.69
CA LEU B 181 11.32 32.26 7.43
C LEU B 181 11.78 33.54 8.09
N LEU B 182 10.86 34.42 8.47
CA LEU B 182 11.19 35.62 9.22
C LEU B 182 11.44 35.35 10.69
N SER B 183 11.23 34.12 11.15
CA SER B 183 11.56 33.72 12.51
C SER B 183 13.00 33.25 12.66
N ASN B 184 13.85 33.49 11.67
CA ASN B 184 15.27 33.17 11.75
C ASN B 184 16.00 34.42 12.24
N LYS B 185 16.47 34.39 13.48
CA LYS B 185 17.07 35.56 14.09
C LYS B 185 18.57 35.68 13.83
N ASN B 186 19.15 34.74 13.08
CA ASN B 186 20.51 34.94 12.59
C ASN B 186 20.55 35.88 11.39
N GLN B 187 19.47 35.94 10.62
CA GLN B 187 19.40 36.78 9.43
C GLN B 187 18.59 38.05 9.64
N PHE B 188 17.47 37.98 10.33
CA PHE B 188 16.60 39.12 10.58
C PHE B 188 16.72 39.49 12.05
N LYS B 189 17.72 40.32 12.35
CA LYS B 189 18.05 40.65 13.74
C LYS B 189 17.04 41.59 14.37
N SER B 190 16.38 42.41 13.57
CA SER B 190 15.54 43.46 14.12
C SER B 190 14.12 43.40 13.57
N PHE B 191 13.51 42.22 13.58
CA PHE B 191 12.17 42.03 13.08
C PHE B 191 11.26 41.55 14.21
N LEU B 192 10.07 42.14 14.30
CA LEU B 192 9.06 41.80 15.29
C LEU B 192 7.71 41.80 14.57
N ARG B 193 6.74 41.08 15.12
CA ARG B 193 5.43 41.08 14.50
C ARG B 193 4.33 40.86 15.52
N THR B 194 3.12 41.34 15.17
CA THR B 194 1.92 41.23 15.99
C THR B 194 0.91 40.24 15.40
N ILE B 195 1.38 39.28 14.62
CA ILE B 195 0.51 38.30 13.98
C ILE B 195 1.15 36.93 14.19
N PRO B 196 0.38 35.86 14.38
CA PRO B 196 0.98 34.52 14.41
C PRO B 196 1.48 34.09 13.04
N ASN B 197 2.43 33.16 13.04
CA ASN B 197 2.93 32.60 11.79
C ASN B 197 2.06 31.42 11.36
N ASP B 198 2.48 30.71 10.31
CA ASP B 198 1.61 29.81 9.56
C ASP B 198 1.80 28.34 9.89
N GLU B 199 2.47 28.01 11.00
CA GLU B 199 2.56 26.61 11.39
C GLU B 199 1.23 26.10 11.93
N HIS B 200 0.60 26.90 12.79
CA HIS B 200 -0.66 26.49 13.43
C HIS B 200 -1.80 26.44 12.44
N GLN B 201 -1.75 27.26 11.39
CA GLN B 201 -2.84 27.26 10.41
C GLN B 201 -2.76 26.05 9.49
N ALA B 202 -1.55 25.62 9.13
CA ALA B 202 -1.37 24.37 8.40
C ALA B 202 -1.80 23.17 9.24
N THR B 203 -1.43 23.14 10.53
CA THR B 203 -1.87 22.06 11.40
C THR B 203 -3.39 22.08 11.60
N ALA B 204 -3.99 23.27 11.61
CA ALA B 204 -5.44 23.38 11.74
C ALA B 204 -6.16 22.88 10.50
N MET B 205 -5.61 23.12 9.30
CA MET B 205 -6.22 22.57 8.11
C MET B 205 -6.09 21.05 8.04
N ALA B 206 -4.97 20.51 8.55
CA ALA B 206 -4.84 19.06 8.65
C ALA B 206 -5.88 18.48 9.61
N ASP B 207 -6.15 19.18 10.72
CA ASP B 207 -7.18 18.74 11.65
C ASP B 207 -8.58 18.84 11.05
N ILE B 208 -8.83 19.87 10.23
CA ILE B 208 -10.12 20.02 9.56
C ILE B 208 -10.35 18.87 8.57
N ILE B 209 -9.32 18.52 7.80
CA ILE B 209 -9.44 17.42 6.84
C ILE B 209 -9.62 16.09 7.56
N GLU B 210 -8.88 15.88 8.65
CA GLU B 210 -9.01 14.66 9.44
C GLU B 210 -10.36 14.56 10.14
N TYR B 211 -10.99 15.70 10.45
CA TYR B 211 -12.24 15.71 11.21
C TYR B 211 -13.41 15.16 10.38
N PHE B 212 -13.52 15.59 9.12
CA PHE B 212 -14.63 15.17 8.27
C PHE B 212 -14.36 13.86 7.53
N ARG B 213 -13.24 13.19 7.82
CA ARG B 213 -12.88 11.86 7.30
C ARG B 213 -12.74 11.87 5.77
N TRP B 214 -11.76 12.63 5.30
CA TRP B 214 -11.38 12.69 3.89
C TRP B 214 -9.96 12.15 3.71
N ASN B 215 -9.67 11.63 2.52
CA ASN B 215 -8.32 11.20 2.16
C ASN B 215 -7.78 11.86 0.91
N TRP B 216 -8.64 12.28 -0.01
CA TRP B 216 -8.27 12.65 -1.37
C TRP B 216 -8.44 14.15 -1.52
N VAL B 217 -7.31 14.87 -1.60
CA VAL B 217 -7.30 16.32 -1.65
C VAL B 217 -6.36 16.78 -2.76
N GLY B 218 -6.37 18.10 -3.00
CA GLY B 218 -5.36 18.73 -3.83
C GLY B 218 -4.96 20.06 -3.23
N THR B 219 -3.79 20.56 -3.62
CA THR B 219 -3.24 21.79 -3.05
C THR B 219 -2.88 22.78 -4.15
N ILE B 220 -3.12 24.07 -3.87
CA ILE B 220 -2.71 25.17 -4.75
C ILE B 220 -2.01 26.22 -3.89
N ALA B 221 -0.87 26.71 -4.37
CA ALA B 221 -0.01 27.65 -3.66
C ALA B 221 0.32 28.84 -4.52
N ALA B 222 0.56 29.98 -3.88
CA ALA B 222 1.19 31.10 -4.54
C ALA B 222 2.70 30.88 -4.58
N ASP B 223 3.34 31.47 -5.57
CA ASP B 223 4.77 31.26 -5.78
C ASP B 223 5.55 32.42 -5.16
N ASP B 224 5.55 32.44 -3.83
CA ASP B 224 6.25 33.47 -3.07
C ASP B 224 6.60 32.89 -1.70
N ASP B 225 7.02 33.77 -0.78
CA ASP B 225 7.41 33.33 0.56
C ASP B 225 6.23 33.03 1.47
N TYR B 226 5.00 33.29 1.02
CA TYR B 226 3.82 32.98 1.82
C TYR B 226 3.21 31.62 1.49
N GLY B 227 3.29 31.17 0.24
CA GLY B 227 2.65 29.94 -0.15
C GLY B 227 3.46 28.66 0.03
N ARG B 228 4.74 28.71 -0.34
CA ARG B 228 5.56 27.49 -0.32
C ARG B 228 5.80 26.92 1.08
N PRO B 229 6.17 27.70 2.12
CA PRO B 229 6.29 27.07 3.45
C PRO B 229 4.98 26.58 4.04
N GLY B 230 3.86 27.25 3.73
CA GLY B 230 2.57 26.76 4.20
C GLY B 230 2.18 25.44 3.57
N ILE B 231 2.41 25.30 2.26
CA ILE B 231 2.14 24.02 1.59
C ILE B 231 3.10 22.93 2.05
N GLU B 232 4.36 23.26 2.33
CA GLU B 232 5.28 22.23 2.80
C GLU B 232 4.94 21.75 4.21
N LYS B 233 4.57 22.68 5.10
CA LYS B 233 4.15 22.29 6.44
C LYS B 233 2.85 21.49 6.41
N PHE B 234 1.90 21.89 5.56
CA PHE B 234 0.67 21.11 5.41
C PHE B 234 0.94 19.73 4.85
N ARG B 235 1.88 19.61 3.91
CA ARG B 235 2.22 18.31 3.35
C ARG B 235 2.82 17.39 4.38
N GLU B 236 3.70 17.93 5.24
CA GLU B 236 4.26 17.16 6.36
C GLU B 236 3.17 16.69 7.32
N GLU B 237 2.27 17.60 7.71
CA GLU B 237 1.20 17.26 8.63
C GLU B 237 0.21 16.25 8.03
N ALA B 238 -0.08 16.38 6.73
CA ALA B 238 -1.01 15.46 6.09
C ALA B 238 -0.38 14.08 5.89
N GLU B 239 0.93 14.03 5.61
CA GLU B 239 1.60 12.74 5.50
C GLU B 239 1.73 12.06 6.86
N GLU B 240 1.70 12.83 7.95
CA GLU B 240 1.63 12.22 9.27
C GLU B 240 0.30 11.48 9.48
N ARG B 241 -0.81 12.03 8.97
CA ARG B 241 -2.15 11.55 9.32
C ARG B 241 -2.78 10.71 8.22
N ASP B 242 -1.97 10.18 7.29
CA ASP B 242 -2.40 9.28 6.21
C ASP B 242 -3.46 9.92 5.30
N ILE B 243 -3.13 11.09 4.77
CA ILE B 243 -3.96 11.82 3.83
C ILE B 243 -3.20 11.89 2.51
N CYS B 244 -3.85 11.54 1.41
CA CYS B 244 -3.22 11.45 0.11
C CYS B 244 -3.45 12.73 -0.69
N ILE B 245 -2.41 13.21 -1.35
CA ILE B 245 -2.46 14.44 -2.14
C ILE B 245 -2.39 14.07 -3.60
N ASP B 246 -3.35 14.55 -4.39
CA ASP B 246 -3.45 14.15 -5.78
C ASP B 246 -2.63 15.08 -6.69
N PHE B 247 -2.82 16.39 -6.56
CA PHE B 247 -2.11 17.35 -7.38
C PHE B 247 -1.60 18.50 -6.53
N SER B 248 -0.53 19.15 -6.99
CA SER B 248 0.07 20.26 -6.27
C SER B 248 0.67 21.23 -7.28
N GLU B 249 0.16 22.45 -7.31
CA GLU B 249 0.54 23.43 -8.32
C GLU B 249 0.92 24.76 -7.67
N LEU B 250 1.63 25.58 -8.44
CA LEU B 250 2.04 26.92 -8.02
C LEU B 250 1.50 27.93 -9.03
N ILE B 251 0.91 29.01 -8.51
CA ILE B 251 0.32 30.06 -9.32
C ILE B 251 0.92 31.40 -8.92
N SER B 252 0.68 32.40 -9.74
CA SER B 252 1.26 33.73 -9.55
C SER B 252 0.31 34.77 -10.11
N GLN B 253 0.59 36.03 -9.76
CA GLN B 253 -0.19 37.14 -10.30
C GLN B 253 0.14 37.40 -11.76
N TYR B 254 1.39 37.21 -12.15
CA TYR B 254 1.86 37.51 -13.50
C TYR B 254 2.05 36.26 -14.34
N SER B 255 1.43 35.14 -13.95
CA SER B 255 1.44 33.96 -14.79
C SER B 255 0.62 34.20 -16.05
N ASP B 256 1.09 33.66 -17.17
CA ASP B 256 0.47 33.90 -18.46
C ASP B 256 -0.71 32.93 -18.65
N GLU B 257 -1.27 32.90 -19.86
CA GLU B 257 -2.55 32.22 -20.07
C GLU B 257 -2.37 30.70 -20.16
N GLU B 258 -1.25 30.25 -20.73
CA GLU B 258 -0.99 28.83 -20.91
C GLU B 258 -0.83 28.11 -19.57
N GLU B 259 -0.17 28.76 -18.61
CA GLU B 259 -0.01 28.17 -17.27
C GLU B 259 -1.36 28.05 -16.56
N ILE B 260 -2.22 29.06 -16.71
CA ILE B 260 -3.56 29.00 -16.12
C ILE B 260 -4.38 27.88 -16.74
N GLN B 261 -4.30 27.73 -18.07
CA GLN B 261 -4.99 26.63 -18.74
C GLN B 261 -4.47 25.26 -18.29
N HIS B 262 -3.15 25.14 -18.10
CA HIS B 262 -2.59 23.88 -17.62
C HIS B 262 -3.05 23.56 -16.20
N VAL B 263 -3.13 24.56 -15.32
CA VAL B 263 -3.58 24.34 -13.95
C VAL B 263 -5.06 23.94 -13.92
N VAL B 264 -5.89 24.57 -14.77
CA VAL B 264 -7.31 24.20 -14.84
C VAL B 264 -7.48 22.80 -15.41
N GLU B 265 -6.64 22.40 -16.38
CA GLU B 265 -6.68 21.02 -16.88
C GLU B 265 -6.26 20.01 -15.82
N VAL B 266 -5.29 20.38 -14.97
CA VAL B 266 -4.88 19.52 -13.86
C VAL B 266 -6.02 19.35 -12.85
N ILE B 267 -6.71 20.45 -12.52
CA ILE B 267 -7.85 20.41 -11.60
C ILE B 267 -8.99 19.57 -12.18
N GLN B 268 -9.28 19.75 -13.47
CA GLN B 268 -10.42 19.11 -14.10
C GLN B 268 -10.19 17.63 -14.40
N ASN B 269 -8.95 17.17 -14.39
CA ASN B 269 -8.65 15.76 -14.62
C ASN B 269 -8.60 14.94 -13.33
N SER B 270 -9.03 15.51 -12.21
CA SER B 270 -8.89 14.86 -10.92
C SER B 270 -10.25 14.58 -10.31
N THR B 271 -10.31 13.54 -9.48
CA THR B 271 -11.52 13.18 -8.78
C THR B 271 -11.61 13.78 -7.38
N ALA B 272 -10.57 14.51 -6.95
CA ALA B 272 -10.58 15.15 -5.65
C ALA B 272 -11.50 16.36 -5.67
N LYS B 273 -12.35 16.46 -4.65
CA LYS B 273 -13.23 17.62 -4.52
C LYS B 273 -12.66 18.70 -3.61
N VAL B 274 -11.85 18.32 -2.63
CA VAL B 274 -11.34 19.26 -1.63
C VAL B 274 -10.02 19.82 -2.11
N ILE B 275 -9.94 21.16 -2.20
CA ILE B 275 -8.77 21.87 -2.69
C ILE B 275 -8.37 22.89 -1.64
N VAL B 276 -7.09 22.89 -1.26
CA VAL B 276 -6.55 23.70 -0.19
C VAL B 276 -5.67 24.78 -0.80
N VAL B 277 -5.96 26.05 -0.54
CA VAL B 277 -5.28 27.16 -1.19
C VAL B 277 -4.52 27.98 -0.15
N PHE B 278 -3.20 28.12 -0.35
CA PHE B 278 -2.41 29.18 0.28
C PHE B 278 -2.00 30.21 -0.76
N SER B 279 -2.74 31.31 -0.77
CA SER B 279 -2.56 32.37 -1.75
C SER B 279 -3.14 33.64 -1.15
N SER B 280 -2.97 34.74 -1.88
CA SER B 280 -3.67 35.98 -1.59
C SER B 280 -4.70 36.23 -2.68
N GLY B 281 -5.43 37.33 -2.55
CA GLY B 281 -6.42 37.74 -3.52
C GLY B 281 -5.90 38.05 -4.92
N PRO B 282 -4.91 38.94 -5.04
CA PRO B 282 -4.33 39.20 -6.37
C PRO B 282 -3.64 38.01 -7.01
N ASP B 283 -3.14 37.06 -6.22
CA ASP B 283 -2.52 35.87 -6.81
C ASP B 283 -3.54 34.79 -7.19
N LEU B 284 -4.78 34.88 -6.71
CA LEU B 284 -5.80 33.89 -7.01
C LEU B 284 -6.85 34.37 -8.00
N GLU B 285 -6.96 35.69 -8.21
CA GLU B 285 -7.99 36.22 -9.11
C GLU B 285 -7.92 35.76 -10.57
N PRO B 286 -6.76 35.63 -11.25
CA PRO B 286 -6.79 35.04 -12.62
C PRO B 286 -7.34 33.62 -12.69
N LEU B 287 -6.93 32.76 -11.76
CA LEU B 287 -7.41 31.39 -11.73
C LEU B 287 -8.89 31.32 -11.41
N ILE B 288 -9.35 32.18 -10.50
CA ILE B 288 -10.77 32.19 -10.15
C ILE B 288 -11.62 32.65 -11.32
N LYS B 289 -11.15 33.67 -12.06
CA LYS B 289 -11.88 34.13 -13.24
C LYS B 289 -11.92 33.06 -14.34
N GLU B 290 -10.82 32.31 -14.50
CA GLU B 290 -10.80 31.26 -15.51
C GLU B 290 -11.71 30.09 -15.14
N ILE B 291 -11.73 29.69 -13.86
CA ILE B 291 -12.63 28.62 -13.42
C ILE B 291 -14.09 29.04 -13.50
N VAL B 292 -14.39 30.32 -13.23
CA VAL B 292 -15.76 30.82 -13.38
C VAL B 292 -16.16 30.84 -14.86
N ARG B 293 -15.21 31.13 -15.77
CA ARG B 293 -15.53 31.19 -17.19
C ARG B 293 -15.93 29.82 -17.75
N ARG B 294 -15.26 28.75 -17.32
CA ARG B 294 -15.61 27.39 -17.73
C ARG B 294 -16.73 26.79 -16.89
N ASN B 295 -17.10 27.45 -15.79
CA ASN B 295 -18.25 27.15 -14.93
C ASN B 295 -18.11 25.75 -14.33
N ILE B 296 -17.09 25.60 -13.50
CA ILE B 296 -16.78 24.35 -12.82
C ILE B 296 -17.35 24.43 -11.42
N THR B 297 -18.35 23.61 -11.14
CA THR B 297 -19.04 23.60 -9.86
C THR B 297 -18.76 22.30 -9.12
N GLY B 298 -18.83 22.37 -7.79
CA GLY B 298 -18.76 21.17 -6.97
C GLY B 298 -17.48 20.95 -6.22
N LYS B 299 -16.61 21.95 -6.12
CA LYS B 299 -15.36 21.83 -5.38
C LYS B 299 -15.49 22.46 -3.99
N ILE B 300 -14.68 21.98 -3.06
CA ILE B 300 -14.70 22.42 -1.67
C ILE B 300 -13.40 23.16 -1.41
N TRP B 301 -13.48 24.49 -1.27
CA TRP B 301 -12.30 25.33 -1.17
C TRP B 301 -11.95 25.58 0.30
N LEU B 302 -10.70 25.33 0.66
CA LEU B 302 -10.20 25.63 2.00
C LEU B 302 -9.25 26.81 1.90
N ALA B 303 -9.63 27.91 2.53
CA ALA B 303 -8.98 29.20 2.37
C ALA B 303 -8.04 29.49 3.52
N SER B 304 -6.99 30.25 3.22
CA SER B 304 -6.05 30.71 4.24
C SER B 304 -6.53 32.05 4.77
N GLU B 305 -5.68 32.72 5.55
CA GLU B 305 -6.09 33.99 6.16
C GLU B 305 -6.13 35.12 5.15
N ALA B 306 -5.31 35.05 4.09
CA ALA B 306 -5.16 36.19 3.19
C ALA B 306 -6.38 36.38 2.29
N TRP B 307 -6.99 35.30 1.80
CA TRP B 307 -8.08 35.45 0.84
C TRP B 307 -9.43 34.98 1.37
N ALA B 308 -9.56 34.64 2.65
CA ALA B 308 -10.87 34.26 3.16
C ALA B 308 -11.78 35.45 3.41
N SER B 309 -11.26 36.67 3.40
CA SER B 309 -12.07 37.87 3.58
C SER B 309 -11.78 38.88 2.48
N SER B 310 -11.45 38.41 1.28
CA SER B 310 -10.99 39.26 0.19
C SER B 310 -12.15 39.65 -0.70
N SER B 311 -12.33 40.95 -0.90
CA SER B 311 -13.41 41.48 -1.72
C SER B 311 -13.16 41.30 -3.21
N LEU B 312 -11.94 40.90 -3.61
CA LEU B 312 -11.67 40.58 -5.00
C LEU B 312 -12.23 39.23 -5.41
N ILE B 313 -12.52 38.35 -4.45
CA ILE B 313 -12.96 36.99 -4.74
C ILE B 313 -14.35 36.78 -4.16
N ALA B 314 -14.68 37.53 -3.10
CA ALA B 314 -16.02 37.43 -2.49
C ALA B 314 -16.99 38.35 -3.23
N MET B 315 -17.32 37.95 -4.45
CA MET B 315 -18.26 38.64 -5.30
C MET B 315 -19.45 37.73 -5.60
N PRO B 316 -20.65 38.28 -5.75
CA PRO B 316 -21.83 37.43 -6.04
C PRO B 316 -21.73 36.68 -7.36
N GLN B 317 -21.05 37.26 -8.35
CA GLN B 317 -20.90 36.70 -9.69
C GLN B 317 -20.21 35.34 -9.65
N TYR B 318 -19.33 35.13 -8.69
CA TYR B 318 -18.56 33.90 -8.56
C TYR B 318 -19.21 32.90 -7.61
N PHE B 319 -20.40 33.20 -7.08
CA PHE B 319 -20.94 32.37 -6.00
C PHE B 319 -21.37 30.98 -6.46
N HIS B 320 -21.56 30.77 -7.76
CA HIS B 320 -21.83 29.43 -8.26
C HIS B 320 -20.57 28.58 -8.38
N VAL B 321 -19.40 29.12 -8.04
CA VAL B 321 -18.14 28.39 -8.06
C VAL B 321 -17.52 28.33 -6.66
N VAL B 322 -17.48 29.47 -5.96
CA VAL B 322 -16.77 29.57 -4.69
C VAL B 322 -17.72 29.63 -3.49
N GLY B 323 -18.96 29.20 -3.66
CA GLY B 323 -19.88 29.18 -2.53
C GLY B 323 -19.54 28.12 -1.50
N GLY B 324 -19.91 28.39 -0.25
CA GLY B 324 -19.69 27.44 0.81
C GLY B 324 -18.24 27.28 1.24
N THR B 325 -17.41 28.29 1.03
CA THR B 325 -15.99 28.19 1.33
C THR B 325 -15.75 28.29 2.83
N ILE B 326 -14.93 27.38 3.36
CA ILE B 326 -14.56 27.35 4.77
C ILE B 326 -13.17 27.95 4.91
N GLY B 327 -13.03 28.97 5.76
CA GLY B 327 -11.77 29.69 5.84
C GLY B 327 -11.46 30.17 7.24
N PHE B 328 -10.26 30.72 7.39
CA PHE B 328 -9.73 31.18 8.66
C PHE B 328 -9.79 32.69 8.78
N ALA B 329 -9.80 33.16 10.02
CA ALA B 329 -9.83 34.58 10.32
C ALA B 329 -9.11 34.82 11.64
N LEU B 330 -8.61 36.04 11.82
CA LEU B 330 -7.99 36.42 13.08
C LEU B 330 -9.06 36.82 14.09
N LYS B 331 -8.62 37.22 15.27
CA LYS B 331 -9.52 37.64 16.33
C LYS B 331 -9.75 39.15 16.27
N ALA B 332 -11.00 39.56 16.35
CA ALA B 332 -11.37 40.95 16.13
C ALA B 332 -10.96 41.81 17.32
N GLY B 333 -10.99 43.14 17.10
CA GLY B 333 -10.53 44.08 18.11
C GLY B 333 -11.47 45.26 18.24
N GLN B 334 -11.22 46.06 19.28
CA GLN B 334 -12.04 47.22 19.59
C GLN B 334 -11.16 48.47 19.62
N ILE B 335 -11.44 49.41 18.74
CA ILE B 335 -10.84 50.73 18.76
C ILE B 335 -11.96 51.74 19.00
N PRO B 336 -12.09 52.27 20.24
CA PRO B 336 -13.34 52.96 20.62
C PRO B 336 -13.63 54.33 20.01
N GLY B 337 -12.90 54.78 19.00
CA GLY B 337 -13.24 56.07 18.42
C GLY B 337 -12.99 56.18 16.94
N PHE B 338 -12.90 55.03 16.26
CA PHE B 338 -12.20 54.95 14.99
C PHE B 338 -13.09 55.27 13.80
N ARG B 339 -14.38 54.91 13.87
CA ARG B 339 -15.28 55.11 12.73
C ARG B 339 -15.57 56.57 12.48
N GLU B 340 -15.73 57.36 13.56
CA GLU B 340 -15.93 58.80 13.41
C GLU B 340 -14.71 59.48 12.79
N PHE B 341 -13.52 59.02 13.19
CA PHE B 341 -12.28 59.51 12.60
C PHE B 341 -12.19 59.14 11.12
N LEU B 342 -12.70 57.96 10.75
CA LEU B 342 -12.78 57.61 9.34
C LEU B 342 -13.73 58.52 8.58
N LYS B 343 -14.85 58.88 9.22
CA LYS B 343 -15.84 59.73 8.56
C LYS B 343 -15.43 61.19 8.49
N LYS B 344 -14.46 61.65 9.29
CA LYS B 344 -14.03 63.05 9.21
C LYS B 344 -13.11 63.36 8.04
N VAL B 345 -12.87 62.41 7.12
CA VAL B 345 -11.91 62.61 6.05
C VAL B 345 -12.42 63.64 5.04
N HIS B 346 -11.48 64.42 4.47
CA HIS B 346 -11.80 65.50 3.56
C HIS B 346 -10.58 65.79 2.71
N PRO B 347 -10.73 66.09 1.41
CA PRO B 347 -9.56 66.28 0.56
C PRO B 347 -8.87 67.63 0.71
N ARG B 348 -9.50 68.59 1.38
CA ARG B 348 -8.89 69.89 1.60
C ARG B 348 -8.41 70.12 3.01
N LYS B 349 -9.07 69.55 4.02
CA LYS B 349 -8.66 69.73 5.40
C LYS B 349 -7.57 68.76 5.83
N SER B 350 -7.29 67.74 5.04
CA SER B 350 -6.20 66.80 5.34
C SER B 350 -4.94 67.32 4.65
N VAL B 351 -4.21 68.19 5.36
CA VAL B 351 -3.00 68.77 4.80
C VAL B 351 -1.77 67.90 5.05
N HIS B 352 -1.80 67.03 6.04
CA HIS B 352 -0.69 66.13 6.32
C HIS B 352 -0.85 64.77 5.68
N ASN B 353 -1.94 64.55 4.94
CA ASN B 353 -2.18 63.29 4.23
C ASN B 353 -2.14 63.58 2.73
N GLY B 354 -1.16 63.02 2.04
CA GLY B 354 -1.10 63.14 0.61
C GLY B 354 -1.95 62.15 -0.16
N PHE B 355 -2.59 61.22 0.53
CA PHE B 355 -3.36 60.16 -0.09
C PHE B 355 -4.86 60.43 -0.09
N ALA B 356 -5.31 61.56 0.45
CA ALA B 356 -6.73 61.81 0.59
C ALA B 356 -7.38 62.21 -0.73
N LYS B 357 -6.63 62.89 -1.60
CA LYS B 357 -7.17 63.39 -2.86
C LYS B 357 -7.54 62.26 -3.81
N GLU B 358 -6.69 61.25 -3.93
CA GLU B 358 -6.99 60.12 -4.80
C GLU B 358 -8.08 59.24 -4.20
N PHE B 359 -8.15 59.15 -2.86
CA PHE B 359 -9.27 58.48 -2.22
C PHE B 359 -10.59 59.16 -2.55
N TRP B 360 -10.59 60.50 -2.56
CA TRP B 360 -11.78 61.27 -2.91
C TRP B 360 -12.14 61.06 -4.38
N GLU B 361 -11.14 61.01 -5.26
CA GLU B 361 -11.43 60.86 -6.68
C GLU B 361 -11.95 59.45 -7.01
N GLU B 362 -11.33 58.42 -6.45
CA GLU B 362 -11.76 57.06 -6.75
C GLU B 362 -13.08 56.71 -6.05
N THR B 363 -13.37 57.34 -4.91
CA THR B 363 -14.62 57.04 -4.20
C THR B 363 -15.83 57.59 -4.95
N PHE B 364 -15.72 58.78 -5.51
CA PHE B 364 -16.87 59.47 -6.09
C PHE B 364 -16.83 59.56 -7.61
N ASN B 365 -15.73 59.13 -8.25
CA ASN B 365 -15.53 59.13 -9.71
C ASN B 365 -15.69 60.54 -10.30
N CYS B 366 -14.82 61.44 -9.87
CA CYS B 366 -14.79 62.80 -10.37
C CYS B 366 -13.35 63.31 -10.34
N HIS B 367 -13.19 64.63 -10.44
CA HIS B 367 -11.87 65.24 -10.59
C HIS B 367 -11.82 66.52 -9.77
N LEU B 368 -10.72 66.73 -9.05
CA LEU B 368 -10.50 67.96 -8.29
C LEU B 368 -9.66 68.92 -9.12
N GLN B 369 -10.06 70.20 -9.10
CA GLN B 369 -9.32 71.23 -9.81
C GLN B 369 -7.99 71.47 -9.11
N GLU B 370 -6.90 71.39 -9.88
CA GLU B 370 -5.57 71.54 -9.32
C GLU B 370 -5.30 73.00 -8.97
N GLY B 371 -5.09 73.27 -7.69
CA GLY B 371 -4.82 74.62 -7.23
C GLY B 371 -3.34 74.98 -7.29
N PHE B 399 -14.82 60.37 -19.29
CA PHE B 399 -15.05 61.75 -18.88
C PHE B 399 -15.45 61.82 -17.41
N ARG B 400 -14.75 62.66 -16.65
CA ARG B 400 -14.96 62.79 -15.23
C ARG B 400 -15.37 64.21 -14.88
N PRO B 401 -16.51 64.41 -14.20
CA PRO B 401 -16.91 65.77 -13.81
C PRO B 401 -16.07 66.35 -12.68
N LEU B 402 -16.40 67.57 -12.24
CA LEU B 402 -15.62 68.24 -11.21
C LEU B 402 -16.14 67.91 -9.82
N CYS B 403 -15.24 67.52 -8.94
CA CYS B 403 -15.60 67.24 -7.55
C CYS B 403 -15.90 68.54 -6.82
N THR B 404 -16.79 68.45 -5.83
CA THR B 404 -17.01 69.52 -4.88
C THR B 404 -16.71 69.02 -3.48
N GLY B 405 -16.50 69.96 -2.55
CA GLY B 405 -16.23 69.55 -1.19
C GLY B 405 -17.43 69.07 -0.41
N ASP B 406 -18.63 69.27 -0.94
CA ASP B 406 -19.87 68.89 -0.26
C ASP B 406 -20.36 67.55 -0.80
N GLU B 407 -19.66 66.49 -0.39
CA GLU B 407 -20.03 65.12 -0.71
C GLU B 407 -20.09 64.31 0.58
N ASN B 408 -20.86 63.23 0.56
CA ASN B 408 -21.10 62.41 1.74
C ASN B 408 -20.34 61.10 1.61
N ILE B 409 -19.63 60.71 2.67
CA ILE B 409 -18.87 59.46 2.67
C ILE B 409 -19.79 58.25 2.66
N SER B 410 -20.94 58.34 3.34
CA SER B 410 -21.80 57.19 3.57
C SER B 410 -22.63 56.79 2.37
N SER B 411 -22.60 57.55 1.27
CA SER B 411 -23.48 57.28 0.13
C SER B 411 -22.88 56.31 -0.88
N VAL B 412 -21.61 55.93 -0.75
CA VAL B 412 -20.96 55.03 -1.68
C VAL B 412 -20.46 53.82 -0.90
N GLU B 413 -20.81 52.62 -1.38
CA GLU B 413 -20.44 51.38 -0.71
C GLU B 413 -19.05 50.97 -1.19
N THR B 414 -18.05 51.23 -0.34
CA THR B 414 -16.65 50.86 -0.53
C THR B 414 -16.21 50.16 0.73
N PRO B 415 -15.11 49.36 0.69
CA PRO B 415 -14.65 48.70 1.92
C PRO B 415 -14.00 49.61 2.96
N TYR B 416 -14.09 50.93 2.79
CA TYR B 416 -13.51 51.87 3.74
C TYR B 416 -14.32 51.94 5.03
N ILE B 417 -15.65 51.88 4.94
CA ILE B 417 -16.49 51.91 6.14
C ILE B 417 -17.52 50.78 6.12
N ASP B 418 -17.39 49.84 5.19
CA ASP B 418 -18.31 48.70 5.11
C ASP B 418 -17.88 47.53 5.97
N TYR B 419 -16.85 47.69 6.79
CA TYR B 419 -16.40 46.59 7.64
C TYR B 419 -17.41 46.31 8.75
N THR B 420 -17.35 45.07 9.25
CA THR B 420 -18.07 44.71 10.46
C THR B 420 -17.14 44.34 11.61
N HIS B 421 -15.88 44.03 11.33
CA HIS B 421 -14.90 43.65 12.33
C HIS B 421 -13.57 44.30 11.98
N LEU B 422 -12.66 44.32 12.96
CA LEU B 422 -11.32 44.89 12.82
C LEU B 422 -10.29 43.83 13.18
N ARG B 423 -9.55 43.35 12.19
CA ARG B 423 -8.61 42.26 12.42
C ARG B 423 -7.17 42.62 12.14
N ILE B 424 -6.90 43.44 11.12
CA ILE B 424 -5.53 43.87 10.80
C ILE B 424 -5.33 45.29 11.32
N SER B 425 -6.40 46.09 11.36
CA SER B 425 -6.31 47.44 11.93
C SER B 425 -5.99 47.39 13.42
N TYR B 426 -6.45 46.36 14.12
CA TYR B 426 -6.04 46.17 15.50
C TYR B 426 -4.56 45.79 15.60
N ASN B 427 -4.03 45.08 14.61
CA ASN B 427 -2.60 44.79 14.57
C ASN B 427 -1.79 46.07 14.37
N VAL B 428 -2.28 47.00 13.54
CA VAL B 428 -1.58 48.28 13.38
C VAL B 428 -1.66 49.12 14.66
N TYR B 429 -2.80 49.06 15.35
CA TYR B 429 -2.97 49.77 16.62
C TYR B 429 -1.97 49.29 17.68
N LEU B 430 -1.86 47.97 17.86
CA LEU B 430 -0.85 47.46 18.78
C LEU B 430 0.57 47.62 18.26
N ALA B 431 0.76 47.69 16.94
CA ALA B 431 2.08 47.88 16.38
C ALA B 431 2.61 49.28 16.66
N VAL B 432 1.73 50.26 16.79
CA VAL B 432 2.16 51.58 17.25
C VAL B 432 2.32 51.60 18.78
N TYR B 433 1.39 50.98 19.52
CA TYR B 433 1.43 51.05 20.98
C TYR B 433 2.61 50.29 21.58
N SER B 434 3.15 49.28 20.89
CA SER B 434 4.33 48.59 21.39
C SER B 434 5.56 49.49 21.38
N ILE B 435 5.76 50.24 20.29
CA ILE B 435 6.86 51.20 20.21
C ILE B 435 6.66 52.34 21.21
N ALA B 436 5.41 52.76 21.42
CA ALA B 436 5.13 53.81 22.40
C ALA B 436 5.45 53.37 23.82
N HIS B 437 5.08 52.14 24.20
CA HIS B 437 5.47 51.65 25.53
C HIS B 437 6.97 51.36 25.65
N ALA B 438 7.66 51.01 24.56
CA ALA B 438 9.11 50.90 24.62
C ALA B 438 9.77 52.24 24.92
N LEU B 439 9.30 53.31 24.26
CA LEU B 439 9.81 54.65 24.54
C LEU B 439 9.46 55.10 25.96
N GLN B 440 8.26 54.75 26.44
CA GLN B 440 7.88 55.09 27.81
C GLN B 440 8.71 54.33 28.83
N ASP B 441 9.08 53.08 28.53
CA ASP B 441 9.97 52.32 29.41
C ASP B 441 11.37 52.93 29.42
N ILE B 442 11.80 53.54 28.31
CA ILE B 442 13.03 54.32 28.34
C ILE B 442 12.87 55.56 29.21
N TYR B 443 11.71 56.21 29.14
CA TYR B 443 11.50 57.49 29.80
C TYR B 443 11.45 57.38 31.33
N THR B 444 10.90 56.30 31.86
CA THR B 444 10.62 56.19 33.29
C THR B 444 11.72 55.48 34.07
N CYS B 445 12.87 55.22 33.46
CA CYS B 445 13.93 54.49 34.14
C CYS B 445 14.58 55.34 35.23
N LEU B 446 14.91 54.68 36.34
CA LEU B 446 15.68 55.10 37.50
C LEU B 446 17.13 54.67 37.33
N PRO B 447 18.08 55.53 37.69
CA PRO B 447 19.50 55.19 37.52
C PRO B 447 19.92 54.01 38.37
N GLY B 448 20.78 53.17 37.79
CA GLY B 448 21.25 51.97 38.44
C GLY B 448 20.43 50.72 38.18
N ARG B 449 19.36 50.81 37.38
CA ARG B 449 18.50 49.66 37.16
C ARG B 449 18.07 49.52 35.70
N GLY B 450 18.92 49.92 34.77
CA GLY B 450 18.60 49.85 33.36
C GLY B 450 18.85 48.49 32.76
N LEU B 451 18.70 48.41 31.45
CA LEU B 451 18.98 47.21 30.67
C LEU B 451 20.35 47.26 30.00
N PHE B 452 21.31 47.92 30.61
CA PHE B 452 22.61 48.17 30.03
C PHE B 452 23.71 47.64 30.96
N THR B 453 24.96 48.05 30.69
CA THR B 453 26.13 47.46 31.36
C THR B 453 26.12 47.67 32.87
N ASN B 454 26.27 48.93 33.30
CA ASN B 454 26.36 49.23 34.72
C ASN B 454 25.00 49.54 35.33
N GLY B 455 23.94 49.01 34.74
CA GLY B 455 22.61 49.41 35.13
C GLY B 455 22.25 50.81 34.68
N SER B 456 22.99 51.37 33.73
CA SER B 456 22.79 52.73 33.28
C SER B 456 21.55 52.83 32.42
N CYS B 457 21.13 54.06 32.16
CA CYS B 457 19.88 54.33 31.47
C CYS B 457 20.16 55.14 30.21
N ALA B 458 19.37 54.86 29.17
CA ALA B 458 19.45 55.65 27.94
C ALA B 458 18.86 57.03 28.18
N ASP B 459 19.18 57.94 27.26
CA ASP B 459 18.73 59.33 27.35
C ASP B 459 17.54 59.51 26.41
N ILE B 460 16.44 60.06 26.95
CA ILE B 460 15.25 60.27 26.14
C ILE B 460 15.43 61.44 25.17
N LYS B 461 16.35 62.36 25.47
CA LYS B 461 16.62 63.44 24.53
C LYS B 461 17.48 62.99 23.36
N LYS B 462 18.29 61.95 23.54
CA LYS B 462 19.17 61.41 22.50
C LYS B 462 18.97 59.90 22.45
N VAL B 463 18.00 59.45 21.65
CA VAL B 463 17.62 58.06 21.57
C VAL B 463 18.18 57.49 20.27
N GLU B 464 18.68 56.25 20.32
CA GLU B 464 19.12 55.54 19.15
C GLU B 464 18.25 54.30 18.97
N ALA B 465 18.22 53.78 17.73
CA ALA B 465 17.27 52.74 17.35
C ALA B 465 17.54 51.43 18.07
N TRP B 466 18.80 51.12 18.37
CA TRP B 466 19.13 49.85 19.02
C TRP B 466 18.70 49.82 20.48
N GLN B 467 18.62 50.99 21.15
CA GLN B 467 18.08 51.04 22.50
C GLN B 467 16.59 50.73 22.52
N VAL B 468 15.85 51.23 21.52
CA VAL B 468 14.43 50.92 21.38
C VAL B 468 14.25 49.44 21.03
N LEU B 469 15.18 48.90 20.24
CA LEU B 469 15.16 47.47 19.92
C LEU B 469 15.38 46.62 21.18
N LYS B 470 16.29 47.06 22.05
CA LYS B 470 16.57 46.34 23.30
C LYS B 470 15.38 46.38 24.26
N HIS B 471 14.71 47.54 24.39
CA HIS B 471 13.49 47.57 25.20
C HIS B 471 12.29 46.91 24.53
N LEU B 472 12.27 46.78 23.21
CA LEU B 472 11.24 45.97 22.58
C LEU B 472 11.50 44.47 22.74
N ARG B 473 12.76 44.07 22.95
CA ARG B 473 13.06 42.69 23.26
C ARG B 473 12.67 42.31 24.69
N HIS B 474 12.52 43.29 25.58
CA HIS B 474 12.00 43.07 26.94
C HIS B 474 10.78 43.96 27.10
N LEU B 475 9.63 43.48 26.63
CA LEU B 475 8.39 44.26 26.65
C LEU B 475 7.26 43.41 27.18
N ASN B 476 6.44 43.99 28.05
CA ASN B 476 5.31 43.29 28.65
C ASN B 476 4.32 44.38 29.04
N PHE B 477 3.28 44.57 28.22
CA PHE B 477 2.33 45.64 28.53
C PHE B 477 0.91 45.17 28.31
N THR B 478 -0.02 45.76 29.03
CA THR B 478 -1.43 45.41 28.94
C THR B 478 -2.16 46.39 28.02
N ASN B 479 -3.00 45.86 27.13
CA ASN B 479 -3.67 46.66 26.12
C ASN B 479 -5.02 47.17 26.65
N ASN B 480 -5.85 47.70 25.75
CA ASN B 480 -7.12 48.30 26.12
C ASN B 480 -8.17 47.28 26.53
N MET B 481 -8.00 46.02 26.17
CA MET B 481 -8.92 44.97 26.62
C MET B 481 -8.50 44.31 27.93
N GLY B 482 -7.30 44.59 28.42
CA GLY B 482 -6.79 43.88 29.57
C GLY B 482 -6.04 42.60 29.27
N GLU B 483 -5.56 42.44 28.03
CA GLU B 483 -4.75 41.29 27.65
C GLU B 483 -3.28 41.71 27.56
N GLN B 484 -2.39 40.79 27.90
CA GLN B 484 -0.97 41.09 27.97
C GLN B 484 -0.29 40.82 26.64
N VAL B 485 0.55 41.75 26.21
CA VAL B 485 1.30 41.64 24.97
C VAL B 485 2.77 41.58 25.32
N THR B 486 3.42 40.51 24.86
CA THR B 486 4.86 40.26 24.97
C THR B 486 5.32 39.65 23.64
N PHE B 487 6.63 39.62 23.44
CA PHE B 487 7.22 38.94 22.30
C PHE B 487 8.11 37.80 22.77
N ASP B 488 8.23 36.77 21.93
CA ASP B 488 9.02 35.59 22.26
C ASP B 488 10.51 35.87 22.06
N GLU B 489 11.33 34.82 22.14
CA GLU B 489 12.72 34.92 21.77
C GLU B 489 12.91 35.00 20.26
N CYS B 490 11.87 34.66 19.48
CA CYS B 490 11.86 34.86 18.04
C CYS B 490 11.05 36.08 17.63
N GLY B 491 10.61 36.88 18.60
CA GLY B 491 9.82 38.07 18.29
C GLY B 491 8.46 37.80 17.70
N ASP B 492 7.73 36.84 18.24
CA ASP B 492 6.43 36.43 17.73
C ASP B 492 5.34 36.75 18.75
N LEU B 493 4.10 36.68 18.30
CA LEU B 493 2.93 36.87 19.15
C LEU B 493 1.88 35.85 18.74
N VAL B 494 1.15 35.33 19.72
CA VAL B 494 0.32 34.15 19.53
C VAL B 494 -1.13 34.51 19.83
N GLY B 495 -2.04 33.87 19.09
CA GLY B 495 -3.46 34.11 19.28
C GLY B 495 -4.28 33.04 18.59
N ASN B 496 -5.58 33.06 18.88
CA ASN B 496 -6.54 32.08 18.40
C ASN B 496 -6.89 32.33 16.92
N TYR B 497 -7.68 31.42 16.35
CA TYR B 497 -8.24 31.61 15.02
C TYR B 497 -9.74 31.37 15.05
N SER B 498 -10.45 32.01 14.11
CA SER B 498 -11.86 31.77 13.88
C SER B 498 -12.04 31.05 12.56
N ILE B 499 -13.07 30.22 12.48
CA ILE B 499 -13.40 29.44 11.29
C ILE B 499 -14.76 29.89 10.79
N ILE B 500 -14.78 30.44 9.57
CA ILE B 500 -15.92 31.12 8.99
C ILE B 500 -16.31 30.42 7.69
N ASN B 501 -17.54 30.70 7.25
CA ASN B 501 -18.15 30.00 6.13
C ASN B 501 -18.89 31.01 5.27
N TRP B 502 -18.80 30.86 3.95
CA TRP B 502 -19.32 31.85 3.02
C TRP B 502 -20.76 31.52 2.67
N HIS B 503 -21.68 32.43 2.99
CA HIS B 503 -23.10 32.29 2.72
C HIS B 503 -23.53 33.33 1.70
N LEU B 504 -24.81 33.32 1.37
CA LEU B 504 -25.42 34.29 0.46
C LEU B 504 -26.52 35.03 1.19
N SER B 505 -26.47 36.36 1.14
CA SER B 505 -27.44 37.17 1.84
C SER B 505 -28.78 37.13 1.12
N PRO B 506 -29.90 36.96 1.85
CA PRO B 506 -31.22 37.02 1.22
C PRO B 506 -31.75 38.42 1.00
N GLU B 507 -31.03 39.45 1.44
CA GLU B 507 -31.49 40.83 1.35
C GLU B 507 -30.94 41.57 0.13
N ASP B 508 -29.62 41.55 -0.06
CA ASP B 508 -29.00 42.24 -1.18
C ASP B 508 -28.14 41.35 -2.07
N GLY B 509 -27.97 40.08 -1.73
CA GLY B 509 -27.25 39.16 -2.58
C GLY B 509 -25.75 39.15 -2.43
N SER B 510 -25.21 39.80 -1.41
CA SER B 510 -23.78 39.76 -1.17
C SER B 510 -23.40 38.52 -0.37
N ILE B 511 -22.09 38.34 -0.19
CA ILE B 511 -21.56 37.19 0.52
C ILE B 511 -21.32 37.55 1.99
N VAL B 512 -21.86 36.71 2.88
CA VAL B 512 -21.81 36.94 4.32
C VAL B 512 -20.92 35.86 4.94
N PHE B 513 -19.96 36.28 5.75
CA PHE B 513 -19.07 35.36 6.44
C PHE B 513 -19.65 35.06 7.82
N LYS B 514 -20.15 33.84 8.00
CA LYS B 514 -20.76 33.42 9.25
C LYS B 514 -19.81 32.48 9.99
N GLU B 515 -19.65 32.71 11.30
CA GLU B 515 -18.72 31.94 12.11
C GLU B 515 -19.29 30.57 12.44
N VAL B 516 -18.52 29.53 12.14
CA VAL B 516 -18.92 28.17 12.48
C VAL B 516 -18.00 27.51 13.50
N GLY B 517 -16.83 28.08 13.79
CA GLY B 517 -16.02 27.44 14.82
C GLY B 517 -14.80 28.24 15.19
N TYR B 518 -13.94 27.61 15.99
CA TYR B 518 -12.70 28.25 16.44
C TYR B 518 -11.56 27.23 16.47
N TYR B 519 -10.34 27.77 16.43
CA TYR B 519 -9.11 27.01 16.66
C TYR B 519 -8.40 27.64 17.84
N ASN B 520 -8.36 26.90 18.96
CA ASN B 520 -7.85 27.37 20.24
C ASN B 520 -6.41 26.89 20.36
N VAL B 521 -5.46 27.81 20.20
CA VAL B 521 -4.05 27.45 20.09
C VAL B 521 -3.43 27.11 21.44
N TYR B 522 -4.08 27.46 22.54
CA TYR B 522 -3.50 27.28 23.87
C TYR B 522 -3.73 25.89 24.45
N ALA B 523 -4.58 25.07 23.84
CA ALA B 523 -4.95 23.79 24.42
C ALA B 523 -3.99 22.70 23.96
N LYS B 524 -4.19 21.50 24.50
CA LYS B 524 -3.35 20.37 24.19
C LYS B 524 -3.57 19.89 22.75
N LYS B 525 -2.57 19.19 22.22
CA LYS B 525 -2.64 18.68 20.86
C LYS B 525 -3.72 17.60 20.76
N GLY B 526 -4.59 17.75 19.77
CA GLY B 526 -5.74 16.88 19.61
C GLY B 526 -7.01 17.39 20.21
N GLU B 527 -6.97 18.52 20.91
CA GLU B 527 -8.15 19.12 21.55
C GLU B 527 -8.18 20.62 21.29
N ARG B 528 -7.95 21.01 20.04
CA ARG B 528 -7.84 22.41 19.68
C ARG B 528 -8.96 22.91 18.78
N LEU B 529 -9.50 22.06 17.91
CA LEU B 529 -10.48 22.46 16.92
C LEU B 529 -11.90 22.34 17.47
N PHE B 530 -12.74 23.33 17.18
CA PHE B 530 -14.17 23.23 17.47
C PHE B 530 -14.95 23.67 16.24
N ILE B 531 -15.80 22.78 15.74
CA ILE B 531 -16.61 23.00 14.54
C ILE B 531 -18.05 22.65 14.86
N ASN B 532 -18.97 23.56 14.51
CA ASN B 532 -20.40 23.31 14.63
C ASN B 532 -20.93 22.97 13.24
N GLU B 533 -21.44 21.76 13.07
CA GLU B 533 -21.83 21.26 11.76
C GLU B 533 -23.20 21.76 11.31
N GLU B 534 -24.02 22.26 12.24
CA GLU B 534 -25.39 22.63 11.92
C GLU B 534 -25.50 23.99 11.26
N LYS B 535 -24.39 24.73 11.14
CA LYS B 535 -24.37 26.04 10.50
C LYS B 535 -23.68 26.02 9.14
N ILE B 536 -23.19 24.87 8.70
CA ILE B 536 -22.44 24.78 7.46
C ILE B 536 -23.39 24.48 6.31
N LEU B 537 -23.33 25.28 5.26
CA LEU B 537 -24.03 25.03 4.01
C LEU B 537 -22.97 24.75 2.95
N TRP B 538 -22.94 23.52 2.45
CA TRP B 538 -21.91 23.10 1.51
C TRP B 538 -22.26 23.54 0.10
N SER B 539 -21.43 24.41 -0.47
CA SER B 539 -21.66 25.11 -1.74
C SER B 539 -22.91 25.98 -1.70
N GLY B 540 -23.24 26.54 -0.53
CA GLY B 540 -24.37 27.43 -0.39
C GLY B 540 -25.69 26.76 -0.06
N PHE B 541 -25.72 25.44 -0.01
CA PHE B 541 -26.90 24.61 0.24
C PHE B 541 -26.37 23.27 0.74
N SER B 542 -27.15 22.20 0.59
CA SER B 542 -26.66 20.81 0.64
C SER B 542 -26.07 20.45 2.01
N ARG B 543 -26.96 20.31 2.99
CA ARG B 543 -26.60 19.95 4.36
C ARG B 543 -25.86 18.62 4.49
N GLU B 544 -25.81 17.78 3.46
CA GLU B 544 -25.02 16.55 3.49
C GLU B 544 -23.54 16.88 3.37
N VAL B 545 -22.74 16.24 4.21
CA VAL B 545 -21.27 16.33 4.11
C VAL B 545 -20.81 15.61 2.85
N PRO B 546 -19.99 16.22 2.00
CA PRO B 546 -19.64 15.59 0.73
C PRO B 546 -18.64 14.45 0.87
N PHE B 547 -18.61 13.60 -0.15
CA PHE B 547 -17.73 12.44 -0.20
C PHE B 547 -16.48 12.83 -0.99
N SER B 548 -15.33 12.79 -0.34
CA SER B 548 -14.09 13.21 -0.98
C SER B 548 -12.91 12.34 -0.60
N ASN B 549 -13.08 11.01 -0.62
CA ASN B 549 -11.90 10.15 -0.63
C ASN B 549 -12.00 9.15 -1.79
N CYS B 550 -10.85 8.55 -2.12
CA CYS B 550 -10.61 7.98 -3.46
C CYS B 550 -11.52 6.80 -3.78
N SER B 551 -11.55 5.81 -2.89
CA SER B 551 -12.24 4.56 -3.17
C SER B 551 -13.20 4.26 -2.04
N ARG B 552 -14.34 3.66 -2.39
CA ARG B 552 -15.37 3.38 -1.41
C ARG B 552 -15.00 2.16 -0.58
N ASP B 553 -15.46 2.16 0.66
CA ASP B 553 -15.02 1.18 1.65
C ASP B 553 -15.55 -0.21 1.34
N CYS B 554 -14.75 -1.21 1.69
CA CYS B 554 -15.14 -2.61 1.54
C CYS B 554 -15.85 -3.07 2.80
N LEU B 555 -16.99 -3.73 2.63
CA LEU B 555 -17.83 -4.14 3.74
C LEU B 555 -17.27 -5.42 4.36
N ALA B 556 -18.04 -6.04 5.26
CA ALA B 556 -17.61 -7.27 5.89
C ALA B 556 -17.66 -8.43 4.92
N GLY B 557 -16.73 -9.37 5.09
CA GLY B 557 -16.57 -10.45 4.14
C GLY B 557 -15.70 -10.12 2.95
N THR B 558 -15.05 -8.96 2.94
CA THR B 558 -14.16 -8.55 1.88
C THR B 558 -12.88 -7.96 2.50
N ARG B 559 -11.91 -7.68 1.62
CA ARG B 559 -10.63 -7.15 2.02
C ARG B 559 -10.19 -6.11 0.99
N LYS B 560 -9.33 -5.20 1.44
CA LYS B 560 -8.78 -4.16 0.56
C LYS B 560 -7.92 -4.76 -0.54
N GLY B 561 -7.28 -5.89 -0.27
CA GLY B 561 -6.76 -6.74 -1.32
C GLY B 561 -5.69 -6.20 -2.24
N ILE B 562 -6.13 -5.87 -3.46
CA ILE B 562 -5.22 -5.72 -4.58
C ILE B 562 -4.51 -4.37 -4.50
N ILE B 563 -3.19 -4.40 -4.61
CA ILE B 563 -2.39 -3.22 -4.82
C ILE B 563 -2.37 -2.92 -6.32
N GLU B 564 -2.39 -1.63 -6.68
CA GLU B 564 -2.55 -1.27 -8.09
C GLU B 564 -1.34 -0.57 -8.71
N GLY B 565 -0.50 0.09 -7.93
CA GLY B 565 0.46 1.04 -8.45
C GLY B 565 0.05 2.48 -8.25
N GLU B 566 -1.19 2.72 -7.88
CA GLU B 566 -1.69 3.99 -7.38
C GLU B 566 -1.29 4.11 -5.91
N PRO B 567 -1.45 5.27 -5.28
CA PRO B 567 -1.20 5.37 -3.83
C PRO B 567 -2.19 4.55 -3.00
N THR B 568 -1.91 4.52 -1.69
CA THR B 568 -2.57 3.62 -0.76
C THR B 568 -4.06 3.93 -0.58
N CYS B 569 -4.50 5.14 -0.92
CA CYS B 569 -5.89 5.52 -0.74
C CYS B 569 -6.80 4.84 -1.75
N CYS B 570 -6.27 4.33 -2.86
CA CYS B 570 -7.05 3.75 -3.93
C CYS B 570 -6.78 2.26 -4.02
N PHE B 571 -7.83 1.45 -4.02
CA PHE B 571 -7.71 0.00 -3.86
C PHE B 571 -8.94 -0.69 -4.45
N GLU B 572 -9.07 -1.99 -4.17
CA GLU B 572 -10.23 -2.77 -4.59
C GLU B 572 -10.84 -3.53 -3.41
N CYS B 573 -11.79 -4.42 -3.69
CA CYS B 573 -12.39 -5.26 -2.65
C CYS B 573 -12.47 -6.70 -3.16
N VAL B 574 -11.91 -7.63 -2.37
CA VAL B 574 -11.78 -9.03 -2.76
C VAL B 574 -12.34 -9.89 -1.62
N GLU B 575 -13.00 -11.01 -1.97
CA GLU B 575 -13.62 -11.83 -0.94
C GLU B 575 -12.62 -12.77 -0.26
N CYS B 576 -12.96 -13.18 0.97
CA CYS B 576 -12.14 -14.07 1.79
C CYS B 576 -12.22 -15.51 1.31
N PRO B 577 -11.22 -16.36 1.66
CA PRO B 577 -11.34 -17.80 1.37
C PRO B 577 -12.38 -18.51 2.23
N ASP B 578 -12.49 -19.82 2.06
CA ASP B 578 -13.56 -20.61 2.65
C ASP B 578 -13.08 -21.34 3.90
N GLY B 579 -12.19 -20.73 4.67
CA GLY B 579 -11.84 -21.28 5.96
C GLY B 579 -11.57 -20.21 7.00
N GLU B 580 -11.83 -18.95 6.66
CA GLU B 580 -11.42 -17.79 7.44
C GLU B 580 -12.60 -16.84 7.59
N TYR B 581 -12.46 -15.87 8.52
CA TYR B 581 -13.53 -14.94 8.83
C TYR B 581 -13.01 -13.51 8.86
N SER B 582 -13.84 -12.56 8.45
CA SER B 582 -13.51 -11.14 8.51
C SER B 582 -14.77 -10.34 8.76
N ASP B 583 -14.83 -9.64 9.91
CA ASP B 583 -15.92 -8.70 10.21
C ASP B 583 -15.35 -7.36 10.67
N GLU B 584 -15.01 -6.52 9.70
CA GLU B 584 -14.56 -5.15 9.89
C GLU B 584 -14.56 -4.45 8.55
N THR B 585 -14.84 -3.16 8.56
CA THR B 585 -14.71 -2.36 7.35
C THR B 585 -13.23 -2.08 7.11
N ASP B 586 -12.82 -2.20 5.83
CA ASP B 586 -11.46 -1.95 5.34
C ASP B 586 -10.45 -2.88 6.02
N ALA B 587 -10.61 -4.16 5.72
CA ALA B 587 -9.70 -5.19 6.19
C ALA B 587 -8.58 -5.40 5.18
N SER B 588 -7.38 -5.70 5.67
CA SER B 588 -6.25 -5.96 4.81
C SER B 588 -5.97 -7.44 4.60
N ALA B 589 -6.54 -8.31 5.42
CA ALA B 589 -6.31 -9.74 5.33
C ALA B 589 -7.49 -10.47 5.93
N CYS B 590 -7.49 -11.79 5.79
CA CYS B 590 -8.55 -12.65 6.30
C CYS B 590 -7.95 -13.56 7.36
N ASN B 591 -8.66 -13.73 8.49
CA ASN B 591 -8.09 -14.33 9.69
C ASN B 591 -8.60 -15.75 9.89
N LYS B 592 -7.68 -16.66 10.21
CA LYS B 592 -7.99 -18.07 10.35
C LYS B 592 -8.79 -18.36 11.62
N CYS B 593 -9.77 -19.26 11.51
CA CYS B 593 -10.49 -19.75 12.68
C CYS B 593 -9.59 -20.57 13.61
N PRO B 594 -9.91 -20.61 14.90
CA PRO B 594 -9.24 -21.55 15.80
C PRO B 594 -9.63 -22.99 15.50
N ASP B 595 -8.90 -23.91 16.13
CA ASP B 595 -9.07 -25.34 15.89
C ASP B 595 -10.44 -25.80 16.41
N ASP B 596 -11.00 -26.79 15.70
CA ASP B 596 -12.35 -27.34 15.89
C ASP B 596 -13.44 -26.30 15.66
N PHE B 597 -13.15 -25.27 14.89
CA PHE B 597 -14.14 -24.30 14.44
C PHE B 597 -14.09 -24.20 12.92
N TRP B 598 -15.22 -23.83 12.31
CA TRP B 598 -15.30 -23.65 10.87
C TRP B 598 -16.06 -22.37 10.59
N SER B 599 -15.75 -21.76 9.44
CA SER B 599 -16.21 -20.40 9.14
C SER B 599 -17.71 -20.37 8.88
N ASN B 600 -18.35 -19.30 9.37
CA ASN B 600 -19.75 -19.06 9.11
C ASN B 600 -19.94 -18.67 7.64
N GLU B 601 -21.16 -18.87 7.15
CA GLU B 601 -21.52 -18.39 5.82
C GLU B 601 -21.46 -16.87 5.79
N ASN B 602 -21.01 -16.32 4.66
CA ASN B 602 -20.60 -14.95 4.35
C ASN B 602 -19.29 -14.56 5.03
N HIS B 603 -18.67 -15.47 5.80
CA HIS B 603 -17.38 -15.28 6.47
C HIS B 603 -17.36 -14.07 7.39
N THR B 604 -18.47 -13.86 8.11
CA THR B 604 -18.54 -12.77 9.06
C THR B 604 -17.98 -13.19 10.42
N SER B 605 -18.45 -14.30 10.97
CA SER B 605 -17.89 -14.81 12.21
C SER B 605 -17.42 -16.25 12.02
N CYS B 606 -17.05 -16.91 13.10
CA CYS B 606 -16.68 -18.32 13.05
C CYS B 606 -17.48 -19.07 14.11
N ILE B 607 -18.09 -20.17 13.70
CA ILE B 607 -18.95 -20.95 14.58
C ILE B 607 -18.29 -22.30 14.88
N ALA B 608 -18.89 -23.02 15.83
CA ALA B 608 -18.35 -24.30 16.28
C ALA B 608 -18.66 -25.40 15.26
N LYS B 609 -18.26 -26.62 15.60
CA LYS B 609 -18.38 -27.75 14.71
C LYS B 609 -19.18 -28.86 15.40
N GLU B 610 -19.86 -29.67 14.59
CA GLU B 610 -20.77 -30.69 15.10
C GLU B 610 -20.07 -32.04 15.18
N ILE B 611 -20.21 -32.71 16.31
CA ILE B 611 -19.60 -34.02 16.55
C ILE B 611 -20.69 -35.07 16.37
N GLU B 612 -20.43 -36.06 15.53
CA GLU B 612 -21.43 -37.06 15.15
C GLU B 612 -21.08 -38.42 15.73
N PHE B 613 -22.00 -38.97 16.52
CA PHE B 613 -21.89 -40.33 17.04
C PHE B 613 -23.29 -40.83 17.41
N LEU B 614 -23.40 -42.15 17.57
CA LEU B 614 -24.64 -42.73 18.06
C LEU B 614 -24.77 -42.43 19.55
N SER B 615 -25.93 -41.93 19.97
CA SER B 615 -26.09 -41.40 21.31
C SER B 615 -27.11 -42.22 22.11
N TRP B 616 -27.03 -42.06 23.43
CA TRP B 616 -27.96 -42.74 24.33
C TRP B 616 -29.31 -42.04 24.44
N THR B 617 -29.38 -40.75 24.10
CA THR B 617 -30.57 -39.97 24.39
C THR B 617 -31.40 -39.64 23.15
N GLU B 618 -30.85 -39.77 21.95
CA GLU B 618 -31.64 -39.66 20.75
C GLU B 618 -32.58 -40.86 20.66
N PRO B 619 -33.78 -40.69 20.06
CA PRO B 619 -34.80 -41.75 20.16
C PRO B 619 -34.45 -43.06 19.48
N PHE B 620 -33.49 -43.05 18.55
CA PHE B 620 -33.04 -44.30 17.94
C PHE B 620 -32.25 -45.15 18.93
N GLY B 621 -31.38 -44.52 19.72
CA GLY B 621 -30.68 -45.24 20.77
C GLY B 621 -31.59 -45.72 21.88
N ILE B 622 -32.59 -44.91 22.22
CA ILE B 622 -33.61 -45.31 23.19
C ILE B 622 -34.44 -46.47 22.65
N ALA B 623 -34.68 -46.50 21.35
CA ALA B 623 -35.40 -47.61 20.73
C ALA B 623 -34.55 -48.86 20.61
N LEU B 624 -33.22 -48.73 20.54
CA LEU B 624 -32.37 -49.92 20.51
C LEU B 624 -31.96 -50.44 21.88
N THR B 625 -32.10 -49.64 22.94
CA THR B 625 -31.80 -50.15 24.27
C THR B 625 -32.89 -51.10 24.77
N LEU B 626 -34.16 -50.84 24.42
CA LEU B 626 -35.26 -51.65 24.93
C LEU B 626 -35.30 -53.03 24.30
N PHE B 627 -34.85 -53.18 23.05
CA PHE B 627 -34.76 -54.51 22.45
C PHE B 627 -33.63 -55.35 23.03
N ALA B 628 -32.68 -54.73 23.73
CA ALA B 628 -31.64 -55.46 24.45
C ALA B 628 -31.97 -55.64 25.92
N VAL B 629 -32.97 -54.94 26.42
CA VAL B 629 -33.45 -55.16 27.79
C VAL B 629 -34.51 -56.25 27.78
N LEU B 630 -35.34 -56.26 26.73
CA LEU B 630 -36.37 -57.28 26.57
C LEU B 630 -35.76 -58.67 26.39
N GLY B 631 -34.62 -58.76 25.71
CA GLY B 631 -33.94 -60.03 25.57
C GLY B 631 -33.42 -60.59 26.89
N ILE B 632 -32.93 -59.71 27.76
CA ILE B 632 -32.45 -60.14 29.08
C ILE B 632 -33.62 -60.59 29.96
N PHE B 633 -34.72 -59.84 29.96
CA PHE B 633 -35.88 -60.28 30.73
C PHE B 633 -36.69 -61.38 30.07
N LEU B 634 -36.39 -61.77 28.83
CA LEU B 634 -36.91 -63.03 28.32
C LEU B 634 -35.99 -64.21 28.59
N THR B 635 -34.68 -63.99 28.69
CA THR B 635 -33.78 -65.08 29.05
C THR B 635 -33.88 -65.42 30.52
N ALA B 636 -34.15 -64.42 31.37
CA ALA B 636 -34.31 -64.65 32.80
C ALA B 636 -35.67 -65.21 33.16
N PHE B 637 -36.58 -65.33 32.19
CA PHE B 637 -37.82 -66.07 32.38
C PHE B 637 -37.63 -67.54 32.04
N VAL B 638 -36.93 -67.83 30.94
CA VAL B 638 -36.60 -69.21 30.57
C VAL B 638 -35.74 -69.86 31.65
N LEU B 639 -34.78 -69.09 32.20
CA LEU B 639 -34.02 -69.59 33.34
C LEU B 639 -34.86 -69.77 34.59
N GLY B 640 -35.92 -69.00 34.77
CA GLY B 640 -36.78 -69.17 35.92
C GLY B 640 -37.64 -70.42 35.84
N VAL B 641 -38.17 -70.69 34.64
CA VAL B 641 -38.89 -71.94 34.42
C VAL B 641 -37.95 -73.15 34.53
N PHE B 642 -36.72 -73.01 34.04
CA PHE B 642 -35.78 -74.13 34.12
C PHE B 642 -35.33 -74.41 35.55
N ILE B 643 -35.19 -73.37 36.39
CA ILE B 643 -34.84 -73.63 37.78
C ILE B 643 -36.03 -74.08 38.62
N LYS B 644 -37.23 -73.56 38.37
CA LYS B 644 -38.38 -73.98 39.16
C LYS B 644 -38.89 -75.36 38.77
N PHE B 645 -38.93 -75.66 37.47
CA PHE B 645 -39.45 -76.93 36.98
C PHE B 645 -38.38 -77.95 36.71
N ARG B 646 -37.32 -77.99 37.54
CA ARG B 646 -36.32 -79.05 37.44
C ARG B 646 -36.90 -80.36 37.99
N ASN B 647 -36.03 -81.39 38.00
CA ASN B 647 -36.24 -82.83 38.20
C ASN B 647 -37.59 -83.30 37.63
N THR B 648 -37.81 -82.96 36.37
CA THR B 648 -38.92 -83.31 35.49
C THR B 648 -38.32 -83.86 34.20
N PRO B 649 -39.04 -84.73 33.46
CA PRO B 649 -38.41 -85.47 32.35
C PRO B 649 -37.83 -84.64 31.22
N ILE B 650 -38.41 -83.48 30.87
CA ILE B 650 -37.87 -82.66 29.79
C ILE B 650 -36.55 -82.01 30.23
N VAL B 651 -36.53 -81.42 31.43
CA VAL B 651 -35.35 -80.73 31.91
C VAL B 651 -34.24 -81.71 32.24
N LYS B 652 -34.59 -82.86 32.83
CA LYS B 652 -33.61 -83.86 33.24
C LYS B 652 -33.19 -84.77 32.09
N ALA B 653 -33.95 -84.78 30.98
CA ALA B 653 -33.63 -85.66 29.86
C ALA B 653 -32.34 -85.24 29.16
N THR B 654 -32.21 -83.96 28.85
CA THR B 654 -30.93 -83.46 28.38
C THR B 654 -30.08 -83.02 29.58
N ASN B 655 -28.93 -82.44 29.29
CA ASN B 655 -28.05 -82.00 30.38
C ASN B 655 -28.60 -80.73 31.02
N ARG B 656 -28.80 -80.78 32.33
CA ARG B 656 -29.27 -79.62 33.07
C ARG B 656 -28.17 -78.60 33.29
N GLU B 657 -26.92 -79.05 33.45
CA GLU B 657 -25.82 -78.14 33.71
C GLU B 657 -25.35 -77.40 32.46
N LEU B 658 -25.52 -78.00 31.28
CA LEU B 658 -25.15 -77.31 30.04
C LEU B 658 -26.14 -76.22 29.69
N SER B 659 -27.42 -76.41 30.02
CA SER B 659 -28.44 -75.41 29.70
C SER B 659 -28.27 -74.15 30.53
N TYR B 660 -27.82 -74.28 31.77
CA TYR B 660 -27.52 -73.11 32.59
C TYR B 660 -26.36 -72.31 32.03
N LEU B 661 -25.35 -72.99 31.50
CA LEU B 661 -24.21 -72.33 30.90
C LEU B 661 -24.53 -71.77 29.51
N LEU B 662 -25.58 -72.30 28.85
CA LEU B 662 -26.06 -71.71 27.61
C LEU B 662 -26.94 -70.49 27.85
N LEU B 663 -27.75 -70.51 28.91
CA LEU B 663 -28.58 -69.36 29.24
C LEU B 663 -27.79 -68.24 29.92
N PHE B 664 -26.62 -68.52 30.47
CA PHE B 664 -25.72 -67.44 30.88
C PHE B 664 -25.03 -66.81 29.68
N SER B 665 -24.65 -67.64 28.70
CA SER B 665 -24.01 -67.12 27.50
C SER B 665 -24.97 -66.31 26.65
N LEU B 666 -26.27 -66.61 26.69
CA LEU B 666 -27.22 -65.75 26.00
C LEU B 666 -27.42 -64.42 26.72
N LEU B 667 -27.38 -64.41 28.06
CA LEU B 667 -27.39 -63.15 28.80
C LEU B 667 -26.12 -62.33 28.58
N CYS B 668 -25.03 -62.98 28.16
CA CYS B 668 -23.86 -62.23 27.73
C CYS B 668 -23.94 -61.80 26.27
N CYS B 669 -24.67 -62.53 25.43
CA CYS B 669 -24.81 -62.16 24.02
C CYS B 669 -25.73 -60.95 23.83
N PHE B 670 -26.81 -60.87 24.62
CA PHE B 670 -27.61 -59.65 24.57
C PHE B 670 -26.86 -58.46 25.17
N SER B 671 -26.07 -58.68 26.21
CA SER B 671 -25.37 -57.57 26.85
C SER B 671 -24.09 -57.17 26.14
N SER B 672 -23.65 -57.93 25.14
CA SER B 672 -22.47 -57.54 24.36
C SER B 672 -22.79 -56.53 23.26
N SER B 673 -24.05 -56.15 23.08
CA SER B 673 -24.41 -55.18 22.06
C SER B 673 -24.43 -53.74 22.56
N LEU B 674 -24.30 -53.54 23.87
CA LEU B 674 -24.31 -52.19 24.45
C LEU B 674 -22.94 -51.52 24.40
N PHE B 675 -21.92 -52.19 23.90
CA PHE B 675 -20.63 -51.54 23.69
C PHE B 675 -20.59 -50.76 22.37
N PHE B 676 -21.55 -50.99 21.49
CA PHE B 676 -21.62 -50.29 20.22
C PHE B 676 -22.53 -49.07 20.27
N ILE B 677 -23.11 -48.76 21.42
CA ILE B 677 -23.98 -47.60 21.61
C ILE B 677 -23.25 -46.61 22.52
N GLY B 678 -23.23 -45.35 22.12
CA GLY B 678 -22.62 -44.29 22.91
C GLY B 678 -21.45 -43.67 22.19
N GLU B 679 -20.79 -42.76 22.89
CA GLU B 679 -19.59 -42.13 22.33
C GLU B 679 -18.41 -43.08 22.46
N PRO B 680 -17.69 -43.35 21.38
CA PRO B 680 -16.50 -44.23 21.46
C PRO B 680 -15.39 -43.63 22.32
N GLN B 681 -14.82 -44.47 23.18
CA GLN B 681 -13.68 -44.15 24.02
C GLN B 681 -12.63 -45.24 23.85
N ASP B 682 -11.57 -45.20 24.67
CA ASP B 682 -10.51 -46.18 24.53
C ASP B 682 -10.91 -47.55 25.08
N TRP B 683 -11.59 -47.57 26.23
CA TRP B 683 -11.92 -48.84 26.87
C TRP B 683 -13.09 -49.55 26.20
N THR B 684 -14.03 -48.81 25.61
CA THR B 684 -15.18 -49.41 24.96
C THR B 684 -14.93 -49.70 23.47
N CYS B 685 -13.70 -49.53 23.00
CA CYS B 685 -13.28 -50.05 21.71
C CYS B 685 -12.21 -51.12 21.80
N ARG B 686 -11.58 -51.30 22.95
CA ARG B 686 -10.73 -52.46 23.19
C ARG B 686 -11.50 -53.65 23.73
N LEU B 687 -12.74 -53.46 24.17
CA LEU B 687 -13.58 -54.54 24.66
C LEU B 687 -14.81 -54.78 23.78
N ARG B 688 -14.92 -54.06 22.65
CA ARG B 688 -16.12 -54.13 21.84
C ARG B 688 -16.22 -55.46 21.09
N GLN B 689 -15.14 -55.85 20.44
CA GLN B 689 -15.05 -57.09 19.66
C GLN B 689 -14.79 -58.37 20.48
N PRO B 690 -13.90 -58.40 21.49
CA PRO B 690 -13.78 -59.64 22.28
C PRO B 690 -15.03 -60.07 23.02
N ALA B 691 -15.90 -59.14 23.43
CA ALA B 691 -17.14 -59.52 24.11
C ALA B 691 -18.03 -60.35 23.20
N PHE B 692 -18.26 -59.86 21.98
CA PHE B 692 -19.02 -60.59 20.97
C PHE B 692 -18.34 -61.92 20.65
N GLY B 693 -17.01 -61.90 20.50
CA GLY B 693 -16.29 -63.12 20.14
C GLY B 693 -16.38 -64.22 21.17
N ILE B 694 -16.08 -63.90 22.43
CA ILE B 694 -16.08 -64.91 23.50
C ILE B 694 -17.51 -65.37 23.81
N SER B 695 -18.47 -64.44 23.85
CA SER B 695 -19.85 -64.84 24.15
C SER B 695 -20.43 -65.72 23.06
N PHE B 696 -20.16 -65.42 21.79
CA PHE B 696 -20.71 -66.25 20.72
C PHE B 696 -19.99 -67.58 20.60
N VAL B 697 -18.67 -67.64 20.88
CA VAL B 697 -18.02 -68.94 20.78
C VAL B 697 -18.45 -69.84 21.95
N LEU B 698 -18.70 -69.25 23.13
CA LEU B 698 -19.23 -70.03 24.25
C LEU B 698 -20.64 -70.55 23.94
N CYS B 699 -21.49 -69.71 23.34
CA CYS B 699 -22.85 -70.13 23.04
C CYS B 699 -22.89 -71.22 21.95
N ILE B 700 -22.09 -71.05 20.89
CA ILE B 700 -22.07 -72.02 19.80
C ILE B 700 -21.43 -73.33 20.25
N SER B 701 -20.42 -73.27 21.13
CA SER B 701 -19.85 -74.48 21.71
C SER B 701 -20.86 -75.23 22.56
N CYS B 702 -21.64 -74.51 23.38
CA CYS B 702 -22.68 -75.16 24.18
C CYS B 702 -23.79 -75.75 23.32
N ILE B 703 -24.09 -75.14 22.18
CA ILE B 703 -25.03 -75.75 21.23
C ILE B 703 -24.43 -77.03 20.64
N LEU B 704 -23.15 -76.97 20.26
CA LEU B 704 -22.53 -78.06 19.50
C LEU B 704 -22.32 -79.30 20.35
N VAL B 705 -21.96 -79.14 21.62
CA VAL B 705 -21.52 -80.27 22.43
C VAL B 705 -22.72 -80.89 23.18
N LYS B 706 -23.90 -80.31 23.03
CA LYS B 706 -25.07 -80.74 23.77
C LYS B 706 -25.88 -81.84 23.08
N THR B 707 -25.78 -81.96 21.75
CA THR B 707 -26.68 -82.81 20.98
C THR B 707 -26.51 -84.30 21.26
N ASN B 708 -25.35 -84.72 21.80
CA ASN B 708 -25.04 -86.02 22.38
C ASN B 708 -24.99 -87.16 21.35
N ARG B 709 -25.32 -86.91 20.08
CA ARG B 709 -25.33 -87.96 19.07
C ARG B 709 -23.91 -88.39 18.71
N VAL B 710 -23.01 -87.43 18.51
CA VAL B 710 -21.63 -87.72 18.14
C VAL B 710 -20.68 -87.01 19.10
N LEU B 711 -21.12 -86.78 20.33
CA LEU B 711 -20.33 -86.08 21.33
C LEU B 711 -19.65 -87.03 22.32
N LEU B 712 -20.42 -87.93 22.93
CA LEU B 712 -19.87 -88.88 23.88
C LEU B 712 -19.71 -90.29 23.30
N VAL B 713 -20.29 -90.56 22.13
CA VAL B 713 -20.17 -91.87 21.49
C VAL B 713 -19.19 -91.84 20.32
N PHE B 714 -18.38 -90.78 20.20
CA PHE B 714 -17.40 -90.68 19.14
C PHE B 714 -16.07 -90.14 19.67
N LEU B 729 -15.40 -84.66 36.49
CA LEU B 729 -16.34 -83.88 35.71
C LEU B 729 -16.94 -84.70 34.57
N ASN B 730 -17.02 -84.10 33.39
CA ASN B 730 -17.58 -84.76 32.22
C ASN B 730 -16.65 -84.53 31.02
N LEU B 731 -16.81 -85.37 30.00
CA LEU B 731 -16.11 -85.18 28.75
C LEU B 731 -16.68 -84.03 27.93
N GLN B 732 -17.93 -83.64 28.21
CA GLN B 732 -18.61 -82.59 27.47
C GLN B 732 -18.45 -81.21 28.08
N PHE B 733 -17.99 -81.10 29.33
CA PHE B 733 -17.59 -79.80 29.84
C PHE B 733 -16.17 -79.44 29.46
N LEU B 734 -15.38 -80.40 28.99
CA LEU B 734 -14.01 -80.15 28.56
C LEU B 734 -13.92 -79.84 27.07
N LEU B 735 -15.01 -79.99 26.32
CA LEU B 735 -15.05 -79.55 24.93
C LEU B 735 -15.59 -78.14 24.79
N VAL B 736 -15.96 -77.50 25.89
CA VAL B 736 -16.36 -76.11 25.88
C VAL B 736 -15.21 -75.20 26.30
N PHE B 737 -14.44 -75.65 27.30
CA PHE B 737 -13.33 -74.88 27.83
C PHE B 737 -12.24 -74.68 26.79
N LEU B 738 -11.93 -75.72 26.02
CA LEU B 738 -10.91 -75.59 24.97
C LEU B 738 -11.35 -74.65 23.86
N CYS B 739 -12.61 -74.76 23.45
CA CYS B 739 -13.12 -73.92 22.36
C CYS B 739 -13.24 -72.46 22.77
N THR B 740 -13.50 -72.17 24.05
CA THR B 740 -13.47 -70.77 24.45
C THR B 740 -12.04 -70.29 24.76
N PHE B 741 -11.15 -71.19 25.19
CA PHE B 741 -9.77 -70.80 25.51
C PHE B 741 -8.98 -70.46 24.26
N MET B 742 -9.27 -71.14 23.14
CA MET B 742 -8.57 -70.83 21.90
C MET B 742 -9.00 -69.47 21.33
N GLN B 743 -10.12 -68.92 21.79
CA GLN B 743 -10.53 -67.57 21.44
C GLN B 743 -9.99 -66.54 22.43
N ILE B 744 -9.92 -66.91 23.71
CA ILE B 744 -9.35 -66.04 24.73
C ILE B 744 -7.87 -65.75 24.45
N VAL B 745 -7.13 -66.76 24.00
CA VAL B 745 -5.70 -66.56 23.72
C VAL B 745 -5.50 -65.59 22.54
N ILE B 746 -6.39 -65.65 21.54
CA ILE B 746 -6.37 -64.70 20.43
C ILE B 746 -6.67 -63.30 20.93
N CYS B 747 -7.68 -63.16 21.79
CA CYS B 747 -8.06 -61.86 22.32
C CYS B 747 -7.05 -61.29 23.31
N VAL B 748 -6.16 -62.10 23.87
CA VAL B 748 -5.08 -61.58 24.70
C VAL B 748 -3.87 -61.17 23.86
N ILE B 749 -3.52 -61.98 22.85
CA ILE B 749 -2.40 -61.63 21.95
C ILE B 749 -2.72 -60.36 21.17
N TRP B 750 -3.97 -60.18 20.76
CA TRP B 750 -4.38 -58.98 20.02
C TRP B 750 -4.25 -57.73 20.88
N LEU B 751 -4.71 -57.79 22.14
CA LEU B 751 -4.65 -56.60 22.98
C LEU B 751 -3.28 -56.36 23.58
N TYR B 752 -2.38 -57.35 23.57
CA TYR B 752 -1.03 -57.16 24.06
C TYR B 752 0.00 -57.06 22.94
N THR B 753 -0.44 -57.04 21.68
CA THR B 753 0.46 -56.80 20.56
C THR B 753 0.08 -55.58 19.74
N ALA B 754 -1.20 -55.42 19.40
CA ALA B 754 -1.67 -54.30 18.59
C ALA B 754 -3.07 -53.92 19.04
N PRO B 755 -3.20 -53.05 20.02
CA PRO B 755 -4.52 -52.75 20.59
C PRO B 755 -5.32 -51.82 19.68
N PRO B 756 -6.65 -51.87 19.76
CA PRO B 756 -7.46 -50.86 19.07
C PRO B 756 -7.47 -49.56 19.85
N SER B 757 -7.91 -48.50 19.17
CA SER B 757 -7.86 -47.16 19.76
C SER B 757 -8.98 -46.32 19.19
N SER B 758 -9.15 -45.12 19.75
CA SER B 758 -10.16 -44.18 19.30
C SER B 758 -9.56 -43.20 18.29
N TYR B 759 -10.44 -42.44 17.65
CA TYR B 759 -10.03 -41.52 16.59
C TYR B 759 -11.11 -40.47 16.41
N ARG B 760 -10.69 -39.22 16.25
CA ARG B 760 -11.58 -38.09 15.98
C ARG B 760 -11.17 -37.54 14.62
N ASN B 761 -11.82 -38.01 13.56
CA ASN B 761 -11.42 -37.66 12.20
C ASN B 761 -12.32 -36.58 11.61
N GLN B 762 -11.69 -35.68 10.86
CA GLN B 762 -12.33 -34.51 10.26
C GLN B 762 -12.15 -34.47 8.74
N GLU B 763 -11.80 -35.60 8.13
CA GLU B 763 -11.35 -35.57 6.74
C GLU B 763 -12.45 -35.82 5.72
N LEU B 764 -13.57 -36.44 6.09
CA LEU B 764 -14.68 -36.58 5.15
C LEU B 764 -15.34 -35.23 4.88
N GLU B 765 -15.67 -34.49 5.93
CA GLU B 765 -16.31 -33.19 5.79
C GLU B 765 -15.64 -32.20 6.71
N ASP B 766 -15.68 -30.93 6.32
CA ASP B 766 -15.09 -29.85 7.09
C ASP B 766 -16.02 -29.29 8.15
N GLU B 767 -17.27 -29.76 8.21
CA GLU B 767 -18.24 -29.26 9.17
C GLU B 767 -18.70 -30.32 10.17
N ILE B 768 -18.23 -31.57 10.05
CA ILE B 768 -18.60 -32.66 10.94
C ILE B 768 -17.34 -33.36 11.41
N ILE B 769 -17.18 -33.53 12.71
CA ILE B 769 -16.16 -34.39 13.29
C ILE B 769 -16.78 -35.74 13.61
N PHE B 770 -16.21 -36.81 13.06
CA PHE B 770 -16.68 -38.16 13.35
C PHE B 770 -15.78 -38.79 14.41
N ILE B 771 -16.38 -39.51 15.35
CA ILE B 771 -15.64 -40.25 16.35
C ILE B 771 -15.76 -41.73 15.99
N THR B 772 -14.65 -42.33 15.62
CA THR B 772 -14.61 -43.69 15.09
C THR B 772 -13.49 -44.40 15.86
N CYS B 773 -13.37 -45.72 15.76
CA CYS B 773 -12.30 -46.44 16.43
C CYS B 773 -11.50 -47.26 15.43
N HIS B 774 -10.19 -47.07 15.46
CA HIS B 774 -9.26 -47.89 14.70
C HIS B 774 -9.13 -49.26 15.35
N GLU B 775 -9.16 -50.30 14.53
CA GLU B 775 -9.14 -51.68 15.02
C GLU B 775 -7.73 -52.25 15.13
N GLY B 776 -6.71 -51.47 14.80
CA GLY B 776 -5.35 -51.99 14.87
C GLY B 776 -5.08 -52.99 13.76
N SER B 777 -4.61 -54.17 14.14
CA SER B 777 -4.34 -55.21 13.17
C SER B 777 -5.64 -55.81 12.64
N LEU B 778 -5.67 -56.07 11.34
CA LEU B 778 -6.83 -56.69 10.71
C LEU B 778 -6.76 -58.20 10.69
N MET B 779 -5.57 -58.79 10.87
CA MET B 779 -5.45 -60.24 10.90
C MET B 779 -6.11 -60.83 12.15
N ALA B 780 -5.89 -60.18 13.30
CA ALA B 780 -6.52 -60.62 14.54
C ALA B 780 -8.01 -60.34 14.57
N LEU B 781 -8.50 -59.45 13.71
CA LEU B 781 -9.94 -59.30 13.51
C LEU B 781 -10.49 -60.34 12.55
N GLY B 782 -9.68 -60.77 11.58
CA GLY B 782 -10.11 -61.82 10.68
C GLY B 782 -10.22 -63.17 11.37
N PHE B 783 -9.26 -63.48 12.26
CA PHE B 783 -9.31 -64.73 13.02
C PHE B 783 -10.54 -64.79 13.93
N LEU B 784 -10.89 -63.66 14.53
CA LEU B 784 -12.00 -63.57 15.50
C LEU B 784 -13.34 -63.94 14.86
N ILE B 785 -13.54 -63.54 13.62
CA ILE B 785 -14.77 -63.88 12.91
C ILE B 785 -14.67 -65.25 12.22
N GLY B 786 -13.50 -65.60 11.69
CA GLY B 786 -13.36 -66.87 11.00
C GLY B 786 -13.50 -68.07 11.91
N TYR B 787 -13.00 -67.98 13.14
CA TYR B 787 -13.14 -69.09 14.09
C TYR B 787 -14.59 -69.32 14.49
N THR B 788 -15.35 -68.24 14.73
CA THR B 788 -16.76 -68.34 15.08
C THR B 788 -17.58 -68.91 13.93
N CYS B 789 -17.32 -68.44 12.70
CA CYS B 789 -18.04 -68.97 11.54
C CYS B 789 -17.66 -70.42 11.26
N LEU B 790 -16.40 -70.81 11.53
CA LEU B 790 -15.98 -72.19 11.39
C LEU B 790 -16.71 -73.11 12.36
N LEU B 791 -16.83 -72.68 13.62
CA LEU B 791 -17.54 -73.50 14.60
C LEU B 791 -19.02 -73.59 14.30
N ALA B 792 -19.62 -72.48 13.82
CA ALA B 792 -21.03 -72.54 13.43
C ALA B 792 -21.25 -73.39 12.19
N ALA B 793 -20.27 -73.47 11.28
CA ALA B 793 -20.39 -74.34 10.12
C ALA B 793 -20.25 -75.81 10.48
N ILE B 794 -19.35 -76.14 11.42
CA ILE B 794 -19.23 -77.51 11.91
C ILE B 794 -20.51 -77.93 12.62
N CYS B 795 -21.09 -77.04 13.43
CA CYS B 795 -22.35 -77.35 14.11
C CYS B 795 -23.51 -77.52 13.12
N PHE B 796 -23.54 -76.69 12.08
CA PHE B 796 -24.59 -76.80 11.07
C PHE B 796 -24.47 -78.13 10.30
N PHE B 797 -23.24 -78.51 9.94
CA PHE B 797 -23.03 -79.76 9.21
C PHE B 797 -23.36 -80.97 10.08
N PHE B 798 -23.00 -80.94 11.37
CA PHE B 798 -23.30 -82.07 12.23
C PHE B 798 -24.77 -82.13 12.64
N ALA B 799 -25.50 -81.01 12.56
CA ALA B 799 -26.91 -81.02 12.90
C ALA B 799 -27.81 -81.27 11.69
N PHE B 800 -27.30 -81.07 10.47
CA PHE B 800 -28.11 -81.30 9.28
C PHE B 800 -28.32 -82.81 9.06
N LYS B 801 -27.37 -83.63 9.49
CA LYS B 801 -27.44 -85.08 9.28
C LYS B 801 -28.33 -85.80 10.28
N SER B 802 -29.10 -85.08 11.09
CA SER B 802 -29.97 -85.73 12.07
C SER B 802 -31.35 -85.10 12.13
N ARG B 803 -31.80 -84.48 11.04
CA ARG B 803 -33.06 -83.75 11.05
C ARG B 803 -34.27 -84.69 11.14
N LYS B 804 -34.16 -85.90 10.57
CA LYS B 804 -35.29 -86.83 10.58
C LYS B 804 -35.39 -87.60 11.89
N LEU B 805 -34.26 -87.83 12.56
CA LEU B 805 -34.18 -88.57 13.82
C LEU B 805 -34.96 -87.88 14.93
N PRO B 806 -36.05 -88.47 15.40
CA PRO B 806 -36.83 -87.85 16.47
C PRO B 806 -36.28 -88.18 17.84
N GLU B 807 -35.75 -87.17 18.53
CA GLU B 807 -35.24 -87.36 19.88
C GLU B 807 -35.24 -86.00 20.58
N ASN B 808 -35.82 -85.97 21.78
CA ASN B 808 -36.06 -84.74 22.57
C ASN B 808 -36.81 -83.71 21.72
N PHE B 809 -37.96 -84.15 21.20
CA PHE B 809 -38.92 -83.32 20.45
C PHE B 809 -38.30 -82.70 19.20
N ASN B 810 -37.54 -83.54 18.46
CA ASN B 810 -36.94 -83.21 17.16
C ASN B 810 -36.01 -82.00 17.27
N GLU B 811 -34.98 -82.15 18.10
CA GLU B 811 -34.14 -81.02 18.48
C GLU B 811 -33.18 -80.60 17.37
N ALA B 812 -32.70 -81.55 16.56
CA ALA B 812 -31.71 -81.25 15.53
C ALA B 812 -32.29 -80.39 14.42
N LYS B 813 -33.61 -80.48 14.18
CA LYS B 813 -34.26 -79.60 13.22
C LYS B 813 -34.21 -78.14 13.67
N PHE B 814 -34.48 -77.90 14.96
CA PHE B 814 -34.41 -76.54 15.50
C PHE B 814 -32.97 -76.03 15.59
N ILE B 815 -32.02 -76.92 15.86
CA ILE B 815 -30.61 -76.53 15.85
C ILE B 815 -30.16 -76.15 14.44
N THR B 816 -30.62 -76.90 13.44
CA THR B 816 -30.37 -76.58 12.03
C THR B 816 -30.98 -75.24 11.64
N PHE B 817 -32.21 -74.98 12.10
CA PHE B 817 -32.86 -73.70 11.83
C PHE B 817 -32.11 -72.53 12.46
N SER B 818 -31.64 -72.70 13.71
CA SER B 818 -30.89 -71.64 14.38
C SER B 818 -29.57 -71.34 13.68
N MET B 819 -28.85 -72.40 13.29
CA MET B 819 -27.59 -72.18 12.59
C MET B 819 -27.79 -71.68 11.16
N LEU B 820 -28.97 -71.88 10.59
CA LEU B 820 -29.29 -71.25 9.32
C LEU B 820 -29.57 -69.76 9.49
N ILE B 821 -30.32 -69.40 10.55
CA ILE B 821 -30.66 -68.00 10.82
C ILE B 821 -29.41 -67.18 11.11
N PHE B 822 -28.43 -67.78 11.79
CA PHE B 822 -27.14 -67.11 12.04
C PHE B 822 -26.45 -66.69 10.74
N PHE B 823 -26.39 -67.61 9.76
CA PHE B 823 -25.76 -67.28 8.50
C PHE B 823 -26.59 -66.32 7.65
N ILE B 824 -27.92 -66.39 7.75
CA ILE B 824 -28.77 -65.42 7.05
C ILE B 824 -28.52 -64.01 7.58
N VAL B 825 -28.40 -63.87 8.91
CA VAL B 825 -28.14 -62.55 9.49
C VAL B 825 -26.75 -62.05 9.11
N TRP B 826 -25.75 -62.94 9.05
CA TRP B 826 -24.41 -62.50 8.66
C TRP B 826 -24.36 -62.06 7.19
N ILE B 827 -24.96 -62.84 6.30
CA ILE B 827 -24.98 -62.51 4.87
C ILE B 827 -25.82 -61.27 4.60
N SER B 828 -26.90 -61.06 5.35
CA SER B 828 -27.64 -59.80 5.21
C SER B 828 -26.85 -58.62 5.78
N PHE B 829 -26.02 -58.85 6.79
CA PHE B 829 -25.26 -57.77 7.41
C PHE B 829 -24.15 -57.27 6.49
N ILE B 830 -23.52 -58.17 5.74
CA ILE B 830 -22.28 -57.77 5.04
C ILE B 830 -22.49 -56.82 3.86
N PRO B 831 -23.64 -56.77 3.15
CA PRO B 831 -23.90 -55.55 2.35
C PRO B 831 -24.06 -54.27 3.15
N ALA B 832 -24.82 -54.30 4.23
CA ALA B 832 -25.27 -53.06 4.87
C ALA B 832 -24.15 -52.34 5.63
N TYR B 833 -23.08 -53.04 5.99
CA TYR B 833 -22.00 -52.39 6.72
C TYR B 833 -21.22 -51.44 5.83
N ALA B 834 -21.07 -51.78 4.54
CA ALA B 834 -20.24 -51.02 3.61
C ALA B 834 -21.03 -50.00 2.80
N SER B 835 -22.29 -49.74 3.16
CA SER B 835 -23.12 -48.82 2.39
C SER B 835 -23.69 -47.67 3.21
N THR B 836 -23.44 -47.63 4.52
CA THR B 836 -23.99 -46.60 5.38
C THR B 836 -22.90 -45.60 5.77
N TYR B 837 -23.36 -44.47 6.32
CA TYR B 837 -22.51 -43.35 6.68
C TYR B 837 -22.26 -43.37 8.20
N GLY B 838 -21.65 -42.31 8.71
CA GLY B 838 -21.48 -42.19 10.15
C GLY B 838 -22.79 -42.04 10.88
N LYS B 839 -22.81 -42.54 12.13
CA LYS B 839 -23.92 -42.64 13.09
C LYS B 839 -24.92 -43.73 12.68
N PHE B 840 -24.74 -44.31 11.51
CA PHE B 840 -25.58 -45.40 11.04
C PHE B 840 -24.78 -46.66 10.75
N VAL B 841 -23.45 -46.61 10.84
CA VAL B 841 -22.63 -47.80 10.68
C VAL B 841 -22.50 -48.53 12.01
N SER B 842 -22.68 -47.85 13.13
CA SER B 842 -22.84 -48.48 14.43
C SER B 842 -24.30 -48.81 14.73
N ALA B 843 -25.19 -48.62 13.76
CA ALA B 843 -26.60 -48.96 13.88
C ALA B 843 -26.94 -50.30 13.26
N VAL B 844 -26.06 -50.85 12.43
CA VAL B 844 -26.29 -52.15 11.84
C VAL B 844 -25.69 -53.26 12.70
N GLU B 845 -24.59 -52.96 13.40
CA GLU B 845 -23.93 -53.92 14.28
C GLU B 845 -24.70 -54.21 15.54
N VAL B 846 -25.71 -53.42 15.88
CA VAL B 846 -26.57 -53.72 17.01
C VAL B 846 -27.72 -54.65 16.60
N ILE B 847 -28.33 -54.38 15.44
CA ILE B 847 -29.39 -55.25 14.95
C ILE B 847 -28.86 -56.59 14.46
N ALA B 848 -27.62 -56.65 13.98
CA ALA B 848 -27.04 -57.93 13.59
C ALA B 848 -26.74 -58.82 14.80
N ILE B 849 -26.53 -58.24 15.97
CA ILE B 849 -26.39 -59.02 17.19
C ILE B 849 -27.75 -59.37 17.78
N LEU B 850 -28.68 -58.41 17.79
CA LEU B 850 -30.02 -58.62 18.32
C LEU B 850 -30.96 -59.33 17.34
N ALA B 851 -30.46 -59.84 16.22
CA ALA B 851 -31.21 -60.80 15.43
C ALA B 851 -30.73 -62.23 15.65
N ALA B 852 -29.40 -62.44 15.65
CA ALA B 852 -28.86 -63.76 15.94
C ALA B 852 -29.12 -64.17 17.38
N SER B 853 -29.20 -63.20 18.30
CA SER B 853 -29.40 -63.54 19.71
C SER B 853 -30.82 -64.04 19.97
N PHE B 854 -31.83 -63.50 19.27
CA PHE B 854 -33.16 -64.11 19.34
C PHE B 854 -33.30 -65.35 18.47
N GLY B 855 -32.54 -65.46 17.38
CA GLY B 855 -32.60 -66.66 16.57
C GLY B 855 -31.95 -67.86 17.21
N LEU B 856 -31.02 -67.66 18.14
CA LEU B 856 -30.45 -68.73 18.92
C LEU B 856 -31.20 -68.96 20.23
N LEU B 857 -32.16 -68.11 20.58
CA LEU B 857 -32.94 -68.25 21.80
C LEU B 857 -34.32 -68.84 21.56
N ALA B 858 -34.92 -68.57 20.39
CA ALA B 858 -36.27 -69.02 20.14
C ALA B 858 -36.32 -70.51 19.82
N CYS B 859 -35.53 -70.95 18.84
CA CYS B 859 -35.64 -72.29 18.28
C CYS B 859 -35.29 -73.37 19.29
N ILE B 860 -34.28 -73.13 20.12
CA ILE B 860 -33.84 -74.15 21.08
C ILE B 860 -34.86 -74.29 22.21
N PHE B 861 -35.42 -73.18 22.68
CA PHE B 861 -36.08 -73.18 23.99
C PHE B 861 -37.59 -73.04 23.97
N PHE B 862 -38.20 -72.35 23.00
CA PHE B 862 -39.62 -71.99 23.15
C PHE B 862 -40.56 -73.18 23.00
N ASN B 863 -40.17 -74.19 22.20
CA ASN B 863 -41.02 -75.37 22.05
C ASN B 863 -41.06 -76.15 23.37
N LYS B 864 -39.90 -76.32 24.00
CA LYS B 864 -39.84 -77.00 25.30
C LYS B 864 -40.53 -76.17 26.38
N ILE B 865 -40.41 -74.84 26.33
CA ILE B 865 -41.11 -73.98 27.30
C ILE B 865 -42.63 -74.10 27.14
N TYR B 866 -43.09 -74.21 25.89
CA TYR B 866 -44.52 -74.40 25.62
C TYR B 866 -45.01 -75.73 26.19
N ILE B 867 -44.24 -76.80 26.02
CA ILE B 867 -44.69 -78.10 26.52
C ILE B 867 -44.64 -78.16 28.06
N ILE B 868 -43.58 -77.59 28.66
CA ILE B 868 -43.48 -77.61 30.13
C ILE B 868 -44.57 -76.75 30.77
N LEU B 869 -44.79 -75.55 30.25
CA LEU B 869 -45.60 -74.58 30.97
C LEU B 869 -47.09 -74.69 30.65
N PHE B 870 -47.46 -74.63 29.37
CA PHE B 870 -48.87 -74.56 28.97
C PHE B 870 -49.51 -75.95 28.93
N LYS B 871 -50.72 -76.00 28.38
CA LYS B 871 -51.66 -77.12 28.38
C LYS B 871 -51.14 -78.49 27.91
N PRO B 872 -50.12 -78.62 27.05
CA PRO B 872 -49.50 -79.94 26.88
C PRO B 872 -48.70 -80.46 28.08
N SER B 873 -48.68 -79.78 29.23
CA SER B 873 -48.03 -80.32 30.42
C SER B 873 -48.80 -81.47 31.06
N ARG B 874 -50.03 -81.75 30.61
CA ARG B 874 -50.81 -82.81 31.24
C ARG B 874 -50.28 -84.19 30.88
N ASN B 875 -49.89 -84.41 29.62
CA ASN B 875 -49.50 -85.74 29.18
C ASN B 875 -48.21 -85.81 28.38
N THR B 876 -47.77 -84.72 27.74
CA THR B 876 -46.60 -84.81 26.87
C THR B 876 -45.29 -84.87 27.66
N ILE B 877 -45.25 -84.30 28.85
CA ILE B 877 -44.05 -84.35 29.69
C ILE B 877 -44.10 -85.63 30.53
N GLU B 878 -43.38 -86.64 30.05
CA GLU B 878 -43.22 -87.91 30.74
C GLU B 878 -42.00 -88.61 30.17
N GLU B 879 -41.50 -89.59 30.91
CA GLU B 879 -40.36 -90.38 30.44
C GLU B 879 -40.75 -91.37 29.35
N VAL B 880 -42.03 -91.71 29.23
CA VAL B 880 -42.50 -92.51 28.11
C VAL B 880 -42.38 -91.72 26.82
N ARG B 881 -42.73 -90.45 26.85
CA ARG B 881 -42.50 -89.56 25.71
C ARG B 881 -41.05 -89.05 25.78
N CYS B 882 -40.69 -88.15 24.84
CA CYS B 882 -39.34 -87.65 24.57
C CYS B 882 -38.29 -88.77 24.46
N SER B 883 -38.72 -89.93 23.94
CA SER B 883 -37.82 -91.02 23.61
C SER B 883 -37.86 -91.38 22.13
N THR B 884 -38.94 -91.06 21.44
CA THR B 884 -39.03 -91.29 20.00
C THR B 884 -39.30 -89.97 19.28
#